data_3C5T
# 
_entry.id   3C5T 
# 
_audit_conform.dict_name       mmcif_pdbx.dic 
_audit_conform.dict_version    5.398 
_audit_conform.dict_location   http://mmcif.pdb.org/dictionaries/ascii/mmcif_pdbx.dic 
# 
loop_
_database_2.database_id 
_database_2.database_code 
_database_2.pdbx_database_accession 
_database_2.pdbx_DOI 
PDB   3C5T         pdb_00003c5t 10.2210/pdb3c5t/pdb 
RCSB  RCSB046377   ?            ?                   
WWPDB D_1000046377 ?            ?                   
# 
loop_
_pdbx_audit_revision_history.ordinal 
_pdbx_audit_revision_history.data_content_type 
_pdbx_audit_revision_history.major_revision 
_pdbx_audit_revision_history.minor_revision 
_pdbx_audit_revision_history.revision_date 
1 'Structure model' 1 0 2008-02-19 
2 'Structure model' 1 1 2011-07-13 
3 'Structure model' 1 2 2018-05-23 
4 'Structure model' 1 3 2023-11-01 
5 'Structure model' 1 4 2024-10-30 
# 
_pdbx_audit_revision_details.ordinal             1 
_pdbx_audit_revision_details.revision_ordinal    1 
_pdbx_audit_revision_details.data_content_type   'Structure model' 
_pdbx_audit_revision_details.provider            repository 
_pdbx_audit_revision_details.type                'Initial release' 
_pdbx_audit_revision_details.description         ? 
_pdbx_audit_revision_details.details             ? 
# 
loop_
_pdbx_audit_revision_group.ordinal 
_pdbx_audit_revision_group.revision_ordinal 
_pdbx_audit_revision_group.data_content_type 
_pdbx_audit_revision_group.group 
1 2 'Structure model' Advisory                    
2 2 'Structure model' 'Version format compliance' 
3 3 'Structure model' 'Data collection'           
4 4 'Structure model' 'Data collection'           
5 4 'Structure model' 'Database references'       
6 4 'Structure model' 'Derived calculations'      
7 4 'Structure model' 'Refinement description'    
8 5 'Structure model' 'Structure summary'         
# 
loop_
_pdbx_audit_revision_category.ordinal 
_pdbx_audit_revision_category.revision_ordinal 
_pdbx_audit_revision_category.data_content_type 
_pdbx_audit_revision_category.category 
1 3 'Structure model' diffrn_source                 
2 4 'Structure model' chem_comp_atom                
3 4 'Structure model' chem_comp_bond                
4 4 'Structure model' database_2                    
5 4 'Structure model' pdbx_initial_refinement_model 
6 4 'Structure model' struct_site                   
7 5 'Structure model' pdbx_entry_details            
8 5 'Structure model' pdbx_modification_feature     
# 
loop_
_pdbx_audit_revision_item.ordinal 
_pdbx_audit_revision_item.revision_ordinal 
_pdbx_audit_revision_item.data_content_type 
_pdbx_audit_revision_item.item 
1 3 'Structure model' '_diffrn_source.pdbx_synchrotron_site' 
2 4 'Structure model' '_database_2.pdbx_DOI'                 
3 4 'Structure model' '_database_2.pdbx_database_accession'  
4 4 'Structure model' '_struct_site.pdbx_auth_asym_id'       
5 4 'Structure model' '_struct_site.pdbx_auth_comp_id'       
6 4 'Structure model' '_struct_site.pdbx_auth_seq_id'        
# 
_pdbx_database_status.status_code                     REL 
_pdbx_database_status.entry_id                        3C5T 
_pdbx_database_status.recvd_initial_deposition_date   2008-02-01 
_pdbx_database_status.deposit_site                    RCSB 
_pdbx_database_status.process_site                    PDBJ 
_pdbx_database_status.status_code_sf                  REL 
_pdbx_database_status.status_code_mr                  ? 
_pdbx_database_status.SG_entry                        ? 
_pdbx_database_status.pdb_format_compatible           Y 
_pdbx_database_status.status_code_cs                  ? 
_pdbx_database_status.methods_development_category    ? 
_pdbx_database_status.status_code_nmr_data            ? 
# 
_pdbx_database_related.db_name        PDB 
_pdbx_database_related.db_id          3C59 
_pdbx_database_related.details        'The same protein in complex with the native ligand Exendin-4(9-39)' 
_pdbx_database_related.content_type   unspecified 
# 
_audit_author.name           'Runge, S.' 
_audit_author.pdbx_ordinal   1 
# 
_citation.id                        primary 
_citation.title                     'Crystal Structure of the Ligand-bound Glucagon-like Peptide-1 Receptor Extracellular Domain' 
_citation.journal_abbrev            J.Biol.Chem. 
_citation.journal_volume            283 
_citation.page_first                11340 
_citation.page_last                 11347 
_citation.year                      2008 
_citation.journal_id_ASTM           JBCHA3 
_citation.country                   US 
_citation.journal_id_ISSN           0021-9258 
_citation.journal_id_CSD            0071 
_citation.book_publisher            ? 
_citation.pdbx_database_id_PubMed   18287102 
_citation.pdbx_database_id_DOI      10.1074/jbc.M708740200 
# 
loop_
_citation_author.citation_id 
_citation_author.name 
_citation_author.ordinal 
_citation_author.identifier_ORCID 
primary 'Runge, S.'     1 ? 
primary 'Thogersen, H.' 2 ? 
primary 'Madsen, K.'    3 ? 
primary 'Lau, J.'       4 ? 
primary 'Rudolph, R.'   5 ? 
# 
loop_
_entity.id 
_entity.type 
_entity.src_method 
_entity.pdbx_description 
_entity.formula_weight 
_entity.pdbx_number_of_molecules 
_entity.pdbx_ec 
_entity.pdbx_mutation 
_entity.pdbx_fragment 
_entity.details 
1 polymer     man 'Glucagon-like peptide 1 receptor'                               14325.841 1   ? ? 
'N-terminal extracellular domain, UNP residues 24-145' ? 
2 polymer     syn Exendin-4                                                        3373.765  1   ? ? 'UNP residues 56-86' ? 
3 non-polymer man 'decyl 4-O-alpha-D-glucopyranosyl-1-thio-beta-D-glucopyranoside' 498.628   1   ? ? ? ? 
4 water       nat water                                                            18.015    126 ? ? ? ? 
# 
loop_
_entity_name_com.entity_id 
_entity_name_com.name 
1 'GLP-1 receptor, GLP-1-R, GLP-1R' 
2 Exenatide                         
# 
loop_
_entity_poly.entity_id 
_entity_poly.type 
_entity_poly.nstd_linkage 
_entity_poly.nstd_monomer 
_entity_poly.pdbx_seq_one_letter_code 
_entity_poly.pdbx_seq_one_letter_code_can 
_entity_poly.pdbx_strand_id 
_entity_poly.pdbx_target_identifier 
1 'polypeptide(L)' no no 
;RPQGATVSLWETVQKWREYRRQCQRSLTEDPPPATDLFCNRTFDEYACWPDGEPGSFVNVSCPWYLPWASSVPQGHVYRF
CTAEGLWLQKDNSSLPWRDLSECEESKRGERSSPEEQLLFLY
;
;RPQGATVSLWETVQKWREYRRQCQRSLTEDPPPATDLFCNRTFDEYACWPDGEPGSFVNVSCPWYLPWASSVPQGHVYRF
CTAEGLWLQKDNSSLPWRDLSECEESKRGERSSPEEQLLFLY
;
A ? 
2 'polypeptide(L)' no no DLSKQMEEEAVRLFIEWLKNGGPSSGAPPPS DLSKQMEEEAVRLFIEWLKNGGPSSGAPPPS B ? 
# 
loop_
_pdbx_entity_nonpoly.entity_id 
_pdbx_entity_nonpoly.name 
_pdbx_entity_nonpoly.comp_id 
3 'decyl 4-O-alpha-D-glucopyranosyl-1-thio-beta-D-glucopyranoside' 10M 
4 water                                                            HOH 
# 
loop_
_entity_poly_seq.entity_id 
_entity_poly_seq.num 
_entity_poly_seq.mon_id 
_entity_poly_seq.hetero 
1 1   ARG n 
1 2   PRO n 
1 3   GLN n 
1 4   GLY n 
1 5   ALA n 
1 6   THR n 
1 7   VAL n 
1 8   SER n 
1 9   LEU n 
1 10  TRP n 
1 11  GLU n 
1 12  THR n 
1 13  VAL n 
1 14  GLN n 
1 15  LYS n 
1 16  TRP n 
1 17  ARG n 
1 18  GLU n 
1 19  TYR n 
1 20  ARG n 
1 21  ARG n 
1 22  GLN n 
1 23  CYS n 
1 24  GLN n 
1 25  ARG n 
1 26  SER n 
1 27  LEU n 
1 28  THR n 
1 29  GLU n 
1 30  ASP n 
1 31  PRO n 
1 32  PRO n 
1 33  PRO n 
1 34  ALA n 
1 35  THR n 
1 36  ASP n 
1 37  LEU n 
1 38  PHE n 
1 39  CYS n 
1 40  ASN n 
1 41  ARG n 
1 42  THR n 
1 43  PHE n 
1 44  ASP n 
1 45  GLU n 
1 46  TYR n 
1 47  ALA n 
1 48  CYS n 
1 49  TRP n 
1 50  PRO n 
1 51  ASP n 
1 52  GLY n 
1 53  GLU n 
1 54  PRO n 
1 55  GLY n 
1 56  SER n 
1 57  PHE n 
1 58  VAL n 
1 59  ASN n 
1 60  VAL n 
1 61  SER n 
1 62  CYS n 
1 63  PRO n 
1 64  TRP n 
1 65  TYR n 
1 66  LEU n 
1 67  PRO n 
1 68  TRP n 
1 69  ALA n 
1 70  SER n 
1 71  SER n 
1 72  VAL n 
1 73  PRO n 
1 74  GLN n 
1 75  GLY n 
1 76  HIS n 
1 77  VAL n 
1 78  TYR n 
1 79  ARG n 
1 80  PHE n 
1 81  CYS n 
1 82  THR n 
1 83  ALA n 
1 84  GLU n 
1 85  GLY n 
1 86  LEU n 
1 87  TRP n 
1 88  LEU n 
1 89  GLN n 
1 90  LYS n 
1 91  ASP n 
1 92  ASN n 
1 93  SER n 
1 94  SER n 
1 95  LEU n 
1 96  PRO n 
1 97  TRP n 
1 98  ARG n 
1 99  ASP n 
1 100 LEU n 
1 101 SER n 
1 102 GLU n 
1 103 CYS n 
1 104 GLU n 
1 105 GLU n 
1 106 SER n 
1 107 LYS n 
1 108 ARG n 
1 109 GLY n 
1 110 GLU n 
1 111 ARG n 
1 112 SER n 
1 113 SER n 
1 114 PRO n 
1 115 GLU n 
1 116 GLU n 
1 117 GLN n 
1 118 LEU n 
1 119 LEU n 
1 120 PHE n 
1 121 LEU n 
1 122 TYR n 
2 1   ASP n 
2 2   LEU n 
2 3   SER n 
2 4   LYS n 
2 5   GLN n 
2 6   MET n 
2 7   GLU n 
2 8   GLU n 
2 9   GLU n 
2 10  ALA n 
2 11  VAL n 
2 12  ARG n 
2 13  LEU n 
2 14  PHE n 
2 15  ILE n 
2 16  GLU n 
2 17  TRP n 
2 18  LEU n 
2 19  LYS n 
2 20  ASN n 
2 21  GLY n 
2 22  GLY n 
2 23  PRO n 
2 24  SER n 
2 25  SER n 
2 26  GLY n 
2 27  ALA n 
2 28  PRO n 
2 29  PRO n 
2 30  PRO n 
2 31  SER n 
# 
_entity_src_gen.entity_id                          1 
_entity_src_gen.pdbx_src_id                        1 
_entity_src_gen.pdbx_alt_source_flag               sample 
_entity_src_gen.pdbx_seq_type                      ? 
_entity_src_gen.pdbx_beg_seq_num                   ? 
_entity_src_gen.pdbx_end_seq_num                   ? 
_entity_src_gen.gene_src_common_name               human 
_entity_src_gen.gene_src_genus                     Homo 
_entity_src_gen.pdbx_gene_src_gene                 'Glucagon-like peptide-1 receptor(GLP1R)' 
_entity_src_gen.gene_src_species                   ? 
_entity_src_gen.gene_src_strain                    ? 
_entity_src_gen.gene_src_tissue                    ? 
_entity_src_gen.gene_src_tissue_fraction           ? 
_entity_src_gen.gene_src_details                   ? 
_entity_src_gen.pdbx_gene_src_fragment             ? 
_entity_src_gen.pdbx_gene_src_scientific_name      'Homo sapiens' 
_entity_src_gen.pdbx_gene_src_ncbi_taxonomy_id     9606 
_entity_src_gen.pdbx_gene_src_variant              ? 
_entity_src_gen.pdbx_gene_src_cell_line            ? 
_entity_src_gen.pdbx_gene_src_atcc                 ? 
_entity_src_gen.pdbx_gene_src_organ                ? 
_entity_src_gen.pdbx_gene_src_organelle            ? 
_entity_src_gen.pdbx_gene_src_cell                 ? 
_entity_src_gen.pdbx_gene_src_cellular_location    ? 
_entity_src_gen.host_org_common_name               ? 
_entity_src_gen.pdbx_host_org_scientific_name      'Escherichia coli BL21(DE3)' 
_entity_src_gen.pdbx_host_org_ncbi_taxonomy_id     469008 
_entity_src_gen.host_org_genus                     Escherichia 
_entity_src_gen.pdbx_host_org_gene                 ? 
_entity_src_gen.pdbx_host_org_organ                ? 
_entity_src_gen.host_org_species                   'Escherichia coli' 
_entity_src_gen.pdbx_host_org_tissue               ? 
_entity_src_gen.pdbx_host_org_tissue_fraction      ? 
_entity_src_gen.pdbx_host_org_strain               'BL21(DE3)' 
_entity_src_gen.pdbx_host_org_variant              ? 
_entity_src_gen.pdbx_host_org_cell_line            ? 
_entity_src_gen.pdbx_host_org_atcc                 ? 
_entity_src_gen.pdbx_host_org_culture_collection   ? 
_entity_src_gen.pdbx_host_org_cell                 ? 
_entity_src_gen.pdbx_host_org_organelle            ? 
_entity_src_gen.pdbx_host_org_cellular_location    ? 
_entity_src_gen.pdbx_host_org_vector_type          Plasmid 
_entity_src_gen.pdbx_host_org_vector               ? 
_entity_src_gen.host_org_details                   ? 
_entity_src_gen.expression_system_id               ? 
_entity_src_gen.plasmid_name                       pET15b 
_entity_src_gen.plasmid_details                    ? 
_entity_src_gen.pdbx_description                   ? 
# 
_pdbx_entity_src_syn.entity_id              2 
_pdbx_entity_src_syn.pdbx_src_id            1 
_pdbx_entity_src_syn.pdbx_alt_source_flag   sample 
_pdbx_entity_src_syn.pdbx_beg_seq_num       ? 
_pdbx_entity_src_syn.pdbx_end_seq_num       ? 
_pdbx_entity_src_syn.organism_scientific    ? 
_pdbx_entity_src_syn.organism_common_name   ? 
_pdbx_entity_src_syn.ncbi_taxonomy_id       ? 
_pdbx_entity_src_syn.details                
'Exendin-4(9-39) was generated by chemical synthesis; this sequence occurs naturally in Heloderma suspectum.' 
# 
loop_
_chem_comp.id 
_chem_comp.type 
_chem_comp.mon_nstd_flag 
_chem_comp.name 
_chem_comp.pdbx_synonyms 
_chem_comp.formula 
_chem_comp.formula_weight 
10M D-saccharide        . 'decyl 4-O-alpha-D-glucopyranosyl-1-thio-beta-D-glucopyranoside' 
;(2R,3R,4S,5S,6R)-2-((2R,3S,4R,5R,6S)-6-Decylsulfanyl-4,5-dihydroxy-2-hydroxymethyl-tetrahydro-pyran-3-yloxy)-6-hydroxymethyl-tetrahydro-pyran-3,4,5-triol, n-Decyl-beta-D-thiomaltoside
;
'C22 H42 O10 S'  498.628 
ALA 'L-peptide linking' y ALANINE                                                          ? 'C3 H7 N O2'     89.093  
ARG 'L-peptide linking' y ARGININE                                                         ? 'C6 H15 N4 O2 1' 175.209 
ASN 'L-peptide linking' y ASPARAGINE                                                       ? 'C4 H8 N2 O3'    132.118 
ASP 'L-peptide linking' y 'ASPARTIC ACID'                                                  ? 'C4 H7 N O4'     133.103 
CYS 'L-peptide linking' y CYSTEINE                                                         ? 'C3 H7 N O2 S'   121.158 
GLN 'L-peptide linking' y GLUTAMINE                                                        ? 'C5 H10 N2 O3'   146.144 
GLU 'L-peptide linking' y 'GLUTAMIC ACID'                                                  ? 'C5 H9 N O4'     147.129 
GLY 'peptide linking'   y GLYCINE                                                          ? 'C2 H5 N O2'     75.067  
HIS 'L-peptide linking' y HISTIDINE                                                        ? 'C6 H10 N3 O2 1' 156.162 
HOH non-polymer         . WATER                                                            ? 'H2 O'           18.015  
ILE 'L-peptide linking' y ISOLEUCINE                                                       ? 'C6 H13 N O2'    131.173 
LEU 'L-peptide linking' y LEUCINE                                                          ? 'C6 H13 N O2'    131.173 
LYS 'L-peptide linking' y LYSINE                                                           ? 'C6 H15 N2 O2 1' 147.195 
MET 'L-peptide linking' y METHIONINE                                                       ? 'C5 H11 N O2 S'  149.211 
PHE 'L-peptide linking' y PHENYLALANINE                                                    ? 'C9 H11 N O2'    165.189 
PRO 'L-peptide linking' y PROLINE                                                          ? 'C5 H9 N O2'     115.130 
SER 'L-peptide linking' y SERINE                                                           ? 'C3 H7 N O3'     105.093 
THR 'L-peptide linking' y THREONINE                                                        ? 'C4 H9 N O3'     119.119 
TRP 'L-peptide linking' y TRYPTOPHAN                                                       ? 'C11 H12 N2 O2'  204.225 
TYR 'L-peptide linking' y TYROSINE                                                         ? 'C9 H11 N O3'    181.189 
VAL 'L-peptide linking' y VALINE                                                           ? 'C5 H11 N O2'    117.146 
# 
loop_
_pdbx_poly_seq_scheme.asym_id 
_pdbx_poly_seq_scheme.entity_id 
_pdbx_poly_seq_scheme.seq_id 
_pdbx_poly_seq_scheme.mon_id 
_pdbx_poly_seq_scheme.ndb_seq_num 
_pdbx_poly_seq_scheme.pdb_seq_num 
_pdbx_poly_seq_scheme.auth_seq_num 
_pdbx_poly_seq_scheme.pdb_mon_id 
_pdbx_poly_seq_scheme.auth_mon_id 
_pdbx_poly_seq_scheme.pdb_strand_id 
_pdbx_poly_seq_scheme.pdb_ins_code 
_pdbx_poly_seq_scheme.hetero 
A 1 1   ARG 1   24  ?   ?   ?   A . n 
A 1 2   PRO 2   25  ?   ?   ?   A . n 
A 1 3   GLN 3   26  ?   ?   ?   A . n 
A 1 4   GLY 4   27  ?   ?   ?   A . n 
A 1 5   ALA 5   28  28  ALA ALA A . n 
A 1 6   THR 6   29  29  THR THR A . n 
A 1 7   VAL 7   30  30  VAL VAL A . n 
A 1 8   SER 8   31  31  SER SER A . n 
A 1 9   LEU 9   32  32  LEU LEU A . n 
A 1 10  TRP 10  33  33  TRP TRP A . n 
A 1 11  GLU 11  34  34  GLU GLU A . n 
A 1 12  THR 12  35  35  THR THR A . n 
A 1 13  VAL 13  36  36  VAL VAL A . n 
A 1 14  GLN 14  37  37  GLN GLN A . n 
A 1 15  LYS 15  38  38  LYS LYS A . n 
A 1 16  TRP 16  39  39  TRP TRP A . n 
A 1 17  ARG 17  40  40  ARG ARG A . n 
A 1 18  GLU 18  41  41  GLU GLU A . n 
A 1 19  TYR 19  42  42  TYR TYR A . n 
A 1 20  ARG 20  43  43  ARG ARG A . n 
A 1 21  ARG 21  44  44  ARG ARG A . n 
A 1 22  GLN 22  45  45  GLN GLN A . n 
A 1 23  CYS 23  46  46  CYS CYS A . n 
A 1 24  GLN 24  47  47  GLN GLN A . n 
A 1 25  ARG 25  48  48  ARG ARG A . n 
A 1 26  SER 26  49  49  SER SER A . n 
A 1 27  LEU 27  50  50  LEU LEU A . n 
A 1 28  THR 28  51  51  THR THR A . n 
A 1 29  GLU 29  52  52  GLU GLU A . n 
A 1 30  ASP 30  53  53  ASP ASP A . n 
A 1 31  PRO 31  54  54  PRO PRO A . n 
A 1 32  PRO 32  55  55  PRO PRO A . n 
A 1 33  PRO 33  56  56  PRO PRO A . n 
A 1 34  ALA 34  57  57  ALA ALA A . n 
A 1 35  THR 35  58  58  THR THR A . n 
A 1 36  ASP 36  59  59  ASP ASP A . n 
A 1 37  LEU 37  60  60  LEU LEU A . n 
A 1 38  PHE 38  61  61  PHE PHE A . n 
A 1 39  CYS 39  62  62  CYS CYS A . n 
A 1 40  ASN 40  63  63  ASN ASN A . n 
A 1 41  ARG 41  64  64  ARG ARG A . n 
A 1 42  THR 42  65  65  THR THR A . n 
A 1 43  PHE 43  66  66  PHE PHE A . n 
A 1 44  ASP 44  67  67  ASP ASP A . n 
A 1 45  GLU 45  68  68  GLU GLU A . n 
A 1 46  TYR 46  69  69  TYR TYR A . n 
A 1 47  ALA 47  70  70  ALA ALA A . n 
A 1 48  CYS 48  71  71  CYS CYS A . n 
A 1 49  TRP 49  72  72  TRP TRP A . n 
A 1 50  PRO 50  73  73  PRO PRO A . n 
A 1 51  ASP 51  74  74  ASP ASP A . n 
A 1 52  GLY 52  75  75  GLY GLY A . n 
A 1 53  GLU 53  76  76  GLU GLU A . n 
A 1 54  PRO 54  77  77  PRO PRO A . n 
A 1 55  GLY 55  78  78  GLY GLY A . n 
A 1 56  SER 56  79  79  SER SER A . n 
A 1 57  PHE 57  80  80  PHE PHE A . n 
A 1 58  VAL 58  81  81  VAL VAL A . n 
A 1 59  ASN 59  82  82  ASN ASN A . n 
A 1 60  VAL 60  83  83  VAL VAL A . n 
A 1 61  SER 61  84  84  SER SER A . n 
A 1 62  CYS 62  85  85  CYS CYS A . n 
A 1 63  PRO 63  86  86  PRO PRO A . n 
A 1 64  TRP 64  87  87  TRP TRP A . n 
A 1 65  TYR 65  88  88  TYR TYR A . n 
A 1 66  LEU 66  89  89  LEU LEU A . n 
A 1 67  PRO 67  90  90  PRO PRO A . n 
A 1 68  TRP 68  91  91  TRP TRP A . n 
A 1 69  ALA 69  92  92  ALA ALA A . n 
A 1 70  SER 70  93  93  SER SER A . n 
A 1 71  SER 71  94  94  SER SER A . n 
A 1 72  VAL 72  95  95  VAL VAL A . n 
A 1 73  PRO 73  96  96  PRO PRO A . n 
A 1 74  GLN 74  97  97  GLN GLN A . n 
A 1 75  GLY 75  98  98  GLY GLY A . n 
A 1 76  HIS 76  99  99  HIS HIS A . n 
A 1 77  VAL 77  100 100 VAL VAL A . n 
A 1 78  TYR 78  101 101 TYR TYR A . n 
A 1 79  ARG 79  102 102 ARG ARG A . n 
A 1 80  PHE 80  103 103 PHE PHE A . n 
A 1 81  CYS 81  104 104 CYS CYS A . n 
A 1 82  THR 82  105 105 THR THR A . n 
A 1 83  ALA 83  106 106 ALA ALA A . n 
A 1 84  GLU 84  107 107 GLU GLU A . n 
A 1 85  GLY 85  108 108 GLY GLY A . n 
A 1 86  LEU 86  109 109 LEU LEU A . n 
A 1 87  TRP 87  110 110 TRP TRP A . n 
A 1 88  LEU 88  111 111 LEU LEU A . n 
A 1 89  GLN 89  112 112 GLN GLN A . n 
A 1 90  LYS 90  113 113 LYS LYS A . n 
A 1 91  ASP 91  114 114 ASP ASP A . n 
A 1 92  ASN 92  115 115 ASN ASN A . n 
A 1 93  SER 93  116 116 SER SER A . n 
A 1 94  SER 94  117 117 SER SER A . n 
A 1 95  LEU 95  118 118 LEU LEU A . n 
A 1 96  PRO 96  119 119 PRO PRO A . n 
A 1 97  TRP 97  120 120 TRP TRP A . n 
A 1 98  ARG 98  121 121 ARG ARG A . n 
A 1 99  ASP 99  122 122 ASP ASP A . n 
A 1 100 LEU 100 123 123 LEU LEU A . n 
A 1 101 SER 101 124 124 SER SER A . n 
A 1 102 GLU 102 125 125 GLU GLU A . n 
A 1 103 CYS 103 126 126 CYS CYS A . n 
A 1 104 GLU 104 127 127 GLU GLU A . n 
A 1 105 GLU 105 128 128 GLU GLU A . n 
A 1 106 SER 106 129 129 SER SER A . n 
A 1 107 LYS 107 130 130 LYS LYS A . n 
A 1 108 ARG 108 131 131 ARG ALA A . n 
A 1 109 GLY 109 132 ?   ?   ?   A . n 
A 1 110 GLU 110 133 ?   ?   ?   A . n 
A 1 111 ARG 111 134 ?   ?   ?   A . n 
A 1 112 SER 112 135 ?   ?   ?   A . n 
A 1 113 SER 113 136 ?   ?   ?   A . n 
A 1 114 PRO 114 137 ?   ?   ?   A . n 
A 1 115 GLU 115 138 ?   ?   ?   A . n 
A 1 116 GLU 116 139 ?   ?   ?   A . n 
A 1 117 GLN 117 140 ?   ?   ?   A . n 
A 1 118 LEU 118 141 ?   ?   ?   A . n 
A 1 119 LEU 119 142 ?   ?   ?   A . n 
A 1 120 PHE 120 143 ?   ?   ?   A . n 
A 1 121 LEU 121 144 ?   ?   ?   A . n 
A 1 122 TYR 122 145 ?   ?   ?   A . n 
B 2 1   ASP 1   9   9   ASP ASP B . n 
B 2 2   LEU 2   10  10  LEU LEU B . n 
B 2 3   SER 3   11  11  SER SER B . n 
B 2 4   LYS 4   12  12  LYS LYS B . n 
B 2 5   GLN 5   13  13  GLN GLN B . n 
B 2 6   MET 6   14  14  MET MET B . n 
B 2 7   GLU 7   15  15  GLU GLU B . n 
B 2 8   GLU 8   16  16  GLU GLU B . n 
B 2 9   GLU 9   17  17  GLU GLU B . n 
B 2 10  ALA 10  18  18  ALA ALA B . n 
B 2 11  VAL 11  19  19  VAL VAL B . n 
B 2 12  ARG 12  20  20  ARG ARG B . n 
B 2 13  LEU 13  21  21  LEU LEU B . n 
B 2 14  PHE 14  22  22  PHE PHE B . n 
B 2 15  ILE 15  23  23  ILE ILE B . n 
B 2 16  GLU 16  24  24  GLU GLU B . n 
B 2 17  TRP 17  25  25  TRP TRP B . n 
B 2 18  LEU 18  26  26  LEU LEU B . n 
B 2 19  LYS 19  27  27  LYS LYS B . n 
B 2 20  ASN 20  28  28  ASN ASN B . n 
B 2 21  GLY 21  29  29  GLY GLY B . n 
B 2 22  GLY 22  30  30  GLY GLY B . n 
B 2 23  PRO 23  31  31  PRO PRO B . n 
B 2 24  SER 24  32  32  SER SER B . n 
B 2 25  SER 25  33  33  SER SER B . n 
B 2 26  GLY 26  34  ?   ?   ?   B . n 
B 2 27  ALA 27  35  ?   ?   ?   B . n 
B 2 28  PRO 28  36  ?   ?   ?   B . n 
B 2 29  PRO 29  37  ?   ?   ?   B . n 
B 2 30  PRO 30  38  ?   ?   ?   B . n 
B 2 31  SER 31  39  ?   ?   ?   B . n 
# 
loop_
_pdbx_nonpoly_scheme.asym_id 
_pdbx_nonpoly_scheme.entity_id 
_pdbx_nonpoly_scheme.mon_id 
_pdbx_nonpoly_scheme.ndb_seq_num 
_pdbx_nonpoly_scheme.pdb_seq_num 
_pdbx_nonpoly_scheme.auth_seq_num 
_pdbx_nonpoly_scheme.pdb_mon_id 
_pdbx_nonpoly_scheme.auth_mon_id 
_pdbx_nonpoly_scheme.pdb_strand_id 
_pdbx_nonpoly_scheme.pdb_ins_code 
C 3 10M 1   1   1   10M 10M A . 
D 4 HOH 1   146 1   HOH HOH A . 
D 4 HOH 2   147 2   HOH HOH A . 
D 4 HOH 3   148 3   HOH HOH A . 
D 4 HOH 4   149 4   HOH HOH A . 
D 4 HOH 5   150 5   HOH HOH A . 
D 4 HOH 6   151 6   HOH HOH A . 
D 4 HOH 7   152 7   HOH HOH A . 
D 4 HOH 8   153 8   HOH HOH A . 
D 4 HOH 9   154 9   HOH HOH A . 
D 4 HOH 10  155 10  HOH HOH A . 
D 4 HOH 11  156 11  HOH HOH A . 
D 4 HOH 12  157 12  HOH HOH A . 
D 4 HOH 13  158 13  HOH HOH A . 
D 4 HOH 14  159 14  HOH HOH A . 
D 4 HOH 15  160 15  HOH HOH A . 
D 4 HOH 16  161 16  HOH HOH A . 
D 4 HOH 17  162 17  HOH HOH A . 
D 4 HOH 18  163 19  HOH HOH A . 
D 4 HOH 19  164 20  HOH HOH A . 
D 4 HOH 20  165 21  HOH HOH A . 
D 4 HOH 21  166 23  HOH HOH A . 
D 4 HOH 22  167 24  HOH HOH A . 
D 4 HOH 23  168 25  HOH HOH A . 
D 4 HOH 24  169 26  HOH HOH A . 
D 4 HOH 25  170 28  HOH HOH A . 
D 4 HOH 26  171 29  HOH HOH A . 
D 4 HOH 27  172 30  HOH HOH A . 
D 4 HOH 28  173 31  HOH HOH A . 
D 4 HOH 29  174 32  HOH HOH A . 
D 4 HOH 30  175 33  HOH HOH A . 
D 4 HOH 31  176 34  HOH HOH A . 
D 4 HOH 32  177 35  HOH HOH A . 
D 4 HOH 33  178 36  HOH HOH A . 
D 4 HOH 34  179 37  HOH HOH A . 
D 4 HOH 35  180 38  HOH HOH A . 
D 4 HOH 36  181 39  HOH HOH A . 
D 4 HOH 37  182 40  HOH HOH A . 
D 4 HOH 38  183 41  HOH HOH A . 
D 4 HOH 39  184 42  HOH HOH A . 
D 4 HOH 40  185 43  HOH HOH A . 
D 4 HOH 41  186 44  HOH HOH A . 
D 4 HOH 42  187 45  HOH HOH A . 
D 4 HOH 43  188 47  HOH HOH A . 
D 4 HOH 44  189 48  HOH HOH A . 
D 4 HOH 45  190 50  HOH HOH A . 
D 4 HOH 46  191 53  HOH HOH A . 
D 4 HOH 47  192 55  HOH HOH A . 
D 4 HOH 48  193 56  HOH HOH A . 
D 4 HOH 49  194 57  HOH HOH A . 
D 4 HOH 50  195 58  HOH HOH A . 
D 4 HOH 51  196 59  HOH HOH A . 
D 4 HOH 52  197 60  HOH HOH A . 
D 4 HOH 53  198 61  HOH HOH A . 
D 4 HOH 54  199 62  HOH HOH A . 
D 4 HOH 55  200 63  HOH HOH A . 
D 4 HOH 56  201 64  HOH HOH A . 
D 4 HOH 57  202 65  HOH HOH A . 
D 4 HOH 58  203 67  HOH HOH A . 
D 4 HOH 59  204 68  HOH HOH A . 
D 4 HOH 60  205 71  HOH HOH A . 
D 4 HOH 61  206 72  HOH HOH A . 
D 4 HOH 62  207 73  HOH HOH A . 
D 4 HOH 63  208 74  HOH HOH A . 
D 4 HOH 64  209 75  HOH HOH A . 
D 4 HOH 65  210 78  HOH HOH A . 
D 4 HOH 66  211 79  HOH HOH A . 
D 4 HOH 67  212 80  HOH HOH A . 
D 4 HOH 68  213 83  HOH HOH A . 
D 4 HOH 69  214 85  HOH HOH A . 
D 4 HOH 70  215 86  HOH HOH A . 
D 4 HOH 71  216 87  HOH HOH A . 
D 4 HOH 72  217 88  HOH HOH A . 
D 4 HOH 73  218 89  HOH HOH A . 
D 4 HOH 74  219 90  HOH HOH A . 
D 4 HOH 75  220 91  HOH HOH A . 
D 4 HOH 76  221 92  HOH HOH A . 
D 4 HOH 77  222 93  HOH HOH A . 
D 4 HOH 78  223 94  HOH HOH A . 
D 4 HOH 79  224 95  HOH HOH A . 
D 4 HOH 80  225 96  HOH HOH A . 
D 4 HOH 81  226 97  HOH HOH A . 
D 4 HOH 82  227 98  HOH HOH A . 
D 4 HOH 83  228 99  HOH HOH A . 
D 4 HOH 84  229 100 HOH HOH A . 
D 4 HOH 85  230 101 HOH HOH A . 
D 4 HOH 86  231 102 HOH HOH A . 
D 4 HOH 87  232 103 HOH HOH A . 
D 4 HOH 88  233 104 HOH HOH A . 
D 4 HOH 89  234 105 HOH HOH A . 
D 4 HOH 90  235 106 HOH HOH A . 
D 4 HOH 91  236 108 HOH HOH A . 
D 4 HOH 92  237 109 HOH HOH A . 
D 4 HOH 93  238 112 HOH HOH A . 
D 4 HOH 94  239 113 HOH HOH A . 
D 4 HOH 95  240 114 HOH HOH A . 
D 4 HOH 96  241 115 HOH HOH A . 
D 4 HOH 97  242 116 HOH HOH A . 
D 4 HOH 98  243 117 HOH HOH A . 
D 4 HOH 99  244 118 HOH HOH A . 
D 4 HOH 100 245 119 HOH HOH A . 
D 4 HOH 101 246 123 HOH HOH A . 
D 4 HOH 102 247 125 HOH HOH A . 
D 4 HOH 103 248 126 HOH HOH A . 
D 4 HOH 104 249 127 HOH HOH A . 
D 4 HOH 105 250 121 HOH HOH A . 
E 4 HOH 1   40  18  HOH HOH B . 
E 4 HOH 2   41  22  HOH HOH B . 
E 4 HOH 3   42  27  HOH HOH B . 
E 4 HOH 4   43  46  HOH HOH B . 
E 4 HOH 5   44  49  HOH HOH B . 
E 4 HOH 6   45  51  HOH HOH B . 
E 4 HOH 7   46  52  HOH HOH B . 
E 4 HOH 8   47  54  HOH HOH B . 
E 4 HOH 9   48  66  HOH HOH B . 
E 4 HOH 10  49  69  HOH HOH B . 
E 4 HOH 11  50  70  HOH HOH B . 
E 4 HOH 12  51  76  HOH HOH B . 
E 4 HOH 13  52  77  HOH HOH B . 
E 4 HOH 14  53  81  HOH HOH B . 
E 4 HOH 15  54  82  HOH HOH B . 
E 4 HOH 16  55  84  HOH HOH B . 
E 4 HOH 17  56  107 HOH HOH B . 
E 4 HOH 18  57  111 HOH HOH B . 
E 4 HOH 19  58  120 HOH HOH B . 
E 4 HOH 20  60  122 HOH HOH B . 
E 4 HOH 21  61  124 HOH HOH B . 
# 
loop_
_pdbx_unobs_or_zero_occ_atoms.id 
_pdbx_unobs_or_zero_occ_atoms.PDB_model_num 
_pdbx_unobs_or_zero_occ_atoms.polymer_flag 
_pdbx_unobs_or_zero_occ_atoms.occupancy_flag 
_pdbx_unobs_or_zero_occ_atoms.auth_asym_id 
_pdbx_unobs_or_zero_occ_atoms.auth_comp_id 
_pdbx_unobs_or_zero_occ_atoms.auth_seq_id 
_pdbx_unobs_or_zero_occ_atoms.PDB_ins_code 
_pdbx_unobs_or_zero_occ_atoms.auth_atom_id 
_pdbx_unobs_or_zero_occ_atoms.label_alt_id 
_pdbx_unobs_or_zero_occ_atoms.label_asym_id 
_pdbx_unobs_or_zero_occ_atoms.label_comp_id 
_pdbx_unobs_or_zero_occ_atoms.label_seq_id 
_pdbx_unobs_or_zero_occ_atoms.label_atom_id 
1 1 Y 1 A ARG 131 ? CG  ? A ARG 108 CG  
2 1 Y 1 A ARG 131 ? CD  ? A ARG 108 CD  
3 1 Y 1 A ARG 131 ? NE  ? A ARG 108 NE  
4 1 Y 1 A ARG 131 ? CZ  ? A ARG 108 CZ  
5 1 Y 1 A ARG 131 ? NH1 ? A ARG 108 NH1 
6 1 Y 1 A ARG 131 ? NH2 ? A ARG 108 NH2 
# 
loop_
_software.name 
_software.classification 
_software.version 
_software.citation_id 
_software.pdbx_ordinal 
_software.date 
_software.type 
_software.location 
_software.language 
REFMAC refinement       5.3.0040 ? 1 ? ? ? ? 
XDS    'data scaling'   .        ? 2 ? ? ? ? 
XDS    'data reduction' .        ? 3 ? ? ? ? 
XSCALE 'data scaling'   .        ? 4 ? ? ? ? 
MOLREP phasing          .        ? 5 ? ? ? ? 
# 
_cell.entry_id           3C5T 
_cell.length_a           75.910 
_cell.length_b           75.910 
_cell.length_c           87.770 
_cell.angle_alpha        90.00 
_cell.angle_beta         90.00 
_cell.angle_gamma        120.00 
_cell.Z_PDB              6 
_cell.pdbx_unique_axis   ? 
_cell.length_a_esd       ? 
_cell.length_b_esd       ? 
_cell.length_c_esd       ? 
_cell.angle_alpha_esd    ? 
_cell.angle_beta_esd     ? 
_cell.angle_gamma_esd    ? 
# 
_symmetry.entry_id                         3C5T 
_symmetry.space_group_name_H-M             'P 31 2 1' 
_symmetry.pdbx_full_space_group_name_H-M   ? 
_symmetry.cell_setting                     ? 
_symmetry.Int_Tables_number                152 
_symmetry.space_group_name_Hall            ? 
# 
_exptl.entry_id          3C5T 
_exptl.method            'X-RAY DIFFRACTION' 
_exptl.crystals_number   1 
# 
_exptl_crystal.id                    1 
_exptl_crystal.density_meas          ? 
_exptl_crystal.density_Matthews      4.12 
_exptl_crystal.density_percent_sol   70.18 
_exptl_crystal.description           ? 
_exptl_crystal.F_000                 ? 
_exptl_crystal.preparation           ? 
# 
_exptl_crystal_grow.crystal_id      1 
_exptl_crystal_grow.method          'VAPOR DIFFUSION, HANGING DROP' 
_exptl_crystal_grow.temp            293 
_exptl_crystal_grow.temp_details    ? 
_exptl_crystal_grow.pH              8.5 
_exptl_crystal_grow.pdbx_details    
;0.1M Tris-HCl pH 8.5, 0.1M MgCl2, 0.4M MgTartrate, 9mM n-Decyl-beta-D-thiomaltoside, VAPOR DIFFUSION, HANGING DROP, temperature 293K
;
_exptl_crystal_grow.pdbx_pH_range   . 
# 
_diffrn.id                     1 
_diffrn.ambient_temp           100 
_diffrn.ambient_temp_details   ? 
_diffrn.crystal_id             1 
# 
_diffrn_detector.diffrn_id              1 
_diffrn_detector.detector               CCD 
_diffrn_detector.type                   'MARMOSAIC 225 mm CCD' 
_diffrn_detector.pdbx_collection_date   2006-11-14 
_diffrn_detector.details                mirrors 
# 
_diffrn_radiation.diffrn_id                        1 
_diffrn_radiation.wavelength_id                    1 
_diffrn_radiation.pdbx_monochromatic_or_laue_m_l   M 
_diffrn_radiation.monochromator                    ? 
_diffrn_radiation.pdbx_diffrn_protocol             'SINGLE WAVELENGTH' 
_diffrn_radiation.pdbx_scattering_type             x-ray 
# 
_diffrn_radiation_wavelength.id           1 
_diffrn_radiation_wavelength.wavelength   1.00 
_diffrn_radiation_wavelength.wt           1.0 
# 
_diffrn_source.diffrn_id                   1 
_diffrn_source.source                      SYNCHROTRON 
_diffrn_source.type                        'MAX II BEAMLINE I911-3' 
_diffrn_source.pdbx_synchrotron_site       'MAX II' 
_diffrn_source.pdbx_synchrotron_beamline   I911-3 
_diffrn_source.pdbx_wavelength             ? 
_diffrn_source.pdbx_wavelength_list        1.00 
# 
_reflns.entry_id                     3C5T 
_reflns.observed_criterion_sigma_F   0 
_reflns.observed_criterion_sigma_I   0 
_reflns.d_resolution_high            2.1 
_reflns.d_resolution_low             40 
_reflns.number_all                   17572 
_reflns.number_obs                   17273 
_reflns.percent_possible_obs         98.3 
_reflns.pdbx_Rmerge_I_obs            0.061 
_reflns.pdbx_Rsym_value              ? 
_reflns.pdbx_netI_over_sigmaI        27.1 
_reflns.B_iso_Wilson_estimate        ? 
_reflns.pdbx_redundancy              10.9 
_reflns.R_free_details               ? 
_reflns.limit_h_max                  ? 
_reflns.limit_h_min                  ? 
_reflns.limit_k_max                  ? 
_reflns.limit_k_min                  ? 
_reflns.limit_l_max                  ? 
_reflns.limit_l_min                  ? 
_reflns.observed_criterion_F_max     ? 
_reflns.observed_criterion_F_min     ? 
_reflns.pdbx_chi_squared             ? 
_reflns.pdbx_scaling_rejects         ? 
_reflns.pdbx_ordinal                 1 
_reflns.pdbx_diffrn_id               1 
# 
_reflns_shell.d_res_high             2.1 
_reflns_shell.d_res_low              2.2 
_reflns_shell.percent_possible_all   97.8 
_reflns_shell.Rmerge_I_obs           0.395 
_reflns_shell.pdbx_Rsym_value        ? 
_reflns_shell.meanI_over_sigI_obs    7.3 
_reflns_shell.pdbx_redundancy        11.1 
_reflns_shell.percent_possible_obs   ? 
_reflns_shell.number_unique_all      2205 
_reflns_shell.number_measured_all    ? 
_reflns_shell.number_measured_obs    ? 
_reflns_shell.number_unique_obs      ? 
_reflns_shell.pdbx_chi_squared       ? 
_reflns_shell.pdbx_ordinal           1 
_reflns_shell.pdbx_diffrn_id         1 
# 
_refine.entry_id                                 3C5T 
_refine.ls_number_reflns_obs                     16321 
_refine.ls_number_reflns_all                     16607 
_refine.pdbx_ls_sigma_I                          ? 
_refine.pdbx_ls_sigma_F                          ? 
_refine.pdbx_data_cutoff_high_absF               ? 
_refine.pdbx_data_cutoff_low_absF                ? 
_refine.pdbx_data_cutoff_high_rms_absF           ? 
_refine.ls_d_res_low                             36.50 
_refine.ls_d_res_high                            2.10 
_refine.ls_percent_reflns_obs                    98.28 
_refine.ls_R_factor_obs                          0.20503 
_refine.ls_R_factor_all                          ? 
_refine.ls_R_factor_R_work                       0.20328 
_refine.ls_R_factor_R_free                       0.23809 
_refine.ls_R_factor_R_free_error                 ? 
_refine.ls_R_factor_R_free_error_details         ? 
_refine.ls_percent_reflns_R_free                 5.3 
_refine.ls_number_reflns_R_free                  909 
_refine.ls_number_parameters                     ? 
_refine.ls_number_restraints                     ? 
_refine.occupancy_min                            ? 
_refine.occupancy_max                            ? 
_refine.correlation_coeff_Fo_to_Fc               0.943 
_refine.correlation_coeff_Fo_to_Fc_free          0.919 
_refine.B_iso_mean                               40.260 
_refine.aniso_B[1][1]                            1.07 
_refine.aniso_B[2][2]                            1.07 
_refine.aniso_B[3][3]                            -1.61 
_refine.aniso_B[1][2]                            0.54 
_refine.aniso_B[1][3]                            0.00 
_refine.aniso_B[2][3]                            0.00 
_refine.solvent_model_details                    MASK 
_refine.solvent_model_param_ksol                 ? 
_refine.solvent_model_param_bsol                 ? 
_refine.pdbx_solvent_vdw_probe_radii             1.20 
_refine.pdbx_solvent_ion_probe_radii             0.80 
_refine.pdbx_solvent_shrinkage_radii             0.80 
_refine.pdbx_ls_cross_valid_method               THROUGHOUT 
_refine.details                                  'HYDROGENS HAVE BEEN ADDED IN THE RIDING POSITIONS' 
_refine.pdbx_starting_model                      'PDB entry 3C59 without the ligand present' 
_refine.pdbx_method_to_determine_struct          'MOLECULAR REPLACEMENT' 
_refine.pdbx_isotropic_thermal_model             Isotropic 
_refine.pdbx_stereochemistry_target_values       'MAXIMUM LIKELIHOOD' 
_refine.pdbx_stereochem_target_val_spec_case     ? 
_refine.pdbx_R_Free_selection_details            RANDOM 
_refine.pdbx_overall_ESU_R                       0.142 
_refine.pdbx_overall_ESU_R_Free                  0.140 
_refine.overall_SU_ML                            0.093 
_refine.overall_SU_B                             6.608 
_refine.ls_redundancy_reflns_obs                 ? 
_refine.B_iso_min                                ? 
_refine.B_iso_max                                ? 
_refine.overall_SU_R_Cruickshank_DPI             ? 
_refine.overall_SU_R_free                        ? 
_refine.ls_wR_factor_R_free                      ? 
_refine.ls_wR_factor_R_work                      ? 
_refine.overall_FOM_free_R_set                   ? 
_refine.overall_FOM_work_R_set                   ? 
_refine.pdbx_overall_phase_error                 ? 
_refine.pdbx_refine_id                           'X-RAY DIFFRACTION' 
_refine.pdbx_TLS_residual_ADP_flag               'LIKELY RESIDUAL' 
_refine.pdbx_diffrn_id                           1 
_refine.pdbx_overall_SU_R_free_Cruickshank_DPI   ? 
_refine.pdbx_overall_SU_R_Blow_DPI               ? 
_refine.pdbx_overall_SU_R_free_Blow_DPI          ? 
# 
_refine_hist.pdbx_refine_id                   'X-RAY DIFFRACTION' 
_refine_hist.cycle_id                         LAST 
_refine_hist.pdbx_number_atoms_protein        1055 
_refine_hist.pdbx_number_atoms_nucleic_acid   0 
_refine_hist.pdbx_number_atoms_ligand         33 
_refine_hist.number_atoms_solvent             126 
_refine_hist.number_atoms_total               1214 
_refine_hist.d_res_high                       2.10 
_refine_hist.d_res_low                        36.50 
# 
loop_
_refine_ls_restr.type 
_refine_ls_restr.dev_ideal 
_refine_ls_restr.dev_ideal_target 
_refine_ls_restr.weight 
_refine_ls_restr.number 
_refine_ls_restr.pdbx_refine_id 
_refine_ls_restr.pdbx_restraint_function 
r_bond_refined_d             0.019  0.022  ? 1126 'X-RAY DIFFRACTION' ? 
r_bond_other_d               ?      ?      ? ?    'X-RAY DIFFRACTION' ? 
r_angle_refined_deg          1.702  1.963  ? 1535 'X-RAY DIFFRACTION' ? 
r_angle_other_deg            ?      ?      ? ?    'X-RAY DIFFRACTION' ? 
r_dihedral_angle_1_deg       7.747  5.000  ? 127  'X-RAY DIFFRACTION' ? 
r_dihedral_angle_2_deg       31.393 23.929 ? 56   'X-RAY DIFFRACTION' ? 
r_dihedral_angle_3_deg       14.016 15.000 ? 170  'X-RAY DIFFRACTION' ? 
r_dihedral_angle_4_deg       13.422 15.000 ? 8    'X-RAY DIFFRACTION' ? 
r_chiral_restr               0.112  0.200  ? 158  'X-RAY DIFFRACTION' ? 
r_gen_planes_refined         0.008  0.020  ? 861  'X-RAY DIFFRACTION' ? 
r_gen_planes_other           ?      ?      ? ?    'X-RAY DIFFRACTION' ? 
r_nbd_refined                0.230  0.200  ? 484  'X-RAY DIFFRACTION' ? 
r_nbd_other                  ?      ?      ? ?    'X-RAY DIFFRACTION' ? 
r_nbtor_refined              0.313  0.200  ? 760  'X-RAY DIFFRACTION' ? 
r_nbtor_other                ?      ?      ? ?    'X-RAY DIFFRACTION' ? 
r_xyhbond_nbd_refined        0.166  0.200  ? 106  'X-RAY DIFFRACTION' ? 
r_xyhbond_nbd_other          ?      ?      ? ?    'X-RAY DIFFRACTION' ? 
r_metal_ion_refined          ?      ?      ? ?    'X-RAY DIFFRACTION' ? 
r_metal_ion_other            ?      ?      ? ?    'X-RAY DIFFRACTION' ? 
r_symmetry_vdw_refined       0.147  0.200  ? 15   'X-RAY DIFFRACTION' ? 
r_symmetry_vdw_other         ?      ?      ? ?    'X-RAY DIFFRACTION' ? 
r_symmetry_hbond_refined     0.170  0.200  ? 7    'X-RAY DIFFRACTION' ? 
r_symmetry_hbond_other       ?      ?      ? ?    'X-RAY DIFFRACTION' ? 
r_symmetry_metal_ion_refined ?      ?      ? ?    'X-RAY DIFFRACTION' ? 
r_symmetry_metal_ion_other   ?      ?      ? ?    'X-RAY DIFFRACTION' ? 
r_mcbond_it                  1.359  1.500  ? 664  'X-RAY DIFFRACTION' ? 
r_mcbond_other               ?      ?      ? ?    'X-RAY DIFFRACTION' ? 
r_mcangle_it                 2.298  2.000  ? 1045 'X-RAY DIFFRACTION' ? 
r_scbond_it                  2.737  3.000  ? 553  'X-RAY DIFFRACTION' ? 
r_scangle_it                 4.385  4.500  ? 490  'X-RAY DIFFRACTION' ? 
r_rigid_bond_restr           ?      ?      ? ?    'X-RAY DIFFRACTION' ? 
r_sphericity_free            ?      ?      ? ?    'X-RAY DIFFRACTION' ? 
r_sphericity_bonded          ?      ?      ? ?    'X-RAY DIFFRACTION' ? 
# 
_refine_ls_shell.pdbx_total_number_of_bins_used   20 
_refine_ls_shell.d_res_high                       2.100 
_refine_ls_shell.d_res_low                        2.155 
_refine_ls_shell.number_reflns_R_work             1182 
_refine_ls_shell.R_factor_R_work                  0.211 
_refine_ls_shell.percent_reflns_obs               97.96 
_refine_ls_shell.R_factor_R_free                  0.325 
_refine_ls_shell.R_factor_R_free_error            ? 
_refine_ls_shell.percent_reflns_R_free            ? 
_refine_ls_shell.number_reflns_R_free             69 
_refine_ls_shell.number_reflns_all                ? 
_refine_ls_shell.R_factor_all                     ? 
_refine_ls_shell.number_reflns_obs                ? 
_refine_ls_shell.redundancy_reflns_obs            ? 
_refine_ls_shell.pdbx_refine_id                   'X-RAY DIFFRACTION' 
# 
_struct.entry_id                  3C5T 
_struct.title                     'Crystal structure of the ligand-bound glucagon-like peptide-1 receptor extracellular domain' 
_struct.pdbx_model_details        ? 
_struct.pdbx_CASP_flag            ? 
_struct.pdbx_model_type_details   ? 
# 
_struct_keywords.entry_id        3C5T 
_struct_keywords.pdbx_keywords   'Signaling protein/Signaling protein' 
_struct_keywords.text            
;ligand-bound G protein-coupled receptor extracellular domain, G-protein coupled receptor, Glycoprotein, Membrane, Transducer, Transmembrane, Amidation, Cleavage on pair of basic residues, Secreted, Signaling protein-Signaling protein COMPLEX
;
# 
loop_
_struct_asym.id 
_struct_asym.pdbx_blank_PDB_chainid_flag 
_struct_asym.pdbx_modified 
_struct_asym.entity_id 
_struct_asym.details 
A N N 1 ? 
B N N 2 ? 
C N N 3 ? 
D N N 4 ? 
E N N 4 ? 
# 
loop_
_struct_ref.id 
_struct_ref.db_name 
_struct_ref.db_code 
_struct_ref.pdbx_db_accession 
_struct_ref.entity_id 
_struct_ref.pdbx_seq_one_letter_code 
_struct_ref.pdbx_align_begin 
_struct_ref.pdbx_db_isoform 
1 UNP GLP1R_HUMAN P43220 1 
;RPQGATVSLWETVQKWREYRRQCQRSLTEDPPPATDLFCNRTFDEYACWPDGEPGSFVNVSCPWYLPWASSVPQGHVYRF
CTAEGLWLQKDNSSLPWRDLSECEESKRGERSSPEEQLLFLY
;
24 ? 
2 UNP EXE4_HELSU  P26349 2 DLSKQMEEEAVRLFIEWLKNGGPSSGAPPPS 56 ? 
# 
loop_
_struct_ref_seq.align_id 
_struct_ref_seq.ref_id 
_struct_ref_seq.pdbx_PDB_id_code 
_struct_ref_seq.pdbx_strand_id 
_struct_ref_seq.seq_align_beg 
_struct_ref_seq.pdbx_seq_align_beg_ins_code 
_struct_ref_seq.seq_align_end 
_struct_ref_seq.pdbx_seq_align_end_ins_code 
_struct_ref_seq.pdbx_db_accession 
_struct_ref_seq.db_align_beg 
_struct_ref_seq.pdbx_db_align_beg_ins_code 
_struct_ref_seq.db_align_end 
_struct_ref_seq.pdbx_db_align_end_ins_code 
_struct_ref_seq.pdbx_auth_seq_align_beg 
_struct_ref_seq.pdbx_auth_seq_align_end 
1 1 3C5T A 1 ? 122 ? P43220 24 ? 145 ? 24 145 
2 2 3C5T B 1 ? 31  ? P26349 56 ? 86  ? 9  39  
# 
_pdbx_struct_assembly.id                   1 
_pdbx_struct_assembly.details              author_and_software_defined_assembly 
_pdbx_struct_assembly.method_details       PISA 
_pdbx_struct_assembly.oligomeric_details   dimeric 
_pdbx_struct_assembly.oligomeric_count     2 
# 
loop_
_pdbx_struct_assembly_prop.biol_id 
_pdbx_struct_assembly_prop.type 
_pdbx_struct_assembly_prop.value 
_pdbx_struct_assembly_prop.details 
1 'ABSA (A^2)' 1370 ? 
1 MORE         -9   ? 
1 'SSA (A^2)'  8940 ? 
# 
_pdbx_struct_assembly_gen.assembly_id       1 
_pdbx_struct_assembly_gen.oper_expression   1 
_pdbx_struct_assembly_gen.asym_id_list      A,B,C,D,E 
# 
_pdbx_struct_oper_list.id                   1 
_pdbx_struct_oper_list.type                 'identity operation' 
_pdbx_struct_oper_list.name                 1_555 
_pdbx_struct_oper_list.symmetry_operation   x,y,z 
_pdbx_struct_oper_list.matrix[1][1]         1.0000000000 
_pdbx_struct_oper_list.matrix[1][2]         0.0000000000 
_pdbx_struct_oper_list.matrix[1][3]         0.0000000000 
_pdbx_struct_oper_list.vector[1]            0.0000000000 
_pdbx_struct_oper_list.matrix[2][1]         0.0000000000 
_pdbx_struct_oper_list.matrix[2][2]         1.0000000000 
_pdbx_struct_oper_list.matrix[2][3]         0.0000000000 
_pdbx_struct_oper_list.vector[2]            0.0000000000 
_pdbx_struct_oper_list.matrix[3][1]         0.0000000000 
_pdbx_struct_oper_list.matrix[3][2]         0.0000000000 
_pdbx_struct_oper_list.matrix[3][3]         1.0000000000 
_pdbx_struct_oper_list.vector[3]            0.0000000000 
# 
loop_
_struct_conf.conf_type_id 
_struct_conf.id 
_struct_conf.pdbx_PDB_helix_id 
_struct_conf.beg_label_comp_id 
_struct_conf.beg_label_asym_id 
_struct_conf.beg_label_seq_id 
_struct_conf.pdbx_beg_PDB_ins_code 
_struct_conf.end_label_comp_id 
_struct_conf.end_label_asym_id 
_struct_conf.end_label_seq_id 
_struct_conf.pdbx_end_PDB_ins_code 
_struct_conf.beg_auth_comp_id 
_struct_conf.beg_auth_asym_id 
_struct_conf.beg_auth_seq_id 
_struct_conf.end_auth_comp_id 
_struct_conf.end_auth_asym_id 
_struct_conf.end_auth_seq_id 
_struct_conf.pdbx_PDB_helix_class 
_struct_conf.details 
_struct_conf.pdbx_PDB_helix_length 
HELX_P HELX_P1 1 SER A 8   ? ASP A 30  ? SER A 31  ASP A 53  1 ? 23 
HELX_P HELX_P2 2 TRP A 68  ? VAL A 72  ? TRP A 91  VAL A 95  5 ? 5  
HELX_P HELX_P3 3 LEU A 100 ? GLU A 104 ? LEU A 123 GLU A 127 5 ? 5  
HELX_P HELX_P4 4 ASP B 1   ? ASN B 20  ? ASP B 9   ASN B 28  1 ? 20 
HELX_P HELX_P5 5 GLY B 21  ? SER B 25  ? GLY B 29  SER B 33  5 ? 5  
# 
_struct_conf_type.id          HELX_P 
_struct_conf_type.criteria    ? 
_struct_conf_type.reference   ? 
# 
loop_
_struct_conn.id 
_struct_conn.conn_type_id 
_struct_conn.pdbx_leaving_atom_flag 
_struct_conn.pdbx_PDB_id 
_struct_conn.ptnr1_label_asym_id 
_struct_conn.ptnr1_label_comp_id 
_struct_conn.ptnr1_label_seq_id 
_struct_conn.ptnr1_label_atom_id 
_struct_conn.pdbx_ptnr1_label_alt_id 
_struct_conn.pdbx_ptnr1_PDB_ins_code 
_struct_conn.pdbx_ptnr1_standard_comp_id 
_struct_conn.ptnr1_symmetry 
_struct_conn.ptnr2_label_asym_id 
_struct_conn.ptnr2_label_comp_id 
_struct_conn.ptnr2_label_seq_id 
_struct_conn.ptnr2_label_atom_id 
_struct_conn.pdbx_ptnr2_label_alt_id 
_struct_conn.pdbx_ptnr2_PDB_ins_code 
_struct_conn.ptnr1_auth_asym_id 
_struct_conn.ptnr1_auth_comp_id 
_struct_conn.ptnr1_auth_seq_id 
_struct_conn.ptnr2_auth_asym_id 
_struct_conn.ptnr2_auth_comp_id 
_struct_conn.ptnr2_auth_seq_id 
_struct_conn.ptnr2_symmetry 
_struct_conn.pdbx_ptnr3_label_atom_id 
_struct_conn.pdbx_ptnr3_label_seq_id 
_struct_conn.pdbx_ptnr3_label_comp_id 
_struct_conn.pdbx_ptnr3_label_asym_id 
_struct_conn.pdbx_ptnr3_label_alt_id 
_struct_conn.pdbx_ptnr3_PDB_ins_code 
_struct_conn.details 
_struct_conn.pdbx_dist_value 
_struct_conn.pdbx_value_order 
_struct_conn.pdbx_role 
disulf1 disulf ? ? A CYS 23 SG ? ? ? 1_555 A CYS 48  SG ? ? A CYS 46 A CYS 71  1_555 ? ? ? ? ? ? ? 2.126 ? ? 
disulf2 disulf ? ? A CYS 39 SG ? ? ? 1_555 A CYS 81  SG ? ? A CYS 62 A CYS 104 1_555 ? ? ? ? ? ? ? 2.043 ? ? 
disulf3 disulf ? ? A CYS 62 SG ? ? ? 1_555 A CYS 103 SG ? ? A CYS 85 A CYS 126 1_555 ? ? ? ? ? ? ? 1.990 ? ? 
# 
_struct_conn_type.id          disulf 
_struct_conn_type.criteria    ? 
_struct_conn_type.reference   ? 
# 
loop_
_pdbx_modification_feature.ordinal 
_pdbx_modification_feature.label_comp_id 
_pdbx_modification_feature.label_asym_id 
_pdbx_modification_feature.label_seq_id 
_pdbx_modification_feature.label_alt_id 
_pdbx_modification_feature.modified_residue_label_comp_id 
_pdbx_modification_feature.modified_residue_label_asym_id 
_pdbx_modification_feature.modified_residue_label_seq_id 
_pdbx_modification_feature.modified_residue_label_alt_id 
_pdbx_modification_feature.auth_comp_id 
_pdbx_modification_feature.auth_asym_id 
_pdbx_modification_feature.auth_seq_id 
_pdbx_modification_feature.PDB_ins_code 
_pdbx_modification_feature.symmetry 
_pdbx_modification_feature.modified_residue_auth_comp_id 
_pdbx_modification_feature.modified_residue_auth_asym_id 
_pdbx_modification_feature.modified_residue_auth_seq_id 
_pdbx_modification_feature.modified_residue_PDB_ins_code 
_pdbx_modification_feature.modified_residue_symmetry 
_pdbx_modification_feature.comp_id_linking_atom 
_pdbx_modification_feature.modified_residue_id_linking_atom 
_pdbx_modification_feature.modified_residue_id 
_pdbx_modification_feature.ref_pcm_id 
_pdbx_modification_feature.ref_comp_id 
_pdbx_modification_feature.type 
_pdbx_modification_feature.category 
1 CYS A 23 ? CYS A 48  ? CYS A 46 ? 1_555 CYS A 71  ? 1_555 SG SG . . . None 'Disulfide bridge' 
2 CYS A 39 ? CYS A 81  ? CYS A 62 ? 1_555 CYS A 104 ? 1_555 SG SG . . . None 'Disulfide bridge' 
3 CYS A 62 ? CYS A 103 ? CYS A 85 ? 1_555 CYS A 126 ? 1_555 SG SG . . . None 'Disulfide bridge' 
# 
_struct_mon_prot_cis.pdbx_id                1 
_struct_mon_prot_cis.label_comp_id          SER 
_struct_mon_prot_cis.label_seq_id           24 
_struct_mon_prot_cis.label_asym_id          B 
_struct_mon_prot_cis.label_alt_id           . 
_struct_mon_prot_cis.pdbx_PDB_ins_code      ? 
_struct_mon_prot_cis.auth_comp_id           SER 
_struct_mon_prot_cis.auth_seq_id            32 
_struct_mon_prot_cis.auth_asym_id           B 
_struct_mon_prot_cis.pdbx_label_comp_id_2   SER 
_struct_mon_prot_cis.pdbx_label_seq_id_2    25 
_struct_mon_prot_cis.pdbx_label_asym_id_2   B 
_struct_mon_prot_cis.pdbx_PDB_ins_code_2    ? 
_struct_mon_prot_cis.pdbx_auth_comp_id_2    SER 
_struct_mon_prot_cis.pdbx_auth_seq_id_2     33 
_struct_mon_prot_cis.pdbx_auth_asym_id_2    B 
_struct_mon_prot_cis.pdbx_PDB_model_num     1 
_struct_mon_prot_cis.pdbx_omega_angle       -7.25 
# 
loop_
_struct_sheet.id 
_struct_sheet.type 
_struct_sheet.number_strands 
_struct_sheet.details 
A ? 2 ? 
B ? 2 ? 
# 
loop_
_struct_sheet_order.sheet_id 
_struct_sheet_order.range_id_1 
_struct_sheet_order.range_id_2 
_struct_sheet_order.offset 
_struct_sheet_order.sense 
A 1 2 ? anti-parallel 
B 1 2 ? anti-parallel 
# 
loop_
_struct_sheet_range.sheet_id 
_struct_sheet_range.id 
_struct_sheet_range.beg_label_comp_id 
_struct_sheet_range.beg_label_asym_id 
_struct_sheet_range.beg_label_seq_id 
_struct_sheet_range.pdbx_beg_PDB_ins_code 
_struct_sheet_range.end_label_comp_id 
_struct_sheet_range.end_label_asym_id 
_struct_sheet_range.end_label_seq_id 
_struct_sheet_range.pdbx_end_PDB_ins_code 
_struct_sheet_range.beg_auth_comp_id 
_struct_sheet_range.beg_auth_asym_id 
_struct_sheet_range.beg_auth_seq_id 
_struct_sheet_range.end_auth_comp_id 
_struct_sheet_range.end_auth_asym_id 
_struct_sheet_range.end_auth_seq_id 
A 1 THR A 42 ? PHE A 43 ? THR A 65 PHE A 66  
A 2 CYS A 48 ? TRP A 49 ? CYS A 71 TRP A 72  
B 1 SER A 56 ? SER A 61 ? SER A 79 SER A 84  
B 2 HIS A 76 ? CYS A 81 ? HIS A 99 CYS A 104 
# 
loop_
_pdbx_struct_sheet_hbond.sheet_id 
_pdbx_struct_sheet_hbond.range_id_1 
_pdbx_struct_sheet_hbond.range_id_2 
_pdbx_struct_sheet_hbond.range_1_label_atom_id 
_pdbx_struct_sheet_hbond.range_1_label_comp_id 
_pdbx_struct_sheet_hbond.range_1_label_asym_id 
_pdbx_struct_sheet_hbond.range_1_label_seq_id 
_pdbx_struct_sheet_hbond.range_1_PDB_ins_code 
_pdbx_struct_sheet_hbond.range_1_auth_atom_id 
_pdbx_struct_sheet_hbond.range_1_auth_comp_id 
_pdbx_struct_sheet_hbond.range_1_auth_asym_id 
_pdbx_struct_sheet_hbond.range_1_auth_seq_id 
_pdbx_struct_sheet_hbond.range_2_label_atom_id 
_pdbx_struct_sheet_hbond.range_2_label_comp_id 
_pdbx_struct_sheet_hbond.range_2_label_asym_id 
_pdbx_struct_sheet_hbond.range_2_label_seq_id 
_pdbx_struct_sheet_hbond.range_2_PDB_ins_code 
_pdbx_struct_sheet_hbond.range_2_auth_atom_id 
_pdbx_struct_sheet_hbond.range_2_auth_comp_id 
_pdbx_struct_sheet_hbond.range_2_auth_asym_id 
_pdbx_struct_sheet_hbond.range_2_auth_seq_id 
A 1 2 N THR A 42 ? N THR A 65 O TRP A 49 ? O TRP A 72  
B 1 2 N SER A 56 ? N SER A 79 O CYS A 81 ? O CYS A 104 
# 
_struct_site.id                   AC1 
_struct_site.pdbx_evidence_code   Software 
_struct_site.pdbx_auth_asym_id    A 
_struct_site.pdbx_auth_comp_id    10M 
_struct_site.pdbx_auth_seq_id     1 
_struct_site.pdbx_auth_ins_code   ? 
_struct_site.pdbx_num_residues    6 
_struct_site.details              'BINDING SITE FOR RESIDUE 10M A 1' 
# 
loop_
_struct_site_gen.id 
_struct_site_gen.site_id 
_struct_site_gen.pdbx_num_res 
_struct_site_gen.label_comp_id 
_struct_site_gen.label_asym_id 
_struct_site_gen.label_seq_id 
_struct_site_gen.pdbx_auth_ins_code 
_struct_site_gen.auth_comp_id 
_struct_site_gen.auth_asym_id 
_struct_site_gen.auth_seq_id 
_struct_site_gen.label_atom_id 
_struct_site_gen.label_alt_id 
_struct_site_gen.symmetry 
_struct_site_gen.details 
1 AC1 6 ARG A 20 ? ARG A 43  . ? 2_565 ? 
2 AC1 6 PHE A 57 ? PHE A 80  . ? 1_555 ? 
3 AC1 6 ASN A 59 ? ASN A 82  . ? 1_555 ? 
4 AC1 6 HIS A 76 ? HIS A 99  . ? 1_555 ? 
5 AC1 6 TYR A 78 ? TYR A 101 . ? 1_555 ? 
6 AC1 6 HOH D .  ? HOH A 164 . ? 1_555 ? 
# 
_pdbx_entry_details.entry_id                   3C5T 
_pdbx_entry_details.compound_details           ? 
_pdbx_entry_details.source_details             ? 
_pdbx_entry_details.nonpolymer_details         ? 
_pdbx_entry_details.sequence_details           ? 
_pdbx_entry_details.has_ligand_of_interest     ? 
_pdbx_entry_details.has_protein_modification   Y 
# 
loop_
_pdbx_validate_torsion.id 
_pdbx_validate_torsion.PDB_model_num 
_pdbx_validate_torsion.auth_comp_id 
_pdbx_validate_torsion.auth_asym_id 
_pdbx_validate_torsion.auth_seq_id 
_pdbx_validate_torsion.PDB_ins_code 
_pdbx_validate_torsion.label_alt_id 
_pdbx_validate_torsion.phi 
_pdbx_validate_torsion.psi 
1 1 THR A 58  ? ? 66.09  144.38 
2 1 ARG A 64  ? ? -48.30 154.03 
3 1 GLU A 68  ? ? 84.48  -16.83 
4 1 LYS A 113 ? ? 139.16 -96.12 
5 1 ASN A 115 ? ? 29.05  -65.47 
6 1 PRO B 31  ? ? -57.49 1.69   
# 
_pdbx_validate_peptide_omega.id               1 
_pdbx_validate_peptide_omega.PDB_model_num    1 
_pdbx_validate_peptide_omega.auth_comp_id_1   THR 
_pdbx_validate_peptide_omega.auth_asym_id_1   A 
_pdbx_validate_peptide_omega.auth_seq_id_1    58 
_pdbx_validate_peptide_omega.PDB_ins_code_1   ? 
_pdbx_validate_peptide_omega.label_alt_id_1   ? 
_pdbx_validate_peptide_omega.auth_comp_id_2   ASP 
_pdbx_validate_peptide_omega.auth_asym_id_2   A 
_pdbx_validate_peptide_omega.auth_seq_id_2    59 
_pdbx_validate_peptide_omega.PDB_ins_code_2   ? 
_pdbx_validate_peptide_omega.label_alt_id_2   ? 
_pdbx_validate_peptide_omega.omega            -34.65 
# 
loop_
_pdbx_refine_tls.id 
_pdbx_refine_tls.details 
_pdbx_refine_tls.method 
_pdbx_refine_tls.origin_x 
_pdbx_refine_tls.origin_y 
_pdbx_refine_tls.origin_z 
_pdbx_refine_tls.T[1][1] 
_pdbx_refine_tls.T[2][2] 
_pdbx_refine_tls.T[3][3] 
_pdbx_refine_tls.T[1][2] 
_pdbx_refine_tls.T[1][3] 
_pdbx_refine_tls.T[2][3] 
_pdbx_refine_tls.L[1][1] 
_pdbx_refine_tls.L[2][2] 
_pdbx_refine_tls.L[3][3] 
_pdbx_refine_tls.L[1][2] 
_pdbx_refine_tls.L[1][3] 
_pdbx_refine_tls.L[2][3] 
_pdbx_refine_tls.S[1][1] 
_pdbx_refine_tls.S[1][2] 
_pdbx_refine_tls.S[1][3] 
_pdbx_refine_tls.S[2][1] 
_pdbx_refine_tls.S[2][2] 
_pdbx_refine_tls.S[2][3] 
_pdbx_refine_tls.S[3][1] 
_pdbx_refine_tls.S[3][2] 
_pdbx_refine_tls.S[3][3] 
_pdbx_refine_tls.pdbx_refine_id 
1 ? refined 0.7455  -2.5017 1.6646  -0.0768 -0.0107 -0.0311 -0.0280 0.0129 -0.0106 2.3416 0.5895 0.7421  0.3971  0.2508 -0.5679 0.0614  -0.1774 -0.0471 0.0148 -0.1263 -0.0053 -0.0057 0.0245  0.0650 'X-RAY DIFFRACTION' 
2 ? refined -5.5410 11.3774 -8.3274 -0.0588 -0.0665 0.1287  0.0189  0.0091 -0.0135 3.2016 1.9102 17.3737 -0.4712 3.6631 -4.9963 -0.1703 0.1666  0.5968  0.1866 0.0563  0.0290  -0.6800 -0.3001 0.1139 'X-RAY DIFFRACTION' 
# 
loop_
_pdbx_refine_tls_group.id 
_pdbx_refine_tls_group.refine_tls_id 
_pdbx_refine_tls_group.beg_auth_asym_id 
_pdbx_refine_tls_group.beg_auth_seq_id 
_pdbx_refine_tls_group.beg_label_asym_id 
_pdbx_refine_tls_group.beg_label_seq_id 
_pdbx_refine_tls_group.end_auth_asym_id 
_pdbx_refine_tls_group.end_auth_seq_id 
_pdbx_refine_tls_group.end_label_asym_id 
_pdbx_refine_tls_group.end_label_seq_id 
_pdbx_refine_tls_group.selection 
_pdbx_refine_tls_group.pdbx_refine_id 
_pdbx_refine_tls_group.selection_details 
1 1 A 28 A 5 A 131 A 108 ? 'X-RAY DIFFRACTION' ? 
2 2 B 9  B 1 B 33  B 25  ? 'X-RAY DIFFRACTION' ? 
# 
loop_
_pdbx_unobs_or_zero_occ_residues.id 
_pdbx_unobs_or_zero_occ_residues.PDB_model_num 
_pdbx_unobs_or_zero_occ_residues.polymer_flag 
_pdbx_unobs_or_zero_occ_residues.occupancy_flag 
_pdbx_unobs_or_zero_occ_residues.auth_asym_id 
_pdbx_unobs_or_zero_occ_residues.auth_comp_id 
_pdbx_unobs_or_zero_occ_residues.auth_seq_id 
_pdbx_unobs_or_zero_occ_residues.PDB_ins_code 
_pdbx_unobs_or_zero_occ_residues.label_asym_id 
_pdbx_unobs_or_zero_occ_residues.label_comp_id 
_pdbx_unobs_or_zero_occ_residues.label_seq_id 
1  1 Y 1 A ARG 24  ? A ARG 1   
2  1 Y 1 A PRO 25  ? A PRO 2   
3  1 Y 1 A GLN 26  ? A GLN 3   
4  1 Y 1 A GLY 27  ? A GLY 4   
5  1 Y 1 A GLY 132 ? A GLY 109 
6  1 Y 1 A GLU 133 ? A GLU 110 
7  1 Y 1 A ARG 134 ? A ARG 111 
8  1 Y 1 A SER 135 ? A SER 112 
9  1 Y 1 A SER 136 ? A SER 113 
10 1 Y 1 A PRO 137 ? A PRO 114 
11 1 Y 1 A GLU 138 ? A GLU 115 
12 1 Y 1 A GLU 139 ? A GLU 116 
13 1 Y 1 A GLN 140 ? A GLN 117 
14 1 Y 1 A LEU 141 ? A LEU 118 
15 1 Y 1 A LEU 142 ? A LEU 119 
16 1 Y 1 A PHE 143 ? A PHE 120 
17 1 Y 1 A LEU 144 ? A LEU 121 
18 1 Y 1 A TYR 145 ? A TYR 122 
19 1 Y 1 B GLY 34  ? B GLY 26  
20 1 Y 1 B ALA 35  ? B ALA 27  
21 1 Y 1 B PRO 36  ? B PRO 28  
22 1 Y 1 B PRO 37  ? B PRO 29  
23 1 Y 1 B PRO 38  ? B PRO 30  
24 1 Y 1 B SER 39  ? B SER 31  
# 
loop_
_chem_comp_atom.comp_id 
_chem_comp_atom.atom_id 
_chem_comp_atom.type_symbol 
_chem_comp_atom.pdbx_aromatic_flag 
_chem_comp_atom.pdbx_stereo_config 
_chem_comp_atom.pdbx_ordinal 
10M O10  O N N 1   
10M C22  C N R 2   
10M C21  C N R 3   
10M O9   O N N 4   
10M C14  C N S 5   
10M O3   O N N 6   
10M C15  C N R 7   
10M C20  C N R 8   
10M O8   O N N 9   
10M C19  C N S 10  
10M O7   O N N 11  
10M C18  C N S 12  
10M O6   O N N 13  
10M C16  C N R 14  
10M C17  C N N 15  
10M O5   O N N 16  
10M O4   O N N 17  
10M C12  C N R 18  
10M C13  C N N 19  
10M O2   O N N 20  
10M O1   O N N 21  
10M C11  C N S 22  
10M S    S N N 23  
10M C10  C N N 24  
10M C9   C N N 25  
10M C8   C N N 26  
10M C7   C N N 27  
10M C6   C N N 28  
10M C5   C N N 29  
10M C4   C N N 30  
10M C3   C N N 31  
10M C2   C N N 32  
10M C1   C N N 33  
10M HO10 H N N 34  
10M H22  H N N 35  
10M H21  H N N 36  
10M HO9  H N N 37  
10M H14  H N N 38  
10M H15  H N N 39  
10M H20  H N N 40  
10M HO8  H N N 41  
10M H19  H N N 42  
10M HO7  H N N 43  
10M H18  H N N 44  
10M HO6  H N N 45  
10M H16  H N N 46  
10M H17  H N N 47  
10M H17A H N N 48  
10M HO5  H N N 49  
10M H12  H N N 50  
10M H13  H N N 51  
10M H13A H N N 52  
10M HO2  H N N 53  
10M H11  H N N 54  
10M H10  H N N 55  
10M H10A H N N 56  
10M H9   H N N 57  
10M H9A  H N N 58  
10M H8   H N N 59  
10M H8A  H N N 60  
10M H7   H N N 61  
10M H7A  H N N 62  
10M H6   H N N 63  
10M H6A  H N N 64  
10M H5   H N N 65  
10M H5A  H N N 66  
10M H4   H N N 67  
10M H4A  H N N 68  
10M H3   H N N 69  
10M H3A  H N N 70  
10M H2   H N N 71  
10M H2A  H N N 72  
10M H1   H N N 73  
10M H1A  H N N 74  
10M H1B  H N N 75  
ALA N    N N N 76  
ALA CA   C N S 77  
ALA C    C N N 78  
ALA O    O N N 79  
ALA CB   C N N 80  
ALA OXT  O N N 81  
ALA H    H N N 82  
ALA H2   H N N 83  
ALA HA   H N N 84  
ALA HB1  H N N 85  
ALA HB2  H N N 86  
ALA HB3  H N N 87  
ALA HXT  H N N 88  
ARG N    N N N 89  
ARG CA   C N S 90  
ARG C    C N N 91  
ARG O    O N N 92  
ARG CB   C N N 93  
ARG CG   C N N 94  
ARG CD   C N N 95  
ARG NE   N N N 96  
ARG CZ   C N N 97  
ARG NH1  N N N 98  
ARG NH2  N N N 99  
ARG OXT  O N N 100 
ARG H    H N N 101 
ARG H2   H N N 102 
ARG HA   H N N 103 
ARG HB2  H N N 104 
ARG HB3  H N N 105 
ARG HG2  H N N 106 
ARG HG3  H N N 107 
ARG HD2  H N N 108 
ARG HD3  H N N 109 
ARG HE   H N N 110 
ARG HH11 H N N 111 
ARG HH12 H N N 112 
ARG HH21 H N N 113 
ARG HH22 H N N 114 
ARG HXT  H N N 115 
ASN N    N N N 116 
ASN CA   C N S 117 
ASN C    C N N 118 
ASN O    O N N 119 
ASN CB   C N N 120 
ASN CG   C N N 121 
ASN OD1  O N N 122 
ASN ND2  N N N 123 
ASN OXT  O N N 124 
ASN H    H N N 125 
ASN H2   H N N 126 
ASN HA   H N N 127 
ASN HB2  H N N 128 
ASN HB3  H N N 129 
ASN HD21 H N N 130 
ASN HD22 H N N 131 
ASN HXT  H N N 132 
ASP N    N N N 133 
ASP CA   C N S 134 
ASP C    C N N 135 
ASP O    O N N 136 
ASP CB   C N N 137 
ASP CG   C N N 138 
ASP OD1  O N N 139 
ASP OD2  O N N 140 
ASP OXT  O N N 141 
ASP H    H N N 142 
ASP H2   H N N 143 
ASP HA   H N N 144 
ASP HB2  H N N 145 
ASP HB3  H N N 146 
ASP HD2  H N N 147 
ASP HXT  H N N 148 
CYS N    N N N 149 
CYS CA   C N R 150 
CYS C    C N N 151 
CYS O    O N N 152 
CYS CB   C N N 153 
CYS SG   S N N 154 
CYS OXT  O N N 155 
CYS H    H N N 156 
CYS H2   H N N 157 
CYS HA   H N N 158 
CYS HB2  H N N 159 
CYS HB3  H N N 160 
CYS HG   H N N 161 
CYS HXT  H N N 162 
GLN N    N N N 163 
GLN CA   C N S 164 
GLN C    C N N 165 
GLN O    O N N 166 
GLN CB   C N N 167 
GLN CG   C N N 168 
GLN CD   C N N 169 
GLN OE1  O N N 170 
GLN NE2  N N N 171 
GLN OXT  O N N 172 
GLN H    H N N 173 
GLN H2   H N N 174 
GLN HA   H N N 175 
GLN HB2  H N N 176 
GLN HB3  H N N 177 
GLN HG2  H N N 178 
GLN HG3  H N N 179 
GLN HE21 H N N 180 
GLN HE22 H N N 181 
GLN HXT  H N N 182 
GLU N    N N N 183 
GLU CA   C N S 184 
GLU C    C N N 185 
GLU O    O N N 186 
GLU CB   C N N 187 
GLU CG   C N N 188 
GLU CD   C N N 189 
GLU OE1  O N N 190 
GLU OE2  O N N 191 
GLU OXT  O N N 192 
GLU H    H N N 193 
GLU H2   H N N 194 
GLU HA   H N N 195 
GLU HB2  H N N 196 
GLU HB3  H N N 197 
GLU HG2  H N N 198 
GLU HG3  H N N 199 
GLU HE2  H N N 200 
GLU HXT  H N N 201 
GLY N    N N N 202 
GLY CA   C N N 203 
GLY C    C N N 204 
GLY O    O N N 205 
GLY OXT  O N N 206 
GLY H    H N N 207 
GLY H2   H N N 208 
GLY HA2  H N N 209 
GLY HA3  H N N 210 
GLY HXT  H N N 211 
HIS N    N N N 212 
HIS CA   C N S 213 
HIS C    C N N 214 
HIS O    O N N 215 
HIS CB   C N N 216 
HIS CG   C Y N 217 
HIS ND1  N Y N 218 
HIS CD2  C Y N 219 
HIS CE1  C Y N 220 
HIS NE2  N Y N 221 
HIS OXT  O N N 222 
HIS H    H N N 223 
HIS H2   H N N 224 
HIS HA   H N N 225 
HIS HB2  H N N 226 
HIS HB3  H N N 227 
HIS HD1  H N N 228 
HIS HD2  H N N 229 
HIS HE1  H N N 230 
HIS HE2  H N N 231 
HIS HXT  H N N 232 
HOH O    O N N 233 
HOH H1   H N N 234 
HOH H2   H N N 235 
ILE N    N N N 236 
ILE CA   C N S 237 
ILE C    C N N 238 
ILE O    O N N 239 
ILE CB   C N S 240 
ILE CG1  C N N 241 
ILE CG2  C N N 242 
ILE CD1  C N N 243 
ILE OXT  O N N 244 
ILE H    H N N 245 
ILE H2   H N N 246 
ILE HA   H N N 247 
ILE HB   H N N 248 
ILE HG12 H N N 249 
ILE HG13 H N N 250 
ILE HG21 H N N 251 
ILE HG22 H N N 252 
ILE HG23 H N N 253 
ILE HD11 H N N 254 
ILE HD12 H N N 255 
ILE HD13 H N N 256 
ILE HXT  H N N 257 
LEU N    N N N 258 
LEU CA   C N S 259 
LEU C    C N N 260 
LEU O    O N N 261 
LEU CB   C N N 262 
LEU CG   C N N 263 
LEU CD1  C N N 264 
LEU CD2  C N N 265 
LEU OXT  O N N 266 
LEU H    H N N 267 
LEU H2   H N N 268 
LEU HA   H N N 269 
LEU HB2  H N N 270 
LEU HB3  H N N 271 
LEU HG   H N N 272 
LEU HD11 H N N 273 
LEU HD12 H N N 274 
LEU HD13 H N N 275 
LEU HD21 H N N 276 
LEU HD22 H N N 277 
LEU HD23 H N N 278 
LEU HXT  H N N 279 
LYS N    N N N 280 
LYS CA   C N S 281 
LYS C    C N N 282 
LYS O    O N N 283 
LYS CB   C N N 284 
LYS CG   C N N 285 
LYS CD   C N N 286 
LYS CE   C N N 287 
LYS NZ   N N N 288 
LYS OXT  O N N 289 
LYS H    H N N 290 
LYS H2   H N N 291 
LYS HA   H N N 292 
LYS HB2  H N N 293 
LYS HB3  H N N 294 
LYS HG2  H N N 295 
LYS HG3  H N N 296 
LYS HD2  H N N 297 
LYS HD3  H N N 298 
LYS HE2  H N N 299 
LYS HE3  H N N 300 
LYS HZ1  H N N 301 
LYS HZ2  H N N 302 
LYS HZ3  H N N 303 
LYS HXT  H N N 304 
MET N    N N N 305 
MET CA   C N S 306 
MET C    C N N 307 
MET O    O N N 308 
MET CB   C N N 309 
MET CG   C N N 310 
MET SD   S N N 311 
MET CE   C N N 312 
MET OXT  O N N 313 
MET H    H N N 314 
MET H2   H N N 315 
MET HA   H N N 316 
MET HB2  H N N 317 
MET HB3  H N N 318 
MET HG2  H N N 319 
MET HG3  H N N 320 
MET HE1  H N N 321 
MET HE2  H N N 322 
MET HE3  H N N 323 
MET HXT  H N N 324 
PHE N    N N N 325 
PHE CA   C N S 326 
PHE C    C N N 327 
PHE O    O N N 328 
PHE CB   C N N 329 
PHE CG   C Y N 330 
PHE CD1  C Y N 331 
PHE CD2  C Y N 332 
PHE CE1  C Y N 333 
PHE CE2  C Y N 334 
PHE CZ   C Y N 335 
PHE OXT  O N N 336 
PHE H    H N N 337 
PHE H2   H N N 338 
PHE HA   H N N 339 
PHE HB2  H N N 340 
PHE HB3  H N N 341 
PHE HD1  H N N 342 
PHE HD2  H N N 343 
PHE HE1  H N N 344 
PHE HE2  H N N 345 
PHE HZ   H N N 346 
PHE HXT  H N N 347 
PRO N    N N N 348 
PRO CA   C N S 349 
PRO C    C N N 350 
PRO O    O N N 351 
PRO CB   C N N 352 
PRO CG   C N N 353 
PRO CD   C N N 354 
PRO OXT  O N N 355 
PRO H    H N N 356 
PRO HA   H N N 357 
PRO HB2  H N N 358 
PRO HB3  H N N 359 
PRO HG2  H N N 360 
PRO HG3  H N N 361 
PRO HD2  H N N 362 
PRO HD3  H N N 363 
PRO HXT  H N N 364 
SER N    N N N 365 
SER CA   C N S 366 
SER C    C N N 367 
SER O    O N N 368 
SER CB   C N N 369 
SER OG   O N N 370 
SER OXT  O N N 371 
SER H    H N N 372 
SER H2   H N N 373 
SER HA   H N N 374 
SER HB2  H N N 375 
SER HB3  H N N 376 
SER HG   H N N 377 
SER HXT  H N N 378 
THR N    N N N 379 
THR CA   C N S 380 
THR C    C N N 381 
THR O    O N N 382 
THR CB   C N R 383 
THR OG1  O N N 384 
THR CG2  C N N 385 
THR OXT  O N N 386 
THR H    H N N 387 
THR H2   H N N 388 
THR HA   H N N 389 
THR HB   H N N 390 
THR HG1  H N N 391 
THR HG21 H N N 392 
THR HG22 H N N 393 
THR HG23 H N N 394 
THR HXT  H N N 395 
TRP N    N N N 396 
TRP CA   C N S 397 
TRP C    C N N 398 
TRP O    O N N 399 
TRP CB   C N N 400 
TRP CG   C Y N 401 
TRP CD1  C Y N 402 
TRP CD2  C Y N 403 
TRP NE1  N Y N 404 
TRP CE2  C Y N 405 
TRP CE3  C Y N 406 
TRP CZ2  C Y N 407 
TRP CZ3  C Y N 408 
TRP CH2  C Y N 409 
TRP OXT  O N N 410 
TRP H    H N N 411 
TRP H2   H N N 412 
TRP HA   H N N 413 
TRP HB2  H N N 414 
TRP HB3  H N N 415 
TRP HD1  H N N 416 
TRP HE1  H N N 417 
TRP HE3  H N N 418 
TRP HZ2  H N N 419 
TRP HZ3  H N N 420 
TRP HH2  H N N 421 
TRP HXT  H N N 422 
TYR N    N N N 423 
TYR CA   C N S 424 
TYR C    C N N 425 
TYR O    O N N 426 
TYR CB   C N N 427 
TYR CG   C Y N 428 
TYR CD1  C Y N 429 
TYR CD2  C Y N 430 
TYR CE1  C Y N 431 
TYR CE2  C Y N 432 
TYR CZ   C Y N 433 
TYR OH   O N N 434 
TYR OXT  O N N 435 
TYR H    H N N 436 
TYR H2   H N N 437 
TYR HA   H N N 438 
TYR HB2  H N N 439 
TYR HB3  H N N 440 
TYR HD1  H N N 441 
TYR HD2  H N N 442 
TYR HE1  H N N 443 
TYR HE2  H N N 444 
TYR HH   H N N 445 
TYR HXT  H N N 446 
VAL N    N N N 447 
VAL CA   C N S 448 
VAL C    C N N 449 
VAL O    O N N 450 
VAL CB   C N N 451 
VAL CG1  C N N 452 
VAL CG2  C N N 453 
VAL OXT  O N N 454 
VAL H    H N N 455 
VAL H2   H N N 456 
VAL HA   H N N 457 
VAL HB   H N N 458 
VAL HG11 H N N 459 
VAL HG12 H N N 460 
VAL HG13 H N N 461 
VAL HG21 H N N 462 
VAL HG22 H N N 463 
VAL HG23 H N N 464 
VAL HXT  H N N 465 
# 
loop_
_chem_comp_bond.comp_id 
_chem_comp_bond.atom_id_1 
_chem_comp_bond.atom_id_2 
_chem_comp_bond.value_order 
_chem_comp_bond.pdbx_aromatic_flag 
_chem_comp_bond.pdbx_stereo_config 
_chem_comp_bond.pdbx_ordinal 
10M O10 C22  sing N N 1   
10M C22 C21  sing N N 2   
10M C22 C11  sing N N 3   
10M C21 O9   sing N N 4   
10M C21 C14  sing N N 5   
10M C14 O3   sing N N 6   
10M C14 C12  sing N N 7   
10M O3  C15  sing N N 8   
10M C15 C20  sing N N 9   
10M C15 O4   sing N N 10  
10M C20 O8   sing N N 11  
10M C20 C19  sing N N 12  
10M C19 O7   sing N N 13  
10M C19 C18  sing N N 14  
10M C18 O6   sing N N 15  
10M C18 C16  sing N N 16  
10M C16 C17  sing N N 17  
10M C16 O4   sing N N 18  
10M C17 O5   sing N N 19  
10M C12 C13  sing N N 20  
10M C12 O1   sing N N 21  
10M C13 O2   sing N N 22  
10M O1  C11  sing N N 23  
10M C11 S    sing N N 24  
10M S   C10  sing N N 25  
10M C10 C9   sing N N 26  
10M C9  C8   sing N N 27  
10M C8  C7   sing N N 28  
10M C7  C6   sing N N 29  
10M C6  C5   sing N N 30  
10M C5  C4   sing N N 31  
10M C4  C3   sing N N 32  
10M C3  C2   sing N N 33  
10M C2  C1   sing N N 34  
10M O10 HO10 sing N N 35  
10M C22 H22  sing N N 36  
10M C21 H21  sing N N 37  
10M O9  HO9  sing N N 38  
10M C14 H14  sing N N 39  
10M C15 H15  sing N N 40  
10M C20 H20  sing N N 41  
10M O8  HO8  sing N N 42  
10M C19 H19  sing N N 43  
10M O7  HO7  sing N N 44  
10M C18 H18  sing N N 45  
10M O6  HO6  sing N N 46  
10M C16 H16  sing N N 47  
10M C17 H17  sing N N 48  
10M C17 H17A sing N N 49  
10M O5  HO5  sing N N 50  
10M C12 H12  sing N N 51  
10M C13 H13  sing N N 52  
10M C13 H13A sing N N 53  
10M O2  HO2  sing N N 54  
10M C11 H11  sing N N 55  
10M C10 H10  sing N N 56  
10M C10 H10A sing N N 57  
10M C9  H9   sing N N 58  
10M C9  H9A  sing N N 59  
10M C8  H8   sing N N 60  
10M C8  H8A  sing N N 61  
10M C7  H7   sing N N 62  
10M C7  H7A  sing N N 63  
10M C6  H6   sing N N 64  
10M C6  H6A  sing N N 65  
10M C5  H5   sing N N 66  
10M C5  H5A  sing N N 67  
10M C4  H4   sing N N 68  
10M C4  H4A  sing N N 69  
10M C3  H3   sing N N 70  
10M C3  H3A  sing N N 71  
10M C2  H2   sing N N 72  
10M C2  H2A  sing N N 73  
10M C1  H1   sing N N 74  
10M C1  H1A  sing N N 75  
10M C1  H1B  sing N N 76  
ALA N   CA   sing N N 77  
ALA N   H    sing N N 78  
ALA N   H2   sing N N 79  
ALA CA  C    sing N N 80  
ALA CA  CB   sing N N 81  
ALA CA  HA   sing N N 82  
ALA C   O    doub N N 83  
ALA C   OXT  sing N N 84  
ALA CB  HB1  sing N N 85  
ALA CB  HB2  sing N N 86  
ALA CB  HB3  sing N N 87  
ALA OXT HXT  sing N N 88  
ARG N   CA   sing N N 89  
ARG N   H    sing N N 90  
ARG N   H2   sing N N 91  
ARG CA  C    sing N N 92  
ARG CA  CB   sing N N 93  
ARG CA  HA   sing N N 94  
ARG C   O    doub N N 95  
ARG C   OXT  sing N N 96  
ARG CB  CG   sing N N 97  
ARG CB  HB2  sing N N 98  
ARG CB  HB3  sing N N 99  
ARG CG  CD   sing N N 100 
ARG CG  HG2  sing N N 101 
ARG CG  HG3  sing N N 102 
ARG CD  NE   sing N N 103 
ARG CD  HD2  sing N N 104 
ARG CD  HD3  sing N N 105 
ARG NE  CZ   sing N N 106 
ARG NE  HE   sing N N 107 
ARG CZ  NH1  sing N N 108 
ARG CZ  NH2  doub N N 109 
ARG NH1 HH11 sing N N 110 
ARG NH1 HH12 sing N N 111 
ARG NH2 HH21 sing N N 112 
ARG NH2 HH22 sing N N 113 
ARG OXT HXT  sing N N 114 
ASN N   CA   sing N N 115 
ASN N   H    sing N N 116 
ASN N   H2   sing N N 117 
ASN CA  C    sing N N 118 
ASN CA  CB   sing N N 119 
ASN CA  HA   sing N N 120 
ASN C   O    doub N N 121 
ASN C   OXT  sing N N 122 
ASN CB  CG   sing N N 123 
ASN CB  HB2  sing N N 124 
ASN CB  HB3  sing N N 125 
ASN CG  OD1  doub N N 126 
ASN CG  ND2  sing N N 127 
ASN ND2 HD21 sing N N 128 
ASN ND2 HD22 sing N N 129 
ASN OXT HXT  sing N N 130 
ASP N   CA   sing N N 131 
ASP N   H    sing N N 132 
ASP N   H2   sing N N 133 
ASP CA  C    sing N N 134 
ASP CA  CB   sing N N 135 
ASP CA  HA   sing N N 136 
ASP C   O    doub N N 137 
ASP C   OXT  sing N N 138 
ASP CB  CG   sing N N 139 
ASP CB  HB2  sing N N 140 
ASP CB  HB3  sing N N 141 
ASP CG  OD1  doub N N 142 
ASP CG  OD2  sing N N 143 
ASP OD2 HD2  sing N N 144 
ASP OXT HXT  sing N N 145 
CYS N   CA   sing N N 146 
CYS N   H    sing N N 147 
CYS N   H2   sing N N 148 
CYS CA  C    sing N N 149 
CYS CA  CB   sing N N 150 
CYS CA  HA   sing N N 151 
CYS C   O    doub N N 152 
CYS C   OXT  sing N N 153 
CYS CB  SG   sing N N 154 
CYS CB  HB2  sing N N 155 
CYS CB  HB3  sing N N 156 
CYS SG  HG   sing N N 157 
CYS OXT HXT  sing N N 158 
GLN N   CA   sing N N 159 
GLN N   H    sing N N 160 
GLN N   H2   sing N N 161 
GLN CA  C    sing N N 162 
GLN CA  CB   sing N N 163 
GLN CA  HA   sing N N 164 
GLN C   O    doub N N 165 
GLN C   OXT  sing N N 166 
GLN CB  CG   sing N N 167 
GLN CB  HB2  sing N N 168 
GLN CB  HB3  sing N N 169 
GLN CG  CD   sing N N 170 
GLN CG  HG2  sing N N 171 
GLN CG  HG3  sing N N 172 
GLN CD  OE1  doub N N 173 
GLN CD  NE2  sing N N 174 
GLN NE2 HE21 sing N N 175 
GLN NE2 HE22 sing N N 176 
GLN OXT HXT  sing N N 177 
GLU N   CA   sing N N 178 
GLU N   H    sing N N 179 
GLU N   H2   sing N N 180 
GLU CA  C    sing N N 181 
GLU CA  CB   sing N N 182 
GLU CA  HA   sing N N 183 
GLU C   O    doub N N 184 
GLU C   OXT  sing N N 185 
GLU CB  CG   sing N N 186 
GLU CB  HB2  sing N N 187 
GLU CB  HB3  sing N N 188 
GLU CG  CD   sing N N 189 
GLU CG  HG2  sing N N 190 
GLU CG  HG3  sing N N 191 
GLU CD  OE1  doub N N 192 
GLU CD  OE2  sing N N 193 
GLU OE2 HE2  sing N N 194 
GLU OXT HXT  sing N N 195 
GLY N   CA   sing N N 196 
GLY N   H    sing N N 197 
GLY N   H2   sing N N 198 
GLY CA  C    sing N N 199 
GLY CA  HA2  sing N N 200 
GLY CA  HA3  sing N N 201 
GLY C   O    doub N N 202 
GLY C   OXT  sing N N 203 
GLY OXT HXT  sing N N 204 
HIS N   CA   sing N N 205 
HIS N   H    sing N N 206 
HIS N   H2   sing N N 207 
HIS CA  C    sing N N 208 
HIS CA  CB   sing N N 209 
HIS CA  HA   sing N N 210 
HIS C   O    doub N N 211 
HIS C   OXT  sing N N 212 
HIS CB  CG   sing N N 213 
HIS CB  HB2  sing N N 214 
HIS CB  HB3  sing N N 215 
HIS CG  ND1  sing Y N 216 
HIS CG  CD2  doub Y N 217 
HIS ND1 CE1  doub Y N 218 
HIS ND1 HD1  sing N N 219 
HIS CD2 NE2  sing Y N 220 
HIS CD2 HD2  sing N N 221 
HIS CE1 NE2  sing Y N 222 
HIS CE1 HE1  sing N N 223 
HIS NE2 HE2  sing N N 224 
HIS OXT HXT  sing N N 225 
HOH O   H1   sing N N 226 
HOH O   H2   sing N N 227 
ILE N   CA   sing N N 228 
ILE N   H    sing N N 229 
ILE N   H2   sing N N 230 
ILE CA  C    sing N N 231 
ILE CA  CB   sing N N 232 
ILE CA  HA   sing N N 233 
ILE C   O    doub N N 234 
ILE C   OXT  sing N N 235 
ILE CB  CG1  sing N N 236 
ILE CB  CG2  sing N N 237 
ILE CB  HB   sing N N 238 
ILE CG1 CD1  sing N N 239 
ILE CG1 HG12 sing N N 240 
ILE CG1 HG13 sing N N 241 
ILE CG2 HG21 sing N N 242 
ILE CG2 HG22 sing N N 243 
ILE CG2 HG23 sing N N 244 
ILE CD1 HD11 sing N N 245 
ILE CD1 HD12 sing N N 246 
ILE CD1 HD13 sing N N 247 
ILE OXT HXT  sing N N 248 
LEU N   CA   sing N N 249 
LEU N   H    sing N N 250 
LEU N   H2   sing N N 251 
LEU CA  C    sing N N 252 
LEU CA  CB   sing N N 253 
LEU CA  HA   sing N N 254 
LEU C   O    doub N N 255 
LEU C   OXT  sing N N 256 
LEU CB  CG   sing N N 257 
LEU CB  HB2  sing N N 258 
LEU CB  HB3  sing N N 259 
LEU CG  CD1  sing N N 260 
LEU CG  CD2  sing N N 261 
LEU CG  HG   sing N N 262 
LEU CD1 HD11 sing N N 263 
LEU CD1 HD12 sing N N 264 
LEU CD1 HD13 sing N N 265 
LEU CD2 HD21 sing N N 266 
LEU CD2 HD22 sing N N 267 
LEU CD2 HD23 sing N N 268 
LEU OXT HXT  sing N N 269 
LYS N   CA   sing N N 270 
LYS N   H    sing N N 271 
LYS N   H2   sing N N 272 
LYS CA  C    sing N N 273 
LYS CA  CB   sing N N 274 
LYS CA  HA   sing N N 275 
LYS C   O    doub N N 276 
LYS C   OXT  sing N N 277 
LYS CB  CG   sing N N 278 
LYS CB  HB2  sing N N 279 
LYS CB  HB3  sing N N 280 
LYS CG  CD   sing N N 281 
LYS CG  HG2  sing N N 282 
LYS CG  HG3  sing N N 283 
LYS CD  CE   sing N N 284 
LYS CD  HD2  sing N N 285 
LYS CD  HD3  sing N N 286 
LYS CE  NZ   sing N N 287 
LYS CE  HE2  sing N N 288 
LYS CE  HE3  sing N N 289 
LYS NZ  HZ1  sing N N 290 
LYS NZ  HZ2  sing N N 291 
LYS NZ  HZ3  sing N N 292 
LYS OXT HXT  sing N N 293 
MET N   CA   sing N N 294 
MET N   H    sing N N 295 
MET N   H2   sing N N 296 
MET CA  C    sing N N 297 
MET CA  CB   sing N N 298 
MET CA  HA   sing N N 299 
MET C   O    doub N N 300 
MET C   OXT  sing N N 301 
MET CB  CG   sing N N 302 
MET CB  HB2  sing N N 303 
MET CB  HB3  sing N N 304 
MET CG  SD   sing N N 305 
MET CG  HG2  sing N N 306 
MET CG  HG3  sing N N 307 
MET SD  CE   sing N N 308 
MET CE  HE1  sing N N 309 
MET CE  HE2  sing N N 310 
MET CE  HE3  sing N N 311 
MET OXT HXT  sing N N 312 
PHE N   CA   sing N N 313 
PHE N   H    sing N N 314 
PHE N   H2   sing N N 315 
PHE CA  C    sing N N 316 
PHE CA  CB   sing N N 317 
PHE CA  HA   sing N N 318 
PHE C   O    doub N N 319 
PHE C   OXT  sing N N 320 
PHE CB  CG   sing N N 321 
PHE CB  HB2  sing N N 322 
PHE CB  HB3  sing N N 323 
PHE CG  CD1  doub Y N 324 
PHE CG  CD2  sing Y N 325 
PHE CD1 CE1  sing Y N 326 
PHE CD1 HD1  sing N N 327 
PHE CD2 CE2  doub Y N 328 
PHE CD2 HD2  sing N N 329 
PHE CE1 CZ   doub Y N 330 
PHE CE1 HE1  sing N N 331 
PHE CE2 CZ   sing Y N 332 
PHE CE2 HE2  sing N N 333 
PHE CZ  HZ   sing N N 334 
PHE OXT HXT  sing N N 335 
PRO N   CA   sing N N 336 
PRO N   CD   sing N N 337 
PRO N   H    sing N N 338 
PRO CA  C    sing N N 339 
PRO CA  CB   sing N N 340 
PRO CA  HA   sing N N 341 
PRO C   O    doub N N 342 
PRO C   OXT  sing N N 343 
PRO CB  CG   sing N N 344 
PRO CB  HB2  sing N N 345 
PRO CB  HB3  sing N N 346 
PRO CG  CD   sing N N 347 
PRO CG  HG2  sing N N 348 
PRO CG  HG3  sing N N 349 
PRO CD  HD2  sing N N 350 
PRO CD  HD3  sing N N 351 
PRO OXT HXT  sing N N 352 
SER N   CA   sing N N 353 
SER N   H    sing N N 354 
SER N   H2   sing N N 355 
SER CA  C    sing N N 356 
SER CA  CB   sing N N 357 
SER CA  HA   sing N N 358 
SER C   O    doub N N 359 
SER C   OXT  sing N N 360 
SER CB  OG   sing N N 361 
SER CB  HB2  sing N N 362 
SER CB  HB3  sing N N 363 
SER OG  HG   sing N N 364 
SER OXT HXT  sing N N 365 
THR N   CA   sing N N 366 
THR N   H    sing N N 367 
THR N   H2   sing N N 368 
THR CA  C    sing N N 369 
THR CA  CB   sing N N 370 
THR CA  HA   sing N N 371 
THR C   O    doub N N 372 
THR C   OXT  sing N N 373 
THR CB  OG1  sing N N 374 
THR CB  CG2  sing N N 375 
THR CB  HB   sing N N 376 
THR OG1 HG1  sing N N 377 
THR CG2 HG21 sing N N 378 
THR CG2 HG22 sing N N 379 
THR CG2 HG23 sing N N 380 
THR OXT HXT  sing N N 381 
TRP N   CA   sing N N 382 
TRP N   H    sing N N 383 
TRP N   H2   sing N N 384 
TRP CA  C    sing N N 385 
TRP CA  CB   sing N N 386 
TRP CA  HA   sing N N 387 
TRP C   O    doub N N 388 
TRP C   OXT  sing N N 389 
TRP CB  CG   sing N N 390 
TRP CB  HB2  sing N N 391 
TRP CB  HB3  sing N N 392 
TRP CG  CD1  doub Y N 393 
TRP CG  CD2  sing Y N 394 
TRP CD1 NE1  sing Y N 395 
TRP CD1 HD1  sing N N 396 
TRP CD2 CE2  doub Y N 397 
TRP CD2 CE3  sing Y N 398 
TRP NE1 CE2  sing Y N 399 
TRP NE1 HE1  sing N N 400 
TRP CE2 CZ2  sing Y N 401 
TRP CE3 CZ3  doub Y N 402 
TRP CE3 HE3  sing N N 403 
TRP CZ2 CH2  doub Y N 404 
TRP CZ2 HZ2  sing N N 405 
TRP CZ3 CH2  sing Y N 406 
TRP CZ3 HZ3  sing N N 407 
TRP CH2 HH2  sing N N 408 
TRP OXT HXT  sing N N 409 
TYR N   CA   sing N N 410 
TYR N   H    sing N N 411 
TYR N   H2   sing N N 412 
TYR CA  C    sing N N 413 
TYR CA  CB   sing N N 414 
TYR CA  HA   sing N N 415 
TYR C   O    doub N N 416 
TYR C   OXT  sing N N 417 
TYR CB  CG   sing N N 418 
TYR CB  HB2  sing N N 419 
TYR CB  HB3  sing N N 420 
TYR CG  CD1  doub Y N 421 
TYR CG  CD2  sing Y N 422 
TYR CD1 CE1  sing Y N 423 
TYR CD1 HD1  sing N N 424 
TYR CD2 CE2  doub Y N 425 
TYR CD2 HD2  sing N N 426 
TYR CE1 CZ   doub Y N 427 
TYR CE1 HE1  sing N N 428 
TYR CE2 CZ   sing Y N 429 
TYR CE2 HE2  sing N N 430 
TYR CZ  OH   sing N N 431 
TYR OH  HH   sing N N 432 
TYR OXT HXT  sing N N 433 
VAL N   CA   sing N N 434 
VAL N   H    sing N N 435 
VAL N   H2   sing N N 436 
VAL CA  C    sing N N 437 
VAL CA  CB   sing N N 438 
VAL CA  HA   sing N N 439 
VAL C   O    doub N N 440 
VAL C   OXT  sing N N 441 
VAL CB  CG1  sing N N 442 
VAL CB  CG2  sing N N 443 
VAL CB  HB   sing N N 444 
VAL CG1 HG11 sing N N 445 
VAL CG1 HG12 sing N N 446 
VAL CG1 HG13 sing N N 447 
VAL CG2 HG21 sing N N 448 
VAL CG2 HG22 sing N N 449 
VAL CG2 HG23 sing N N 450 
VAL OXT HXT  sing N N 451 
# 
_pdbx_initial_refinement_model.id               1 
_pdbx_initial_refinement_model.entity_id_list   ? 
_pdbx_initial_refinement_model.type             'experimental model' 
_pdbx_initial_refinement_model.source_name      PDB 
_pdbx_initial_refinement_model.accession_code   3C59 
_pdbx_initial_refinement_model.details          'PDB entry 3C59 without the ligand present' 
# 
_atom_sites.entry_id                    3C5T 
_atom_sites.fract_transf_matrix[1][1]   0.00634182 
_atom_sites.fract_transf_matrix[1][2]   -0.00387171 
_atom_sites.fract_transf_matrix[1][3]   0.01327292 
_atom_sites.fract_transf_matrix[2][1]   0.00392674 
_atom_sites.fract_transf_matrix[2][2]   -0.01445951 
_atom_sites.fract_transf_matrix[2][3]   0.00262257 
_atom_sites.fract_transf_matrix[3][1]   0.01033495 
_atom_sites.fract_transf_matrix[3][2]   0.00201776 
_atom_sites.fract_transf_matrix[3][3]   -0.00434947 
_atom_sites.fract_transf_vector[1]      -0.291512 
_atom_sites.fract_transf_vector[2]      0.298691 
_atom_sites.fract_transf_vector[3]      -0.081331 
# 
loop_
_atom_type.symbol 
C 
N 
O 
S 
# 
loop_
_atom_site.group_PDB 
_atom_site.id 
_atom_site.type_symbol 
_atom_site.label_atom_id 
_atom_site.label_alt_id 
_atom_site.label_comp_id 
_atom_site.label_asym_id 
_atom_site.label_entity_id 
_atom_site.label_seq_id 
_atom_site.pdbx_PDB_ins_code 
_atom_site.Cartn_x 
_atom_site.Cartn_y 
_atom_site.Cartn_z 
_atom_site.occupancy 
_atom_site.B_iso_or_equiv 
_atom_site.pdbx_formal_charge 
_atom_site.auth_seq_id 
_atom_site.auth_comp_id 
_atom_site.auth_asym_id 
_atom_site.auth_atom_id 
_atom_site.pdbx_PDB_model_num 
ATOM   1    N N   . ALA A 1 5   ? -2.748  2.441   -20.173 1.00 64.71 ? 28  ALA A N   1 
ATOM   2    C CA  . ALA A 1 5   ? -3.224  3.192   -21.379 1.00 64.40 ? 28  ALA A CA  1 
ATOM   3    C C   . ALA A 1 5   ? -4.536  3.962   -21.118 1.00 63.95 ? 28  ALA A C   1 
ATOM   4    O O   . ALA A 1 5   ? -4.639  5.155   -21.464 1.00 64.34 ? 28  ALA A O   1 
ATOM   5    C CB  . ALA A 1 5   ? -3.363  2.252   -22.597 1.00 64.47 ? 28  ALA A CB  1 
ATOM   6    N N   . THR A 1 6   ? -5.536  3.288   -20.536 1.00 62.65 ? 29  THR A N   1 
ATOM   7    C CA  . THR A 1 6   ? -6.802  3.962   -20.207 1.00 61.06 ? 29  THR A CA  1 
ATOM   8    C C   . THR A 1 6   ? -6.682  4.726   -18.905 1.00 58.42 ? 29  THR A C   1 
ATOM   9    O O   . THR A 1 6   ? -6.145  4.241   -17.906 1.00 59.10 ? 29  THR A O   1 
ATOM   10   C CB  . THR A 1 6   ? -8.060  3.020   -20.101 1.00 61.98 ? 29  THR A CB  1 
ATOM   11   O OG1 . THR A 1 6   ? -7.845  2.014   -19.094 1.00 63.81 ? 29  THR A OG1 1 
ATOM   12   C CG2 . THR A 1 6   ? -8.438  2.382   -21.467 1.00 62.24 ? 29  THR A CG2 1 
ATOM   13   N N   . VAL A 1 7   ? -7.179  5.943   -18.944 1.00 54.84 ? 30  VAL A N   1 
ATOM   14   C CA  . VAL A 1 7   ? -7.287  6.760   -17.768 1.00 51.25 ? 30  VAL A CA  1 
ATOM   15   C C   . VAL A 1 7   ? -8.752  6.668   -17.332 1.00 48.94 ? 30  VAL A C   1 
ATOM   16   O O   . VAL A 1 7   ? -9.662  6.930   -18.142 1.00 48.76 ? 30  VAL A O   1 
ATOM   17   C CB  . VAL A 1 7   ? -6.879  8.215   -18.122 1.00 51.40 ? 30  VAL A CB  1 
ATOM   18   C CG1 . VAL A 1 7   ? -7.249  9.187   -17.006 1.00 50.73 ? 30  VAL A CG1 1 
ATOM   19   C CG2 . VAL A 1 7   ? -5.382  8.273   -18.460 1.00 51.36 ? 30  VAL A CG2 1 
ATOM   20   N N   . SER A 1 8   ? -8.998  6.250   -16.092 1.00 44.58 ? 31  SER A N   1 
ATOM   21   C CA  . SER A 1 8   ? -10.350 6.305   -15.572 1.00 39.76 ? 31  SER A CA  1 
ATOM   22   C C   . SER A 1 8   ? -10.324 6.378   -14.060 1.00 37.21 ? 31  SER A C   1 
ATOM   23   O O   . SER A 1 8   ? -9.875  5.448   -13.406 1.00 36.21 ? 31  SER A O   1 
ATOM   24   C CB  . SER A 1 8   ? -11.133 5.093   -16.045 1.00 41.10 ? 31  SER A CB  1 
ATOM   25   O OG  . SER A 1 8   ? -12.435 5.098   -15.484 1.00 39.11 ? 31  SER A OG  1 
ATOM   26   N N   . LEU A 1 9   ? -10.762 7.504   -13.499 1.00 34.44 ? 32  LEU A N   1 
ATOM   27   C CA  . LEU A 1 9   ? -10.826 7.648   -12.054 1.00 33.19 ? 32  LEU A CA  1 
ATOM   28   C C   . LEU A 1 9   ? -11.775 6.565   -11.503 1.00 33.86 ? 32  LEU A C   1 
ATOM   29   O O   . LEU A 1 9   ? -11.468 5.867   -10.528 1.00 33.11 ? 32  LEU A O   1 
ATOM   30   C CB  . LEU A 1 9   ? -11.239 9.093   -11.672 1.00 32.23 ? 32  LEU A CB  1 
ATOM   31   C CG  . LEU A 1 9   ? -11.511 9.359   -10.174 1.00 31.63 ? 32  LEU A CG  1 
ATOM   32   C CD1 . LEU A 1 9   ? -10.276 9.187   -9.266  1.00 31.96 ? 32  LEU A CD1 1 
ATOM   33   C CD2 . LEU A 1 9   ? -12.243 10.689  -9.899  1.00 32.54 ? 32  LEU A CD2 1 
ATOM   34   N N   . TRP A 1 10  ? -12.903 6.391   -12.185 1.00 35.68 ? 33  TRP A N   1 
ATOM   35   C CA  . TRP A 1 10  ? -13.903 5.410   -11.824 1.00 37.11 ? 33  TRP A CA  1 
ATOM   36   C C   . TRP A 1 10  ? -13.333 3.979   -11.765 1.00 36.01 ? 33  TRP A C   1 
ATOM   37   O O   . TRP A 1 10  ? -13.436 3.293   -10.730 1.00 35.05 ? 33  TRP A O   1 
ATOM   38   C CB  . TRP A 1 10  ? -15.074 5.500   -12.812 1.00 40.31 ? 33  TRP A CB  1 
ATOM   39   C CG  . TRP A 1 10  ? -16.133 4.511   -12.479 1.00 44.28 ? 33  TRP A CG  1 
ATOM   40   C CD1 . TRP A 1 10  ? -16.322 3.268   -13.048 1.00 48.67 ? 33  TRP A CD1 1 
ATOM   41   C CD2 . TRP A 1 10  ? -17.129 4.640   -11.459 1.00 48.06 ? 33  TRP A CD2 1 
ATOM   42   N NE1 . TRP A 1 10  ? -17.396 2.635   -12.454 1.00 49.08 ? 33  TRP A NE1 1 
ATOM   43   C CE2 . TRP A 1 10  ? -17.903 3.452   -11.475 1.00 48.28 ? 33  TRP A CE2 1 
ATOM   44   C CE3 . TRP A 1 10  ? -17.454 5.653   -10.542 1.00 50.34 ? 33  TRP A CE3 1 
ATOM   45   C CZ2 . TRP A 1 10  ? -18.981 3.250   -10.610 1.00 48.58 ? 33  TRP A CZ2 1 
ATOM   46   C CZ3 . TRP A 1 10  ? -18.536 5.453   -9.683  1.00 49.37 ? 33  TRP A CZ3 1 
ATOM   47   C CH2 . TRP A 1 10  ? -19.284 4.254   -9.726  1.00 47.80 ? 33  TRP A CH2 1 
ATOM   48   N N   . GLU A 1 11  ? -12.717 3.525   -12.863 1.00 34.41 ? 34  GLU A N   1 
ATOM   49   C CA  . GLU A 1 11  ? -12.022 2.238   -12.859 1.00 34.70 ? 34  GLU A CA  1 
ATOM   50   C C   . GLU A 1 11  ? -10.960 2.123   -11.778 1.00 31.44 ? 34  GLU A C   1 
ATOM   51   O O   . GLU A 1 11  ? -10.852 1.091   -11.129 1.00 30.98 ? 34  GLU A O   1 
ATOM   52   C CB  . GLU A 1 11  ? -11.378 1.925   -14.206 1.00 34.42 ? 34  GLU A CB  1 
ATOM   53   C CG  . GLU A 1 11  ? -12.410 1.803   -15.375 1.00 40.43 ? 34  GLU A CG  1 
ATOM   54   C CD  . GLU A 1 11  ? -11.743 1.404   -16.726 1.00 41.42 ? 34  GLU A CD  1 
ATOM   55   O OE1 . GLU A 1 11  ? -12.441 1.445   -17.772 1.00 50.64 ? 34  GLU A OE1 1 
ATOM   56   O OE2 . GLU A 1 11  ? -10.520 1.048   -16.733 1.00 50.46 ? 34  GLU A OE2 1 
ATOM   57   N N   . THR A 1 12  ? -10.179 3.175   -11.549 1.00 28.53 ? 35  THR A N   1 
ATOM   58   C CA  . THR A 1 12  ? -9.141  3.072   -10.528 1.00 26.94 ? 35  THR A CA  1 
ATOM   59   C C   . THR A 1 12  ? -9.705  2.961   -9.126  1.00 25.51 ? 35  THR A C   1 
ATOM   60   O O   . THR A 1 12  ? -9.167  2.221   -8.294  1.00 24.12 ? 35  THR A O   1 
ATOM   61   C CB  . THR A 1 12  ? -8.119  4.297   -10.611 1.00 27.93 ? 35  THR A CB  1 
ATOM   62   O OG1 . THR A 1 12  ? -7.512  4.291   -11.911 1.00 27.99 ? 35  THR A OG1 1 
ATOM   63   C CG2 . THR A 1 12  ? -7.022  4.182   -9.568  1.00 28.14 ? 35  THR A CG2 1 
ATOM   64   N N   . VAL A 1 13  ? -10.727 3.759   -8.809  1.00 27.13 ? 36  VAL A N   1 
ATOM   65   C CA  . VAL A 1 13  ? -11.411 3.647   -7.480  1.00 27.86 ? 36  VAL A CA  1 
ATOM   66   C C   . VAL A 1 13  ? -11.991 2.228   -7.294  1.00 28.27 ? 36  VAL A C   1 
ATOM   67   O O   . VAL A 1 13  ? -11.861 1.586   -6.263  1.00 29.68 ? 36  VAL A O   1 
ATOM   68   C CB  . VAL A 1 13  ? -12.532 4.786   -7.358  1.00 29.39 ? 36  VAL A CB  1 
ATOM   69   C CG1 . VAL A 1 13  ? -13.514 4.547   -6.111  1.00 31.41 ? 36  VAL A CG1 1 
ATOM   70   C CG2 . VAL A 1 13  ? -11.894 6.184   -7.304  1.00 28.64 ? 36  VAL A CG2 1 
ATOM   71   N N   . GLN A 1 14  ? -12.607 1.703   -8.328  1.00 28.51 ? 37  GLN A N   1 
ATOM   72   C CA  . GLN A 1 14  ? -13.172 0.354   -8.247  1.00 29.89 ? 37  GLN A CA  1 
ATOM   73   C C   . GLN A 1 14  ? -12.097 -0.728  -8.047  1.00 29.84 ? 37  GLN A C   1 
ATOM   74   O O   . GLN A 1 14  ? -12.297 -1.691  -7.300  1.00 28.36 ? 37  GLN A O   1 
ATOM   75   C CB  . GLN A 1 14  ? -13.996 0.073   -9.510  1.00 30.33 ? 37  GLN A CB  1 
ATOM   76   C CG  . GLN A 1 14  ? -15.332 0.917   -9.550  1.00 35.96 ? 37  GLN A CG  1 
ATOM   77   C CD  . GLN A 1 14  ? -16.386 0.443   -8.494  1.00 44.74 ? 37  GLN A CD  1 
ATOM   78   O OE1 . GLN A 1 14  ? -16.323 0.800   -7.311  1.00 45.42 ? 37  GLN A OE1 1 
ATOM   79   N NE2 . GLN A 1 14  ? -17.358 -0.362  -8.944  1.00 46.89 ? 37  GLN A NE2 1 
ATOM   80   N N   . LYS A 1 15  ? -10.946 -0.584  -8.716  1.00 28.50 ? 38  LYS A N   1 
ATOM   81   C CA  . LYS A 1 15  ? -9.834  -1.507  -8.437  1.00 27.54 ? 38  LYS A CA  1 
ATOM   82   C C   . LYS A 1 15  ? -9.339  -1.366  -7.043  1.00 25.74 ? 38  LYS A C   1 
ATOM   83   O O   . LYS A 1 15  ? -9.028  -2.350  -6.420  1.00 27.06 ? 38  LYS A O   1 
ATOM   84   C CB  . LYS A 1 15  ? -8.652  -1.286  -9.432  1.00 28.67 ? 38  LYS A CB  1 
ATOM   85   C CG  . LYS A 1 15  ? -8.974  -1.635  -10.847 1.00 29.72 ? 38  LYS A CG  1 
ATOM   86   C CD  . LYS A 1 15  ? -7.704  -1.512  -11.714 1.00 29.82 ? 38  LYS A CD  1 
ATOM   87   C CE  . LYS A 1 15  ? -8.097  -1.872  -13.140 1.00 37.29 ? 38  LYS A CE  1 
ATOM   88   N NZ  . LYS A 1 15  ? -6.804  -1.948  -13.969 1.00 45.39 ? 38  LYS A NZ  1 
ATOM   89   N N   . TRP A 1 16  ? -9.209  -0.140  -6.549  1.00 25.90 ? 39  TRP A N   1 
ATOM   90   C CA  . TRP A 1 16  ? -8.798  0.058   -5.151  1.00 26.02 ? 39  TRP A CA  1 
ATOM   91   C C   . TRP A 1 16  ? -9.802  -0.618  -4.169  1.00 26.94 ? 39  TRP A C   1 
ATOM   92   O O   . TRP A 1 16  ? -9.392  -1.305  -3.203  1.00 26.53 ? 39  TRP A O   1 
ATOM   93   C CB  . TRP A 1 16  ? -8.708  1.540   -4.797  1.00 25.64 ? 39  TRP A CB  1 
ATOM   94   C CG  . TRP A 1 16  ? -8.456  1.761   -3.294  1.00 28.00 ? 39  TRP A CG  1 
ATOM   95   C CD1 . TRP A 1 16  ? -7.278  1.557   -2.617  1.00 29.42 ? 39  TRP A CD1 1 
ATOM   96   C CD2 . TRP A 1 16  ? -9.433  2.141   -2.280  1.00 28.80 ? 39  TRP A CD2 1 
ATOM   97   N NE1 . TRP A 1 16  ? -7.463  1.805   -1.260  1.00 29.37 ? 39  TRP A NE1 1 
ATOM   98   C CE2 . TRP A 1 16  ? -8.764  2.194   -1.047  1.00 28.29 ? 39  TRP A CE2 1 
ATOM   99   C CE3 . TRP A 1 16  ? -10.801 2.492   -2.321  1.00 31.57 ? 39  TRP A CE3 1 
ATOM   100  C CZ2 . TRP A 1 16  ? -9.411  2.564   0.148   1.00 29.40 ? 39  TRP A CZ2 1 
ATOM   101  C CZ3 . TRP A 1 16  ? -11.442 2.868   -1.133  1.00 29.16 ? 39  TRP A CZ3 1 
ATOM   102  C CH2 . TRP A 1 16  ? -10.757 2.865   0.085   1.00 28.23 ? 39  TRP A CH2 1 
ATOM   103  N N   . ARG A 1 17  ? -11.112 -0.429  -4.399  1.00 27.26 ? 40  ARG A N   1 
ATOM   104  C CA  . ARG A 1 17  ? -12.115 -1.100  -3.510  1.00 26.59 ? 40  ARG A CA  1 
ATOM   105  C C   . ARG A 1 17  ? -11.970 -2.611  -3.579  1.00 25.87 ? 40  ARG A C   1 
ATOM   106  O O   . ARG A 1 17  ? -12.032 -3.288  -2.592  1.00 25.68 ? 40  ARG A O   1 
ATOM   107  C CB  . ARG A 1 17  ? -13.534 -0.668  -3.909  1.00 26.83 ? 40  ARG A CB  1 
ATOM   108  C CG  . ARG A 1 17  ? -13.877 0.778   -3.662  1.00 25.12 ? 40  ARG A CG  1 
ATOM   109  C CD  . ARG A 1 17  ? -15.341 1.016   -4.118  1.00 30.23 ? 40  ARG A CD  1 
ATOM   110  N NE  . ARG A 1 17  ? -16.269 0.162   -3.327  1.00 34.08 ? 40  ARG A NE  1 
ATOM   111  C CZ  . ARG A 1 17  ? -17.536 -0.103  -3.685  1.00 37.94 ? 40  ARG A CZ  1 
ATOM   112  N NH1 . ARG A 1 17  ? -18.045 0.384   -4.808  1.00 35.63 ? 40  ARG A NH1 1 
ATOM   113  N NH2 . ARG A 1 17  ? -18.284 -0.870  -2.926  1.00 37.70 ? 40  ARG A NH2 1 
ATOM   114  N N   . GLU A 1 18  ? -11.720 -3.171  -4.748  1.00 27.51 ? 41  GLU A N   1 
ATOM   115  C CA  . GLU A 1 18  ? -11.442 -4.636  -4.840  1.00 26.61 ? 41  GLU A CA  1 
ATOM   116  C C   . GLU A 1 18  ? -10.167 -5.071  -4.126  1.00 27.18 ? 41  GLU A C   1 
ATOM   117  O O   . GLU A 1 18  ? -10.110 -6.106  -3.462  1.00 26.58 ? 41  GLU A O   1 
ATOM   118  C CB  . GLU A 1 18  ? -11.387 -5.060  -6.319  1.00 28.59 ? 41  GLU A CB  1 
ATOM   119  C CG  . GLU A 1 18  ? -11.320 -6.580  -6.655  1.00 28.65 ? 41  GLU A CG  1 
ATOM   120  C CD  . GLU A 1 18  ? -12.352 -7.451  -5.879  1.00 34.40 ? 41  GLU A CD  1 
ATOM   121  O OE1 . GLU A 1 18  ? -13.399 -6.919  -5.459  1.00 33.43 ? 41  GLU A OE1 1 
ATOM   122  O OE2 . GLU A 1 18  ? -12.108 -8.660  -5.689  1.00 32.12 ? 41  GLU A OE2 1 
ATOM   123  N N   . TYR A 1 19  ? -9.085  -4.315  -4.306  1.00 26.85 ? 42  TYR A N   1 
ATOM   124  C CA  . TYR A 1 19  ? -7.856  -4.619  -3.567  1.00 26.23 ? 42  TYR A CA  1 
ATOM   125  C C   . TYR A 1 19  ? -8.151  -4.530  -2.058  1.00 26.56 ? 42  TYR A C   1 
ATOM   126  O O   . TYR A 1 19  ? -7.642  -5.318  -1.242  1.00 27.06 ? 42  TYR A O   1 
ATOM   127  C CB  . TYR A 1 19  ? -6.793  -3.542  -3.933  1.00 25.58 ? 42  TYR A CB  1 
ATOM   128  C CG  . TYR A 1 19  ? -5.449  -3.742  -3.267  1.00 25.84 ? 42  TYR A CG  1 
ATOM   129  C CD1 . TYR A 1 19  ? -4.375  -4.349  -3.944  1.00 27.78 ? 42  TYR A CD1 1 
ATOM   130  C CD2 . TYR A 1 19  ? -5.212  -3.252  -1.976  1.00 28.46 ? 42  TYR A CD2 1 
ATOM   131  C CE1 . TYR A 1 19  ? -3.090  -4.493  -3.304  1.00 22.13 ? 42  TYR A CE1 1 
ATOM   132  C CE2 . TYR A 1 19  ? -3.940  -3.397  -1.336  1.00 27.03 ? 42  TYR A CE2 1 
ATOM   133  C CZ  . TYR A 1 19  ? -2.901  -4.012  -2.029  1.00 24.58 ? 42  TYR A CZ  1 
ATOM   134  O OH  . TYR A 1 19  ? -1.684  -4.132  -1.398  1.00 27.48 ? 42  TYR A OH  1 
ATOM   135  N N   . ARG A 1 20  ? -8.927  -3.528  -1.652  1.00 26.37 ? 43  ARG A N   1 
ATOM   136  C CA  . ARG A 1 20  ? -9.290  -3.416  -0.196  1.00 27.37 ? 43  ARG A CA  1 
ATOM   137  C C   . ARG A 1 20  ? -10.125 -4.647  0.321   1.00 27.73 ? 43  ARG A C   1 
ATOM   138  O O   . ARG A 1 20  ? -9.858  -5.213  1.397   1.00 27.72 ? 43  ARG A O   1 
ATOM   139  C CB  . ARG A 1 20  ? -10.076 -2.129  -0.012  1.00 27.33 ? 43  ARG A CB  1 
ATOM   140  C CG  . ARG A 1 20  ? -10.676 -1.947  1.355   1.00 27.38 ? 43  ARG A CG  1 
ATOM   141  C CD  . ARG A 1 20  ? -11.419 -0.685  1.352   1.00 27.55 ? 43  ARG A CD  1 
ATOM   142  N NE  . ARG A 1 20  ? -12.026 -0.394  2.643   1.00 36.00 ? 43  ARG A NE  1 
ATOM   143  C CZ  . ARG A 1 20  ? -13.316 -0.668  2.939   1.00 39.18 ? 43  ARG A CZ  1 
ATOM   144  N NH1 . ARG A 1 20  ? -14.116 -1.243  2.035   1.00 37.12 ? 43  ARG A NH1 1 
ATOM   145  N NH2 . ARG A 1 20  ? -13.819 -0.370  4.143   1.00 38.33 ? 43  ARG A NH2 1 
ATOM   146  N N   . ARG A 1 21  ? -11.094 -5.073  -0.485  1.00 27.72 ? 44  ARG A N   1 
ATOM   147  C CA  . ARG A 1 21  ? -11.927 -6.260  -0.174  1.00 28.45 ? 44  ARG A CA  1 
ATOM   148  C C   . ARG A 1 21  ? -11.087 -7.511  -0.048  1.00 29.10 ? 44  ARG A C   1 
ATOM   149  O O   . ARG A 1 21  ? -11.154 -8.214  0.943   1.00 27.88 ? 44  ARG A O   1 
ATOM   150  C CB  . ARG A 1 21  ? -12.979 -6.456  -1.286  1.00 27.55 ? 44  ARG A CB  1 
ATOM   151  C CG  . ARG A 1 21  ? -14.062 -7.523  -0.980  1.00 27.49 ? 44  ARG A CG  1 
ATOM   152  C CD  . ARG A 1 21  ? -15.054 -7.558  -2.080  1.00 24.59 ? 44  ARG A CD  1 
ATOM   153  N NE  . ARG A 1 21  ? -14.533 -8.290  -3.215  1.00 33.31 ? 44  ARG A NE  1 
ATOM   154  C CZ  . ARG A 1 21  ? -14.642 -9.602  -3.399  1.00 39.87 ? 44  ARG A CZ  1 
ATOM   155  N NH1 . ARG A 1 21  ? -15.342 -10.362 -2.554  1.00 41.14 ? 44  ARG A NH1 1 
ATOM   156  N NH2 . ARG A 1 21  ? -14.080 -10.153 -4.464  1.00 40.87 ? 44  ARG A NH2 1 
ATOM   157  N N   . GLN A 1 22  ? -10.230 -7.769  -1.051  1.00 30.83 ? 45  GLN A N   1 
ATOM   158  C CA  . GLN A 1 22  ? -9.280  -8.918  -0.970  1.00 30.49 ? 45  GLN A CA  1 
ATOM   159  C C   . GLN A 1 22  ? -8.377  -8.833  0.222   1.00 29.56 ? 45  GLN A C   1 
ATOM   160  O O   . GLN A 1 22  ? -8.093  -9.822  0.864   1.00 30.78 ? 45  GLN A O   1 
ATOM   161  C CB  . GLN A 1 22  ? -8.484  -8.984  -2.281  1.00 32.15 ? 45  GLN A CB  1 
ATOM   162  C CG  . GLN A 1 22  ? -9.425  -9.342  -3.446  1.00 34.16 ? 45  GLN A CG  1 
ATOM   163  C CD  . GLN A 1 22  ? -8.674  -9.485  -4.776  1.00 38.67 ? 45  GLN A CD  1 
ATOM   164  O OE1 . GLN A 1 22  ? -7.456  -9.595  -4.782  1.00 45.57 ? 45  GLN A OE1 1 
ATOM   165  N NE2 . GLN A 1 22  ? -9.393  -9.459  -5.885  1.00 35.86 ? 45  GLN A NE2 1 
ATOM   166  N N   . CYS A 1 23  ? -7.887  -7.641  0.523   1.00 29.92 ? 46  CYS A N   1 
ATOM   167  C CA  . CYS A 1 23  ? -7.029  -7.435  1.690   1.00 30.06 ? 46  CYS A CA  1 
ATOM   168  C C   . CYS A 1 23  ? -7.767  -7.779  2.977   1.00 30.56 ? 46  CYS A C   1 
ATOM   169  O O   . CYS A 1 23  ? -7.231  -8.486  3.830   1.00 31.47 ? 46  CYS A O   1 
ATOM   170  C CB  . CYS A 1 23  ? -6.555  -5.974  1.742   1.00 29.12 ? 46  CYS A CB  1 
ATOM   171  S SG  . CYS A 1 23  ? -5.488  -5.677  3.142   1.00 33.76 ? 46  CYS A SG  1 
ATOM   172  N N   . GLN A 1 24  ? -9.005  -7.279  3.118   1.00 30.07 ? 47  GLN A N   1 
ATOM   173  C CA  . GLN A 1 24  ? -9.779  -7.541  4.349   1.00 30.54 ? 47  GLN A CA  1 
ATOM   174  C C   . GLN A 1 24  ? -9.987  -9.035  4.508   1.00 28.82 ? 47  GLN A C   1 
ATOM   175  O O   . GLN A 1 24  ? -9.863  -9.573  5.598   1.00 28.77 ? 47  GLN A O   1 
ATOM   176  C CB  . GLN A 1 24  ? -11.088 -6.738  4.322   1.00 30.09 ? 47  GLN A CB  1 
ATOM   177  C CG  . GLN A 1 24  ? -10.791 -5.316  4.817   1.00 36.29 ? 47  GLN A CG  1 
ATOM   178  C CD  . GLN A 1 24  ? -11.915 -4.349  4.585   1.00 44.53 ? 47  GLN A CD  1 
ATOM   179  O OE1 . GLN A 1 24  ? -12.744 -4.535  3.687   1.00 49.68 ? 47  GLN A OE1 1 
ATOM   180  N NE2 . GLN A 1 24  ? -11.941 -3.274  5.384   1.00 45.95 ? 47  GLN A NE2 1 
ATOM   181  N N   . ARG A 1 25  ? -10.193 -9.720  3.400   1.00 29.14 ? 48  ARG A N   1 
ATOM   182  C CA  . ARG A 1 25  ? -10.342 -11.183 3.473   1.00 31.94 ? 48  ARG A CA  1 
ATOM   183  C C   . ARG A 1 25  ? -9.092  -11.848 4.046   1.00 31.77 ? 48  ARG A C   1 
ATOM   184  O O   . ARG A 1 25  ? -9.171  -12.658 4.964   1.00 33.04 ? 48  ARG A O   1 
ATOM   185  C CB  . ARG A 1 25  ? -10.709 -11.764 2.094   1.00 32.17 ? 48  ARG A CB  1 
ATOM   186  C CG  . ARG A 1 25  ? -11.071 -13.291 2.111   1.00 36.83 ? 48  ARG A CG  1 
ATOM   187  C CD  . ARG A 1 25  ? -12.360 -13.617 2.912   1.00 43.02 ? 48  ARG A CD  1 
ATOM   188  N NE  . ARG A 1 25  ? -13.488 -13.181 2.105   1.00 46.84 ? 48  ARG A NE  1 
ATOM   189  C CZ  . ARG A 1 25  ? -14.207 -13.971 1.316   1.00 46.51 ? 48  ARG A CZ  1 
ATOM   190  N NH1 . ARG A 1 25  ? -13.991 -15.280 1.264   1.00 45.77 ? 48  ARG A NH1 1 
ATOM   191  N NH2 . ARG A 1 25  ? -15.146 -13.426 0.577   1.00 49.95 ? 48  ARG A NH2 1 
ATOM   192  N N   . SER A 1 26  ? -7.920  -11.475 3.533   1.00 32.32 ? 49  SER A N   1 
ATOM   193  C CA  . SER A 1 26  ? -6.608  -11.942 4.076   1.00 30.62 ? 49  SER A CA  1 
ATOM   194  C C   . SER A 1 26  ? -6.436  -11.606 5.542   1.00 30.65 ? 49  SER A C   1 
ATOM   195  O O   . SER A 1 26  ? -6.028  -12.443 6.346   1.00 30.48 ? 49  SER A O   1 
ATOM   196  C CB  . SER A 1 26  ? -5.461  -11.286 3.275   1.00 32.49 ? 49  SER A CB  1 
ATOM   197  O OG  . SER A 1 26  ? -5.582  -11.693 1.920   1.00 29.29 ? 49  SER A OG  1 
ATOM   198  N N   . LEU A 1 27  ? -6.775  -10.384 5.914   1.00 30.20 ? 50  LEU A N   1 
ATOM   199  C CA  . LEU A 1 27  ? -6.636  -9.998  7.298   1.00 30.31 ? 50  LEU A CA  1 
ATOM   200  C C   . LEU A 1 27  ? -7.518  -10.907 8.185   1.00 31.16 ? 50  LEU A C   1 
ATOM   201  O O   . LEU A 1 27  ? -7.105  -11.295 9.246   1.00 31.57 ? 50  LEU A O   1 
ATOM   202  C CB  . LEU A 1 27  ? -7.024  -8.538  7.486   1.00 29.78 ? 50  LEU A CB  1 
ATOM   203  C CG  . LEU A 1 27  ? -6.205  -7.452  6.745   1.00 32.68 ? 50  LEU A CG  1 
ATOM   204  C CD1 . LEU A 1 27  ? -6.764  -6.101  7.094   1.00 30.10 ? 50  LEU A CD1 1 
ATOM   205  C CD2 . LEU A 1 27  ? -4.678  -7.492  7.070   1.00 29.71 ? 50  LEU A CD2 1 
ATOM   206  N N   . THR A 1 28  ? -8.725  -11.237 7.719   1.00 32.11 ? 51  THR A N   1 
ATOM   207  C CA  . THR A 1 28  ? -9.647  -12.048 8.512   1.00 32.18 ? 51  THR A CA  1 
ATOM   208  C C   . THR A 1 28  ? -9.201  -13.485 8.509   1.00 32.77 ? 51  THR A C   1 
ATOM   209  O O   . THR A 1 28  ? -9.131  -14.094 9.534   1.00 32.50 ? 51  THR A O   1 
ATOM   210  C CB  . THR A 1 28  ? -11.085 -11.946 7.971   1.00 32.29 ? 51  THR A CB  1 
ATOM   211  O OG1 . THR A 1 28  ? -11.486 -10.573 7.961   1.00 32.07 ? 51  THR A OG1 1 
ATOM   212  C CG2 . THR A 1 28  ? -12.101 -12.814 8.856   1.00 31.77 ? 51  THR A CG2 1 
ATOM   213  N N   . GLU A 1 29  ? -8.897  -14.036 7.350   1.00 34.21 ? 52  GLU A N   1 
ATOM   214  C CA  . GLU A 1 29  ? -8.690  -15.475 7.259   1.00 36.48 ? 52  GLU A CA  1 
ATOM   215  C C   . GLU A 1 29  ? -7.257  -16.016 7.342   1.00 37.81 ? 52  GLU A C   1 
ATOM   216  O O   . GLU A 1 29  ? -7.090  -17.225 7.548   1.00 37.30 ? 52  GLU A O   1 
ATOM   217  C CB  . GLU A 1 29  ? -9.293  -15.949 5.968   1.00 37.12 ? 52  GLU A CB  1 
ATOM   218  C CG  . GLU A 1 29  ? -10.740 -15.493 5.833   1.00 41.31 ? 52  GLU A CG  1 
ATOM   219  C CD  . GLU A 1 29  ? -11.446 -16.262 4.799   1.00 45.46 ? 52  GLU A CD  1 
ATOM   220  O OE1 . GLU A 1 29  ? -10.890 -16.438 3.688   1.00 46.51 ? 52  GLU A OE1 1 
ATOM   221  O OE2 . GLU A 1 29  ? -12.562 -16.702 5.105   1.00 50.41 ? 52  GLU A OE2 1 
ATOM   222  N N   . ASP A 1 30  ? -6.228  -15.183 7.151   1.00 38.58 ? 53  ASP A N   1 
ATOM   223  C CA  . ASP A 1 30  ? -4.849  -15.721 7.237   1.00 41.14 ? 53  ASP A CA  1 
ATOM   224  C C   . ASP A 1 30  ? -4.550  -16.272 8.637   1.00 42.90 ? 53  ASP A C   1 
ATOM   225  O O   . ASP A 1 30  ? -4.812  -15.599 9.641   1.00 43.09 ? 53  ASP A O   1 
ATOM   226  C CB  . ASP A 1 30  ? -3.789  -14.677 6.868   1.00 40.25 ? 53  ASP A CB  1 
ATOM   227  C CG  . ASP A 1 30  ? -3.748  -14.361 5.386   1.00 40.39 ? 53  ASP A CG  1 
ATOM   228  O OD1 . ASP A 1 30  ? -4.324  -15.096 4.552   1.00 41.07 ? 53  ASP A OD1 1 
ATOM   229  O OD2 . ASP A 1 30  ? -3.122  -13.342 5.036   1.00 39.66 ? 53  ASP A OD2 1 
ATOM   230  N N   . PRO A 1 31  ? -3.989  -17.492 8.713   1.00 45.53 ? 54  PRO A N   1 
ATOM   231  C CA  . PRO A 1 31  ? -3.654  -18.104 10.022  1.00 47.60 ? 54  PRO A CA  1 
ATOM   232  C C   . PRO A 1 31  ? -2.712  -17.217 10.855  1.00 49.53 ? 54  PRO A C   1 
ATOM   233  O O   . PRO A 1 31  ? -1.927  -16.453 10.264  1.00 49.84 ? 54  PRO A O   1 
ATOM   234  C CB  . PRO A 1 31  ? -2.950  -19.410 9.631   1.00 47.51 ? 54  PRO A CB  1 
ATOM   235  C CG  . PRO A 1 31  ? -3.447  -19.719 8.246   1.00 47.13 ? 54  PRO A CG  1 
ATOM   236  C CD  . PRO A 1 31  ? -3.642  -18.377 7.584   1.00 45.85 ? 54  PRO A CD  1 
ATOM   237  N N   . PRO A 1 32  ? -2.797  -17.289 12.208  1.00 51.61 ? 55  PRO A N   1 
ATOM   238  C CA  . PRO A 1 32  ? -1.951  -16.446 13.072  1.00 53.21 ? 55  PRO A CA  1 
ATOM   239  C C   . PRO A 1 32  ? -0.494  -16.828 12.854  1.00 54.91 ? 55  PRO A C   1 
ATOM   240  O O   . PRO A 1 32  ? -0.225  -17.949 12.410  1.00 55.38 ? 55  PRO A O   1 
ATOM   241  C CB  . PRO A 1 32  ? -2.377  -16.836 14.492  1.00 53.22 ? 55  PRO A CB  1 
ATOM   242  C CG  . PRO A 1 32  ? -3.671  -17.553 14.353  1.00 52.65 ? 55  PRO A CG  1 
ATOM   243  C CD  . PRO A 1 32  ? -3.661  -18.189 12.998  1.00 52.25 ? 55  PRO A CD  1 
ATOM   244  N N   . PRO A 1 33  ? 0.451   -15.928 13.161  1.00 56.43 ? 56  PRO A N   1 
ATOM   245  C CA  . PRO A 1 33  ? 1.836   -16.262 12.783  1.00 57.86 ? 56  PRO A CA  1 
ATOM   246  C C   . PRO A 1 33  ? 2.365   -17.413 13.636  1.00 59.70 ? 56  PRO A C   1 
ATOM   247  O O   . PRO A 1 33  ? 1.687   -17.841 14.598  1.00 59.33 ? 56  PRO A O   1 
ATOM   248  C CB  . PRO A 1 33  ? 2.622   -14.985 13.105  1.00 57.76 ? 56  PRO A CB  1 
ATOM   249  C CG  . PRO A 1 33  ? 1.598   -13.944 13.373  1.00 57.30 ? 56  PRO A CG  1 
ATOM   250  C CD  . PRO A 1 33  ? 0.371   -14.643 13.866  1.00 56.39 ? 56  PRO A CD  1 
ATOM   251  N N   . ALA A 1 34  ? 3.549   -17.920 13.289  1.00 61.42 ? 57  ALA A N   1 
ATOM   252  C CA  . ALA A 1 34  ? 4.214   -18.889 14.165  1.00 63.22 ? 57  ALA A CA  1 
ATOM   253  C C   . ALA A 1 34  ? 4.781   -18.181 15.418  1.00 63.70 ? 57  ALA A C   1 
ATOM   254  O O   . ALA A 1 34  ? 5.985   -18.168 15.643  1.00 64.25 ? 57  ALA A O   1 
ATOM   255  C CB  . ALA A 1 34  ? 5.307   -19.700 13.407  1.00 63.37 ? 57  ALA A CB  1 
ATOM   256  N N   . THR A 1 35  ? 3.892   -17.531 16.173  1.00 64.04 ? 58  THR A N   1 
ATOM   257  C CA  . THR A 1 35  ? 4.082   -17.279 17.596  1.00 64.22 ? 58  THR A CA  1 
ATOM   258  C C   . THR A 1 35  ? 5.238   -16.330 17.928  1.00 63.69 ? 58  THR A C   1 
ATOM   259  O O   . THR A 1 35  ? 6.222   -16.242 17.193  1.00 63.61 ? 58  THR A O   1 
ATOM   260  C CB  . THR A 1 35  ? 4.197   -18.671 18.360  1.00 64.83 ? 58  THR A CB  1 
ATOM   261  O OG1 . THR A 1 35  ? 2.992   -19.425 18.163  1.00 65.68 ? 58  THR A OG1 1 
ATOM   262  C CG2 . THR A 1 35  ? 4.489   -18.555 19.884  1.00 65.25 ? 58  THR A CG2 1 
ATOM   263  N N   . ASP A 1 36  ? 5.067   -15.509 18.958  1.00 62.75 ? 59  ASP A N   1 
ATOM   264  C CA  . ASP A 1 36  ? 3.787   -14.910 19.320  1.00 61.36 ? 59  ASP A CA  1 
ATOM   265  C C   . ASP A 1 36  ? 4.182   -13.446 19.238  1.00 59.60 ? 59  ASP A C   1 
ATOM   266  O O   . ASP A 1 36  ? 3.383   -12.536 19.510  1.00 59.91 ? 59  ASP A O   1 
ATOM   267  C CB  . ASP A 1 36  ? 3.254   -15.319 20.725  1.00 62.30 ? 59  ASP A CB  1 
ATOM   268  C CG  . ASP A 1 36  ? 4.368   -15.718 21.739  1.00 64.21 ? 59  ASP A CG  1 
ATOM   269  O OD1 . ASP A 1 36  ? 5.501   -15.179 21.696  1.00 65.62 ? 59  ASP A OD1 1 
ATOM   270  O OD2 . ASP A 1 36  ? 4.094   -16.579 22.612  1.00 66.22 ? 59  ASP A OD2 1 
ATOM   271  N N   . LEU A 1 37  ? 5.446   -13.263 18.833  1.00 56.63 ? 60  LEU A N   1 
ATOM   272  C CA  . LEU A 1 37  ? 6.061   -11.968 18.600  1.00 53.76 ? 60  LEU A CA  1 
ATOM   273  C C   . LEU A 1 37  ? 6.121   -11.724 17.082  1.00 51.61 ? 60  LEU A C   1 
ATOM   274  O O   . LEU A 1 37  ? 6.773   -12.471 16.348  1.00 51.16 ? 60  LEU A O   1 
ATOM   275  C CB  . LEU A 1 37  ? 7.467   -11.951 19.218  1.00 53.96 ? 60  LEU A CB  1 
ATOM   276  C CG  . LEU A 1 37  ? 8.112   -10.598 19.507  1.00 53.73 ? 60  LEU A CG  1 
ATOM   277  C CD1 . LEU A 1 37  ? 7.330   -9.800  20.544  1.00 54.56 ? 60  LEU A CD1 1 
ATOM   278  C CD2 . LEU A 1 37  ? 9.542   -10.807 19.955  1.00 53.64 ? 60  LEU A CD2 1 
ATOM   279  N N   . PHE A 1 38  ? 5.401   -10.701 16.630  1.00 48.62 ? 61  PHE A N   1 
ATOM   280  C CA  . PHE A 1 38  ? 5.233   -10.379 15.208  1.00 46.06 ? 61  PHE A CA  1 
ATOM   281  C C   . PHE A 1 38  ? 4.578   -9.019  15.137  1.00 43.60 ? 61  PHE A C   1 
ATOM   282  O O   . PHE A 1 38  ? 3.778   -8.688  16.016  1.00 42.63 ? 61  PHE A O   1 
ATOM   283  C CB  . PHE A 1 38  ? 4.364   -11.409 14.469  1.00 46.89 ? 61  PHE A CB  1 
ATOM   284  C CG  . PHE A 1 38  ? 3.043   -11.721 15.164  1.00 49.61 ? 61  PHE A CG  1 
ATOM   285  C CD1 . PHE A 1 38  ? 1.889   -11.000 14.870  1.00 51.04 ? 61  PHE A CD1 1 
ATOM   286  C CD2 . PHE A 1 38  ? 2.968   -12.744 16.124  1.00 51.53 ? 61  PHE A CD2 1 
ATOM   287  C CE1 . PHE A 1 38  ? 0.680   -11.290 15.513  1.00 52.60 ? 61  PHE A CE1 1 
ATOM   288  C CE2 . PHE A 1 38  ? 1.757   -13.045 16.778  1.00 52.68 ? 61  PHE A CE2 1 
ATOM   289  C CZ  . PHE A 1 38  ? 0.615   -12.316 16.473  1.00 51.83 ? 61  PHE A CZ  1 
ATOM   290  N N   . CYS A 1 39  ? 4.928   -8.214  14.129  1.00 40.19 ? 62  CYS A N   1 
ATOM   291  C CA  . CYS A 1 39  ? 4.196   -6.967  13.913  1.00 38.07 ? 62  CYS A CA  1 
ATOM   292  C C   . CYS A 1 39  ? 2.854   -7.332  13.235  1.00 37.01 ? 62  CYS A C   1 
ATOM   293  O O   . CYS A 1 39  ? 2.790   -8.220  12.402  1.00 36.41 ? 62  CYS A O   1 
ATOM   294  C CB  . CYS A 1 39  ? 5.026   -5.986  13.074  1.00 37.29 ? 62  CYS A CB  1 
ATOM   295  S SG  . CYS A 1 39  ? 6.631   -5.497  13.765  1.00 35.90 ? 62  CYS A SG  1 
ATOM   296  N N   . ASN A 1 40  ? 1.773   -6.674  13.612  1.00 37.18 ? 63  ASN A N   1 
ATOM   297  C CA  . ASN A 1 40  ? 0.456   -7.095  13.147  1.00 36.00 ? 63  ASN A CA  1 
ATOM   298  C C   . ASN A 1 40  ? 0.099   -6.620  11.750  1.00 34.42 ? 63  ASN A C   1 
ATOM   299  O O   . ASN A 1 40  ? 0.294   -5.448  11.410  1.00 34.11 ? 63  ASN A O   1 
ATOM   300  C CB  . ASN A 1 40  ? -0.627  -6.626  14.126  1.00 36.68 ? 63  ASN A CB  1 
ATOM   301  C CG  . ASN A 1 40  ? -0.591  -7.377  15.433  1.00 40.64 ? 63  ASN A CG  1 
ATOM   302  O OD1 . ASN A 1 40  ? -0.424  -6.787  16.490  1.00 44.23 ? 63  ASN A OD1 1 
ATOM   303  N ND2 . ASN A 1 40  ? -0.738  -8.697  15.366  1.00 44.35 ? 63  ASN A ND2 1 
ATOM   304  N N   . ARG A 1 41  ? -0.469  -7.541  10.982  1.00 32.68 ? 64  ARG A N   1 
ATOM   305  C CA  . ARG A 1 41  ? -1.029  -7.309  9.651   1.00 32.12 ? 64  ARG A CA  1 
ATOM   306  C C   . ARG A 1 41  ? -1.924  -6.096  9.699   1.00 32.21 ? 64  ARG A C   1 
ATOM   307  O O   . ARG A 1 41  ? -2.466  -5.779  10.762  1.00 31.82 ? 64  ARG A O   1 
ATOM   308  C CB  . ARG A 1 41  ? -1.909  -8.499  9.230   1.00 31.71 ? 64  ARG A CB  1 
ATOM   309  C CG  . ARG A 1 41  ? -3.094  -8.824  10.237  1.00 30.72 ? 64  ARG A CG  1 
ATOM   310  C CD  . ARG A 1 41  ? -3.791  -10.120 9.894   1.00 30.97 ? 64  ARG A CD  1 
ATOM   311  N NE  . ARG A 1 41  ? -2.977  -11.294 10.229  1.00 33.22 ? 64  ARG A NE  1 
ATOM   312  C CZ  . ARG A 1 41  ? -3.375  -12.566 10.145  1.00 34.97 ? 64  ARG A CZ  1 
ATOM   313  N NH1 . ARG A 1 41  ? -4.612  -12.869 9.756   1.00 34.44 ? 64  ARG A NH1 1 
ATOM   314  N NH2 . ARG A 1 41  ? -2.528  -13.544 10.445  1.00 33.46 ? 64  ARG A NH2 1 
ATOM   315  N N   . THR A 1 42  ? -2.088  -5.428  8.563   1.00 30.65 ? 65  THR A N   1 
ATOM   316  C CA  . THR A 1 42  ? -2.926  -4.243  8.499   1.00 31.81 ? 65  THR A CA  1 
ATOM   317  C C   . THR A 1 42  ? -3.136  -3.795  7.057   1.00 32.17 ? 65  THR A C   1 
ATOM   318  O O   . THR A 1 42  ? -2.386  -4.190  6.160   1.00 33.08 ? 65  THR A O   1 
ATOM   319  C CB  . THR A 1 42  ? -2.381  -3.118  9.366   1.00 32.23 ? 65  THR A CB  1 
ATOM   320  O OG1 . THR A 1 42  ? -3.374  -2.087  9.480   1.00 35.24 ? 65  THR A OG1 1 
ATOM   321  C CG2 . THR A 1 42  ? -1.088  -2.495  8.760   1.00 32.37 ? 65  THR A CG2 1 
ATOM   322  N N   . PHE A 1 43  ? -4.162  -2.978  6.832   1.00 31.98 ? 66  PHE A N   1 
ATOM   323  C CA  . PHE A 1 43  ? -4.371  -2.330  5.562   1.00 31.38 ? 66  PHE A CA  1 
ATOM   324  C C   . PHE A 1 43  ? -4.181  -0.859  5.864   1.00 31.51 ? 66  PHE A C   1 
ATOM   325  O O   . PHE A 1 43  ? -4.895  -0.314  6.675   1.00 30.50 ? 66  PHE A O   1 
ATOM   326  C CB  . PHE A 1 43  ? -5.803  -2.589  5.037   1.00 32.25 ? 66  PHE A CB  1 
ATOM   327  C CG  . PHE A 1 43  ? -6.088  -1.911  3.702   1.00 32.57 ? 66  PHE A CG  1 
ATOM   328  C CD1 . PHE A 1 43  ? -5.177  -2.005  2.653   1.00 30.84 ? 66  PHE A CD1 1 
ATOM   329  C CD2 . PHE A 1 43  ? -7.219  -1.149  3.524   1.00 31.83 ? 66  PHE A CD2 1 
ATOM   330  C CE1 . PHE A 1 43  ? -5.418  -1.403  1.449   1.00 31.95 ? 66  PHE A CE1 1 
ATOM   331  C CE2 . PHE A 1 43  ? -7.450  -0.522  2.321   1.00 34.31 ? 66  PHE A CE2 1 
ATOM   332  C CZ  . PHE A 1 43  ? -6.555  -0.666  1.275   1.00 30.92 ? 66  PHE A CZ  1 
ATOM   333  N N   . ASP A 1 44  ? -3.192  -0.201  5.262   1.00 31.24 ? 67  ASP A N   1 
ATOM   334  C CA  . ASP A 1 44  ? -2.940  1.207   5.601   1.00 29.21 ? 67  ASP A CA  1 
ATOM   335  C C   . ASP A 1 44  ? -3.632  2.117   4.638   1.00 28.02 ? 67  ASP A C   1 
ATOM   336  O O   . ASP A 1 44  ? -3.328  3.302   4.594   1.00 29.05 ? 67  ASP A O   1 
ATOM   337  C CB  . ASP A 1 44  ? -1.434  1.535   5.625   1.00 29.68 ? 67  ASP A CB  1 
ATOM   338  C CG  . ASP A 1 44  ? -0.743  1.423   4.246   1.00 30.03 ? 67  ASP A CG  1 
ATOM   339  O OD1 . ASP A 1 44  ? -1.398  1.331   3.186   1.00 31.87 ? 67  ASP A OD1 1 
ATOM   340  O OD2 . ASP A 1 44  ? 0.506   1.369   4.241   1.00 29.12 ? 67  ASP A OD2 1 
ATOM   341  N N   . GLU A 1 45  ? -4.546  1.561   3.851   1.00 26.98 ? 68  GLU A N   1 
ATOM   342  C CA  . GLU A 1 45  ? -5.287  2.249   2.731   1.00 26.58 ? 68  GLU A CA  1 
ATOM   343  C C   . GLU A 1 45  ? -4.598  2.312   1.371   1.00 26.43 ? 68  GLU A C   1 
ATOM   344  O O   . GLU A 1 45  ? -5.263  2.576   0.348   1.00 25.08 ? 68  GLU A O   1 
ATOM   345  C CB  . GLU A 1 45  ? -5.790  3.643   3.108   1.00 26.84 ? 68  GLU A CB  1 
ATOM   346  C CG  . GLU A 1 45  ? -6.361  3.752   4.536   1.00 29.89 ? 68  GLU A CG  1 
ATOM   347  C CD  . GLU A 1 45  ? -7.719  3.106   4.675   1.00 34.56 ? 68  GLU A CD  1 
ATOM   348  O OE1 . GLU A 1 45  ? -8.356  2.795   3.661   1.00 32.70 ? 68  GLU A OE1 1 
ATOM   349  O OE2 . GLU A 1 45  ? -8.145  2.908   5.815   1.00 39.53 ? 68  GLU A OE2 1 
ATOM   350  N N   . TYR A 1 46  ? -3.279  2.074   1.362   1.00 26.26 ? 69  TYR A N   1 
ATOM   351  C CA  . TYR A 1 46  ? -2.472  2.050   0.107   1.00 25.65 ? 69  TYR A CA  1 
ATOM   352  C C   . TYR A 1 46  ? -2.078  0.623   -0.185  1.00 25.49 ? 69  TYR A C   1 
ATOM   353  O O   . TYR A 1 46  ? -2.273  0.095   -1.293  1.00 26.94 ? 69  TYR A O   1 
ATOM   354  C CB  . TYR A 1 46  ? -1.184  2.913   0.342   1.00 26.38 ? 69  TYR A CB  1 
ATOM   355  C CG  . TYR A 1 46  ? -0.184  2.858   -0.825  1.00 26.27 ? 69  TYR A CG  1 
ATOM   356  C CD1 . TYR A 1 46  ? -0.459  3.517   -2.035  1.00 26.88 ? 69  TYR A CD1 1 
ATOM   357  C CD2 . TYR A 1 46  ? 0.993   2.133   -0.726  1.00 26.82 ? 69  TYR A CD2 1 
ATOM   358  C CE1 . TYR A 1 46  ? 0.455   3.438   -3.139  1.00 28.67 ? 69  TYR A CE1 1 
ATOM   359  C CE2 . TYR A 1 46  ? 1.917   2.030   -1.847  1.00 26.66 ? 69  TYR A CE2 1 
ATOM   360  C CZ  . TYR A 1 46  ? 1.641   2.703   -3.012  1.00 28.93 ? 69  TYR A CZ  1 
ATOM   361  O OH  . TYR A 1 46  ? 2.544   2.656   -4.078  1.00 26.22 ? 69  TYR A OH  1 
ATOM   362  N N   . ALA A 1 47  ? -1.540  -0.008  0.842   1.00 25.35 ? 70  ALA A N   1 
ATOM   363  C CA  . ALA A 1 47  ? -1.069  -1.366  0.781   1.00 27.12 ? 70  ALA A CA  1 
ATOM   364  C C   . ALA A 1 47  ? -1.623  -2.265  1.887   1.00 26.85 ? 70  ALA A C   1 
ATOM   365  O O   . ALA A 1 47  ? -1.804  -1.835  3.000   1.00 26.14 ? 70  ALA A O   1 
ATOM   366  C CB  . ALA A 1 47  ? 0.505   -1.391  0.845   1.00 26.63 ? 70  ALA A CB  1 
ATOM   367  N N   . CYS A 1 48  ? -1.709  -3.547  1.559   1.00 29.70 ? 71  CYS A N   1 
ATOM   368  C CA  . CYS A 1 48  ? -2.000  -4.625  2.485   1.00 30.71 ? 71  CYS A CA  1 
ATOM   369  C C   . CYS A 1 48  ? -0.721  -5.264  3.061   1.00 30.49 ? 71  CYS A C   1 
ATOM   370  O O   . CYS A 1 48  ? 0.025   -5.902  2.322   1.00 30.05 ? 71  CYS A O   1 
ATOM   371  C CB  . CYS A 1 48  ? -2.769  -5.721  1.722   1.00 29.27 ? 71  CYS A CB  1 
ATOM   372  S SG  . CYS A 1 48  ? -3.726  -6.826  2.833   1.00 37.50 ? 71  CYS A SG  1 
ATOM   373  N N   . TRP A 1 49  ? -0.512  -5.130  4.372   1.00 30.73 ? 72  TRP A N   1 
ATOM   374  C CA  . TRP A 1 49  ? 0.630   -5.688  5.058   1.00 32.32 ? 72  TRP A CA  1 
ATOM   375  C C   . TRP A 1 49  ? 0.253   -6.986  5.769   1.00 33.88 ? 72  TRP A C   1 
ATOM   376  O O   . TRP A 1 49  ? -0.719  -7.020  6.512   1.00 34.69 ? 72  TRP A O   1 
ATOM   377  C CB  . TRP A 1 49  ? 1.206   -4.677  6.099   1.00 31.39 ? 72  TRP A CB  1 
ATOM   378  C CG  . TRP A 1 49  ? 1.590   -3.421  5.401   1.00 32.00 ? 72  TRP A CG  1 
ATOM   379  C CD1 . TRP A 1 49  ? 0.826   -2.309  5.232   1.00 27.86 ? 72  TRP A CD1 1 
ATOM   380  C CD2 . TRP A 1 49  ? 2.808   -3.208  4.653   1.00 29.19 ? 72  TRP A CD2 1 
ATOM   381  N NE1 . TRP A 1 49  ? 1.514   -1.383  4.438   1.00 30.97 ? 72  TRP A NE1 1 
ATOM   382  C CE2 . TRP A 1 49  ? 2.722   -1.935  4.067   1.00 27.97 ? 72  TRP A CE2 1 
ATOM   383  C CE3 . TRP A 1 49  ? 3.957   -3.991  4.428   1.00 30.96 ? 72  TRP A CE3 1 
ATOM   384  C CZ2 . TRP A 1 49  ? 3.741   -1.408  3.276   1.00 27.82 ? 72  TRP A CZ2 1 
ATOM   385  C CZ3 . TRP A 1 49  ? 4.971   -3.471  3.627   1.00 30.35 ? 72  TRP A CZ3 1 
ATOM   386  C CH2 . TRP A 1 49  ? 4.855   -2.196  3.069   1.00 29.39 ? 72  TRP A CH2 1 
ATOM   387  N N   . PRO A 1 50  ? 1.075   -8.028  5.605   1.00 34.64 ? 73  PRO A N   1 
ATOM   388  C CA  . PRO A 1 50  ? 0.944   -9.258  6.353   1.00 33.92 ? 73  PRO A CA  1 
ATOM   389  C C   . PRO A 1 50  ? 1.551   -9.062  7.736   1.00 34.22 ? 73  PRO A C   1 
ATOM   390  O O   . PRO A 1 50  ? 2.059   -7.980  8.036   1.00 34.04 ? 73  PRO A O   1 
ATOM   391  C CB  . PRO A 1 50  ? 1.784   -10.233 5.542   1.00 34.89 ? 73  PRO A CB  1 
ATOM   392  C CG  . PRO A 1 50  ? 2.945   -9.332  5.020   1.00 34.16 ? 73  PRO A CG  1 
ATOM   393  C CD  . PRO A 1 50  ? 2.272   -8.006  4.731   1.00 34.87 ? 73  PRO A CD  1 
ATOM   394  N N   . ASP A 1 51  ? 1.496   -10.082 8.597   1.00 34.37 ? 74  ASP A N   1 
ATOM   395  C CA  . ASP A 1 51  ? 2.181   -10.015 9.889   1.00 34.92 ? 74  ASP A CA  1 
ATOM   396  C C   . ASP A 1 51  ? 3.702   -9.981  9.591   1.00 35.61 ? 74  ASP A C   1 
ATOM   397  O O   . ASP A 1 51  ? 4.168   -10.672 8.683   1.00 34.75 ? 74  ASP A O   1 
ATOM   398  C CB  . ASP A 1 51  ? 1.895   -11.269 10.743  1.00 34.68 ? 74  ASP A CB  1 
ATOM   399  C CG  . ASP A 1 51  ? 0.404   -11.439 11.108  1.00 34.36 ? 74  ASP A CG  1 
ATOM   400  O OD1 . ASP A 1 51  ? -0.250  -10.471 11.546  1.00 34.28 ? 74  ASP A OD1 1 
ATOM   401  O OD2 . ASP A 1 51  ? -0.087  -12.561 10.962  1.00 34.18 ? 74  ASP A OD2 1 
ATOM   402  N N   . GLY A 1 52  ? 4.464   -9.211  10.360  1.00 36.55 ? 75  GLY A N   1 
ATOM   403  C CA  . GLY A 1 52  ? 5.908   -9.159  10.148  1.00 38.01 ? 75  GLY A CA  1 
ATOM   404  C C   . GLY A 1 52  ? 6.725   -10.018 11.100  1.00 39.20 ? 75  GLY A C   1 
ATOM   405  O O   . GLY A 1 52  ? 6.381   -10.153 12.263  1.00 39.18 ? 75  GLY A O   1 
ATOM   406  N N   . GLU A 1 53  ? 7.815   -10.607 10.616  1.00 40.84 ? 76  GLU A N   1 
ATOM   407  C CA  . GLU A 1 53  ? 8.795   -11.221 11.527  1.00 42.25 ? 76  GLU A CA  1 
ATOM   408  C C   . GLU A 1 53  ? 9.674   -10.144 12.203  1.00 41.40 ? 76  GLU A C   1 
ATOM   409  O O   . GLU A 1 53  ? 10.180  -9.260  11.515  1.00 41.58 ? 76  GLU A O   1 
ATOM   410  C CB  . GLU A 1 53  ? 9.670   -12.211 10.757  1.00 43.82 ? 76  GLU A CB  1 
ATOM   411  C CG  . GLU A 1 53  ? 10.931  -12.611 11.514  1.00 49.12 ? 76  GLU A CG  1 
ATOM   412  C CD  . GLU A 1 53  ? 11.378  -14.031 11.243  1.00 56.48 ? 76  GLU A CD  1 
ATOM   413  O OE1 . GLU A 1 53  ? 11.018  -14.595 10.174  1.00 58.60 ? 76  GLU A OE1 1 
ATOM   414  O OE2 . GLU A 1 53  ? 12.096  -14.587 12.116  1.00 60.49 ? 76  GLU A OE2 1 
ATOM   415  N N   . PRO A 1 54  ? 9.846   -10.207 13.546  1.00 40.91 ? 77  PRO A N   1 
ATOM   416  C CA  . PRO A 1 54  ? 10.679  -9.253  14.285  1.00 40.37 ? 77  PRO A CA  1 
ATOM   417  C C   . PRO A 1 54  ? 12.102  -9.165  13.723  1.00 40.38 ? 77  PRO A C   1 
ATOM   418  O O   . PRO A 1 54  ? 12.697  -10.188 13.366  1.00 39.13 ? 77  PRO A O   1 
ATOM   419  C CB  . PRO A 1 54  ? 10.685  -9.820  15.705  1.00 40.37 ? 77  PRO A CB  1 
ATOM   420  C CG  . PRO A 1 54  ? 9.350   -10.521 15.788  1.00 41.43 ? 77  PRO A CG  1 
ATOM   421  C CD  . PRO A 1 54  ? 9.214   -11.187 14.459  1.00 40.96 ? 77  PRO A CD  1 
ATOM   422  N N   . GLY A 1 55  ? 12.603  -7.935  13.607  1.00 40.97 ? 78  GLY A N   1 
ATOM   423  C CA  . GLY A 1 55  ? 13.937  -7.666  13.040  1.00 40.96 ? 78  GLY A CA  1 
ATOM   424  C C   . GLY A 1 55  ? 14.013  -7.878  11.534  1.00 41.81 ? 78  GLY A C   1 
ATOM   425  O O   . GLY A 1 55  ? 15.061  -8.246  11.014  1.00 41.37 ? 78  GLY A O   1 
ATOM   426  N N   . SER A 1 56  ? 12.914  -7.659  10.813  1.00 41.11 ? 79  SER A N   1 
ATOM   427  C CA  . SER A 1 56  ? 12.925  -7.914  9.372   1.00 41.53 ? 79  SER A CA  1 
ATOM   428  C C   . SER A 1 56  ? 12.310  -6.789  8.592   1.00 40.19 ? 79  SER A C   1 
ATOM   429  O O   . SER A 1 56  ? 11.385  -6.133  9.087   1.00 40.34 ? 79  SER A O   1 
ATOM   430  C CB  . SER A 1 56  ? 12.099  -9.157  9.045   1.00 42.68 ? 79  SER A CB  1 
ATOM   431  O OG  . SER A 1 56  ? 12.906  -10.313 9.102   1.00 46.79 ? 79  SER A OG  1 
ATOM   432  N N   . PHE A 1 57  ? 12.798  -6.592  7.364   1.00 38.47 ? 80  PHE A N   1 
ATOM   433  C CA  . PHE A 1 57  ? 12.064  -5.831  6.355   1.00 35.73 ? 80  PHE A CA  1 
ATOM   434  C C   . PHE A 1 57  ? 10.914  -6.695  5.853   1.00 34.61 ? 80  PHE A C   1 
ATOM   435  O O   . PHE A 1 57  ? 11.048  -7.930  5.685   1.00 33.31 ? 80  PHE A O   1 
ATOM   436  C CB  . PHE A 1 57  ? 12.969  -5.375  5.183   1.00 36.24 ? 80  PHE A CB  1 
ATOM   437  C CG  . PHE A 1 57  ? 13.884  -4.247  5.551   1.00 35.85 ? 80  PHE A CG  1 
ATOM   438  C CD1 . PHE A 1 57  ? 13.439  -2.936  5.508   1.00 33.63 ? 80  PHE A CD1 1 
ATOM   439  C CD2 . PHE A 1 57  ? 15.178  -4.511  6.037   1.00 36.12 ? 80  PHE A CD2 1 
ATOM   440  C CE1 . PHE A 1 57  ? 14.307  -1.848  5.907   1.00 35.86 ? 80  PHE A CE1 1 
ATOM   441  C CE2 . PHE A 1 57  ? 16.037  -3.444  6.456   1.00 35.62 ? 80  PHE A CE2 1 
ATOM   442  C CZ  . PHE A 1 57  ? 15.598  -2.115  6.379   1.00 36.12 ? 80  PHE A CZ  1 
ATOM   443  N N   . VAL A 1 58  ? 9.773   -6.046  5.631   1.00 32.65 ? 81  VAL A N   1 
ATOM   444  C CA  . VAL A 1 58  ? 8.623   -6.732  5.033   1.00 30.59 ? 81  VAL A CA  1 
ATOM   445  C C   . VAL A 1 58  ? 8.353   -6.067  3.705   1.00 29.88 ? 81  VAL A C   1 
ATOM   446  O O   . VAL A 1 58  ? 8.167   -4.866  3.667   1.00 29.22 ? 81  VAL A O   1 
ATOM   447  C CB  . VAL A 1 58  ? 7.363   -6.653  5.972   1.00 30.81 ? 81  VAL A CB  1 
ATOM   448  C CG1 . VAL A 1 58  ? 6.108   -7.203  5.245   1.00 29.32 ? 81  VAL A CG1 1 
ATOM   449  C CG2 . VAL A 1 58  ? 7.646   -7.409  7.277   1.00 30.05 ? 81  VAL A CG2 1 
ATOM   450  N N   . ASN A 1 59  ? 8.333   -6.838  2.630   1.00 29.61 ? 82  ASN A N   1 
ATOM   451  C CA  . ASN A 1 59  ? 8.074   -6.288  1.296   1.00 31.05 ? 82  ASN A CA  1 
ATOM   452  C C   . ASN A 1 59  ? 6.748   -6.848  0.747   1.00 30.70 ? 82  ASN A C   1 
ATOM   453  O O   . ASN A 1 59  ? 6.542   -8.066  0.763   1.00 29.96 ? 82  ASN A O   1 
ATOM   454  C CB  . ASN A 1 59  ? 9.159   -6.750  0.310   1.00 32.16 ? 82  ASN A CB  1 
ATOM   455  C CG  . ASN A 1 59  ? 9.288   -8.261  0.276   1.00 35.01 ? 82  ASN A CG  1 
ATOM   456  O OD1 . ASN A 1 59  ? 9.610   -8.876  1.281   1.00 37.57 ? 82  ASN A OD1 1 
ATOM   457  N ND2 . ASN A 1 59  ? 8.970   -8.871  -0.865  1.00 38.83 ? 82  ASN A ND2 1 
ATOM   458  N N   . VAL A 1 60  ? 5.905   -5.974  0.194   1.00 29.65 ? 83  VAL A N   1 
ATOM   459  C CA  . VAL A 1 60  ? 4.748   -6.427  -0.552  1.00 28.56 ? 83  VAL A CA  1 
ATOM   460  C C   . VAL A 1 60  ? 4.788   -5.796  -1.979  1.00 28.58 ? 83  VAL A C   1 
ATOM   461  O O   . VAL A 1 60  ? 5.382   -4.735  -2.177  1.00 28.24 ? 83  VAL A O   1 
ATOM   462  C CB  . VAL A 1 60  ? 3.427   -6.059  0.236   1.00 29.82 ? 83  VAL A CB  1 
ATOM   463  C CG1 . VAL A 1 60  ? 3.508   -6.564  1.686   1.00 28.61 ? 83  VAL A CG1 1 
ATOM   464  C CG2 . VAL A 1 60  ? 3.251   -4.622  0.279   1.00 26.86 ? 83  VAL A CG2 1 
ATOM   465  N N   . SER A 1 61  ? 4.164   -6.436  -2.950  1.00 28.27 ? 84  SER A N   1 
ATOM   466  C CA  . SER A 1 61  ? 4.194   -5.987  -4.323  1.00 28.99 ? 84  SER A CA  1 
ATOM   467  C C   . SER A 1 61  ? 3.543   -4.645  -4.391  1.00 29.94 ? 84  SER A C   1 
ATOM   468  O O   . SER A 1 61  ? 2.660   -4.361  -3.591  1.00 26.59 ? 84  SER A O   1 
ATOM   469  C CB  . SER A 1 61  ? 3.387   -6.928  -5.194  1.00 28.65 ? 84  SER A CB  1 
ATOM   470  O OG  . SER A 1 61  ? 4.142   -8.100  -5.308  1.00 33.99 ? 84  SER A OG  1 
ATOM   471  N N   . CYS A 1 62  ? 3.950   -3.822  -5.372  1.00 28.32 ? 85  CYS A N   1 
ATOM   472  C CA  . CYS A 1 62  ? 3.289   -2.538  -5.592  1.00 28.02 ? 85  CYS A CA  1 
ATOM   473  C C   . CYS A 1 62  ? 1.803   -2.875  -5.732  1.00 28.63 ? 85  CYS A C   1 
ATOM   474  O O   . CYS A 1 62  ? 1.460   -3.836  -6.406  1.00 27.79 ? 85  CYS A O   1 
ATOM   475  C CB  . CYS A 1 62  ? 3.811   -1.910  -6.908  1.00 29.11 ? 85  CYS A CB  1 
ATOM   476  S SG  . CYS A 1 62  ? 5.620   -1.370  -6.566  1.00 31.52 ? 85  CYS A SG  1 
ATOM   477  N N   . PRO A 1 63  ? 0.927   -2.101  -5.085  1.00 27.84 ? 86  PRO A N   1 
ATOM   478  C CA  . PRO A 1 63  ? -0.535  -2.358  -5.215  1.00 27.04 ? 86  PRO A CA  1 
ATOM   479  C C   . PRO A 1 63  ? -1.014  -2.461  -6.638  1.00 26.53 ? 86  PRO A C   1 
ATOM   480  O O   . PRO A 1 63  ? -0.820  -1.522  -7.416  1.00 26.65 ? 86  PRO A O   1 
ATOM   481  C CB  . PRO A 1 63  ? -1.157  -1.146  -4.458  1.00 27.23 ? 86  PRO A CB  1 
ATOM   482  C CG  . PRO A 1 63  ? -0.163  -0.850  -3.406  1.00 26.80 ? 86  PRO A CG  1 
ATOM   483  C CD  . PRO A 1 63  ? 1.205   -1.035  -4.109  1.00 27.08 ? 86  PRO A CD  1 
ATOM   484  N N   . TRP A 1 64  ? -1.711  -3.552  -6.982  1.00 26.04 ? 87  TRP A N   1 
ATOM   485  C CA  . TRP A 1 64  ? -2.113  -3.788  -8.358  1.00 26.11 ? 87  TRP A CA  1 
ATOM   486  C C   . TRP A 1 64  ? -3.143  -2.823  -8.912  1.00 26.40 ? 87  TRP A C   1 
ATOM   487  O O   . TRP A 1 64  ? -3.321  -2.761  -10.126 1.00 26.75 ? 87  TRP A O   1 
ATOM   488  C CB  . TRP A 1 64  ? -2.524  -5.268  -8.610  1.00 26.54 ? 87  TRP A CB  1 
ATOM   489  C CG  . TRP A 1 64  ? -3.752  -5.737  -7.783  1.00 28.93 ? 87  TRP A CG  1 
ATOM   490  C CD1 . TRP A 1 64  ? -3.735  -6.558  -6.677  1.00 31.59 ? 87  TRP A CD1 1 
ATOM   491  C CD2 . TRP A 1 64  ? -5.138  -5.436  -8.042  1.00 28.34 ? 87  TRP A CD2 1 
ATOM   492  N NE1 . TRP A 1 64  ? -5.027  -6.772  -6.227  1.00 30.27 ? 87  TRP A NE1 1 
ATOM   493  C CE2 . TRP A 1 64  ? -5.904  -6.097  -7.048  1.00 31.35 ? 87  TRP A CE2 1 
ATOM   494  C CE3 . TRP A 1 64  ? -5.804  -4.708  -9.033  1.00 28.68 ? 87  TRP A CE3 1 
ATOM   495  C CZ2 . TRP A 1 64  ? -7.310  -6.014  -6.997  1.00 29.15 ? 87  TRP A CZ2 1 
ATOM   496  C CZ3 . TRP A 1 64  ? -7.243  -4.647  -8.997  1.00 31.73 ? 87  TRP A CZ3 1 
ATOM   497  C CH2 . TRP A 1 64  ? -7.963  -5.281  -7.959  1.00 29.85 ? 87  TRP A CH2 1 
ATOM   498  N N   . TYR A 1 65  ? -3.801  -2.025  -8.057  1.00 26.22 ? 88  TYR A N   1 
ATOM   499  C CA  . TYR A 1 65  ? -4.754  -0.999  -8.570  1.00 26.35 ? 88  TYR A CA  1 
ATOM   500  C C   . TYR A 1 65  ? -4.086  0.269   -9.163  1.00 27.17 ? 88  TYR A C   1 
ATOM   501  O O   . TYR A 1 65  ? -4.750  1.071   -9.832  1.00 26.21 ? 88  TYR A O   1 
ATOM   502  C CB  . TYR A 1 65  ? -5.779  -0.623  -7.460  1.00 25.44 ? 88  TYR A CB  1 
ATOM   503  C CG  . TYR A 1 65  ? -5.139  -0.001  -6.276  1.00 26.44 ? 88  TYR A CG  1 
ATOM   504  C CD1 . TYR A 1 65  ? -4.812  1.365   -6.295  1.00 25.50 ? 88  TYR A CD1 1 
ATOM   505  C CD2 . TYR A 1 65  ? -4.833  -0.762  -5.129  1.00 24.31 ? 88  TYR A CD2 1 
ATOM   506  C CE1 . TYR A 1 65  ? -4.177  1.966   -5.248  1.00 24.62 ? 88  TYR A CE1 1 
ATOM   507  C CE2 . TYR A 1 65  ? -4.188  -0.151  -4.058  1.00 24.52 ? 88  TYR A CE2 1 
ATOM   508  C CZ  . TYR A 1 65  ? -3.894  1.211   -4.135  1.00 25.84 ? 88  TYR A CZ  1 
ATOM   509  O OH  . TYR A 1 65  ? -3.260  1.809   -3.117  1.00 25.51 ? 88  TYR A OH  1 
ATOM   510  N N   . LEU A 1 66  ? -2.776  0.459   -8.930  1.00 26.31 ? 89  LEU A N   1 
ATOM   511  C CA  . LEU A 1 66  ? -2.052  1.663   -9.484  1.00 26.20 ? 89  LEU A CA  1 
ATOM   512  C C   . LEU A 1 66  ? -2.228  1.677   -10.966 1.00 25.21 ? 89  LEU A C   1 
ATOM   513  O O   . LEU A 1 66  ? -2.121  0.622   -11.601 1.00 25.33 ? 89  LEU A O   1 
ATOM   514  C CB  . LEU A 1 66  ? -0.555  1.644   -9.128  1.00 24.86 ? 89  LEU A CB  1 
ATOM   515  C CG  . LEU A 1 66  ? -0.265  1.685   -7.631  1.00 26.62 ? 89  LEU A CG  1 
ATOM   516  C CD1 . LEU A 1 66  ? 1.230   1.437   -7.306  1.00 24.58 ? 89  LEU A CD1 1 
ATOM   517  C CD2 . LEU A 1 66  ? -0.706  3.034   -7.098  1.00 25.29 ? 89  LEU A CD2 1 
ATOM   518  N N   . PRO A 1 67  ? -2.582  2.838   -11.555 1.00 25.79 ? 90  PRO A N   1 
ATOM   519  C CA  . PRO A 1 67  ? -2.771  2.862   -13.002 1.00 27.62 ? 90  PRO A CA  1 
ATOM   520  C C   . PRO A 1 67  ? -1.545  2.342   -13.778 1.00 28.61 ? 90  PRO A C   1 
ATOM   521  O O   . PRO A 1 67  ? -1.689  1.745   -14.864 1.00 30.22 ? 90  PRO A O   1 
ATOM   522  C CB  . PRO A 1 67  ? -2.960  4.364   -13.291 1.00 28.13 ? 90  PRO A CB  1 
ATOM   523  C CG  . PRO A 1 67  ? -3.632  4.845   -12.055 1.00 26.04 ? 90  PRO A CG  1 
ATOM   524  C CD  . PRO A 1 67  ? -2.864  4.154   -10.967 1.00 26.65 ? 90  PRO A CD  1 
ATOM   525  N N   . TRP A 1 68  ? -0.364  2.568   -13.213 1.00 27.95 ? 91  TRP A N   1 
ATOM   526  C CA  . TRP A 1 68  ? 0.904   2.210   -13.876 1.00 28.13 ? 91  TRP A CA  1 
ATOM   527  C C   . TRP A 1 68  ? 1.496   0.900   -13.294 1.00 28.75 ? 91  TRP A C   1 
ATOM   528  O O   . TRP A 1 68  ? 2.662   0.625   -13.479 1.00 28.40 ? 91  TRP A O   1 
ATOM   529  C CB  . TRP A 1 68  ? 1.929   3.355   -13.696 1.00 26.45 ? 91  TRP A CB  1 
ATOM   530  C CG  . TRP A 1 68  ? 2.102   3.745   -12.289 1.00 24.24 ? 91  TRP A CG  1 
ATOM   531  C CD1 . TRP A 1 68  ? 2.947   3.196   -11.379 1.00 24.48 ? 91  TRP A CD1 1 
ATOM   532  C CD2 . TRP A 1 68  ? 1.379   4.791   -11.592 1.00 23.65 ? 91  TRP A CD2 1 
ATOM   533  N NE1 . TRP A 1 68  ? 2.803   3.837   -10.158 1.00 24.04 ? 91  TRP A NE1 1 
ATOM   534  C CE2 . TRP A 1 68  ? 1.836   4.811   -10.284 1.00 21.99 ? 91  TRP A CE2 1 
ATOM   535  C CE3 . TRP A 1 68  ? 0.360   5.676   -11.964 1.00 25.02 ? 91  TRP A CE3 1 
ATOM   536  C CZ2 . TRP A 1 68  ? 1.333   5.701   -9.336  1.00 24.65 ? 91  TRP A CZ2 1 
ATOM   537  C CZ3 . TRP A 1 68  ? -0.118  6.583   -11.019 1.00 24.61 ? 91  TRP A CZ3 1 
ATOM   538  C CH2 . TRP A 1 68  ? 0.361   6.577   -9.732  1.00 23.27 ? 91  TRP A CH2 1 
ATOM   539  N N   . ALA A 1 69  ? 0.687   0.087   -12.584 1.00 29.00 ? 92  ALA A N   1 
ATOM   540  C CA  . ALA A 1 69  ? 1.169   -1.160  -11.971 1.00 27.96 ? 92  ALA A CA  1 
ATOM   541  C C   . ALA A 1 69  ? 1.928   -2.072  -12.976 1.00 27.98 ? 92  ALA A C   1 
ATOM   542  O O   . ALA A 1 69  ? 2.891   -2.743  -12.614 1.00 25.92 ? 92  ALA A O   1 
ATOM   543  C CB  . ALA A 1 69  ? -0.010  -1.954  -11.342 1.00 29.15 ? 92  ALA A CB  1 
ATOM   544  N N   . SER A 1 70  ? 1.470   -2.146  -14.213 1.00 28.57 ? 93  SER A N   1 
ATOM   545  C CA  . SER A 1 70  ? 2.150   -3.037  -15.171 1.00 31.42 ? 93  SER A CA  1 
ATOM   546  C C   . SER A 1 70  ? 3.614   -2.576  -15.531 1.00 31.74 ? 93  SER A C   1 
ATOM   547  O O   . SER A 1 70  ? 4.395   -3.359  -16.105 1.00 33.00 ? 93  SER A O   1 
ATOM   548  C CB  . SER A 1 70  ? 1.333   -3.153  -16.452 1.00 31.59 ? 93  SER A CB  1 
ATOM   549  O OG  . SER A 1 70  ? 1.374   -1.908  -17.157 1.00 34.02 ? 93  SER A OG  1 
ATOM   550  N N   . SER A 1 71  ? 3.951   -1.329  -15.188 1.00 32.13 ? 94  SER A N   1 
ATOM   551  C CA  . SER A 1 71  ? 5.290   -0.764  -15.406 1.00 32.58 ? 94  SER A CA  1 
ATOM   552  C C   . SER A 1 71  ? 6.250   -1.128  -14.294 1.00 33.02 ? 94  SER A C   1 
ATOM   553  O O   . SER A 1 71  ? 7.474   -0.966  -14.439 1.00 32.52 ? 94  SER A O   1 
ATOM   554  C CB  . SER A 1 71  ? 5.188   0.742   -15.440 1.00 31.52 ? 94  SER A CB  1 
ATOM   555  O OG  . SER A 1 71  ? 4.586   1.099   -16.649 1.00 34.26 ? 94  SER A OG  1 
ATOM   556  N N   . VAL A 1 72  ? 5.690   -1.565  -13.158 1.00 32.31 ? 95  VAL A N   1 
ATOM   557  C CA  . VAL A 1 72  ? 6.470   -1.881  -11.954 1.00 31.14 ? 95  VAL A CA  1 
ATOM   558  C C   . VAL A 1 72  ? 6.194   -3.298  -11.424 1.00 32.26 ? 95  VAL A C   1 
ATOM   559  O O   . VAL A 1 72  ? 6.014   -3.490  -10.213 1.00 31.97 ? 95  VAL A O   1 
ATOM   560  C CB  . VAL A 1 72  ? 6.294   -0.799  -10.836 1.00 31.88 ? 95  VAL A CB  1 
ATOM   561  C CG1 . VAL A 1 72  ? 6.920   0.545   -11.273 1.00 29.17 ? 95  VAL A CG1 1 
ATOM   562  C CG2 . VAL A 1 72  ? 4.819   -0.554  -10.497 1.00 28.42 ? 95  VAL A CG2 1 
ATOM   563  N N   . PRO A 1 73  ? 6.254   -4.314  -12.305 1.00 33.23 ? 96  PRO A N   1 
ATOM   564  C CA  . PRO A 1 73  ? 5.852   -5.651  -11.889 1.00 33.98 ? 96  PRO A CA  1 
ATOM   565  C C   . PRO A 1 73  ? 6.708   -6.301  -10.817 1.00 35.23 ? 96  PRO A C   1 
ATOM   566  O O   . PRO A 1 73  ? 6.202   -7.187  -10.112 1.00 36.20 ? 96  PRO A O   1 
ATOM   567  C CB  . PRO A 1 73  ? 5.890   -6.454  -13.195 1.00 34.03 ? 96  PRO A CB  1 
ATOM   568  C CG  . PRO A 1 73  ? 6.804   -5.707  -14.104 1.00 34.35 ? 96  PRO A CG  1 
ATOM   569  C CD  . PRO A 1 73  ? 6.687   -4.275  -13.725 1.00 33.56 ? 96  PRO A CD  1 
ATOM   570  N N   . GLN A 1 74  ? 7.974   -5.914  -10.663 1.00 34.47 ? 97  GLN A N   1 
ATOM   571  C CA  . GLN A 1 74  ? 8.790   -6.541  -9.627  1.00 34.48 ? 97  GLN A CA  1 
ATOM   572  C C   . GLN A 1 74  ? 9.032   -5.561  -8.484  1.00 32.85 ? 97  GLN A C   1 
ATOM   573  O O   . GLN A 1 74  ? 9.874   -5.814  -7.632  1.00 33.48 ? 97  GLN A O   1 
ATOM   574  C CB  . GLN A 1 74  ? 10.129  -7.098  -10.195 1.00 36.43 ? 97  GLN A CB  1 
ATOM   575  C CG  . GLN A 1 74  ? 9.983   -8.096  -11.415 1.00 40.26 ? 97  GLN A CG  1 
ATOM   576  C CD  . GLN A 1 74  ? 9.065   -9.288  -11.119 1.00 48.18 ? 97  GLN A CD  1 
ATOM   577  O OE1 . GLN A 1 74  ? 8.290   -9.726  -11.991 1.00 53.71 ? 97  GLN A OE1 1 
ATOM   578  N NE2 . GLN A 1 74  ? 9.133   -9.815  -9.887  1.00 49.67 ? 97  GLN A NE2 1 
ATOM   579  N N   . GLY A 1 75  ? 8.288   -4.446  -8.458  1.00 30.36 ? 98  GLY A N   1 
ATOM   580  C CA  . GLY A 1 75  ? 8.553   -3.413  -7.463  1.00 28.84 ? 98  GLY A CA  1 
ATOM   581  C C   . GLY A 1 75  ? 7.905   -3.860  -6.152  1.00 29.55 ? 98  GLY A C   1 
ATOM   582  O O   . GLY A 1 75  ? 6.931   -4.666  -6.196  1.00 27.35 ? 98  GLY A O   1 
ATOM   583  N N   . HIS A 1 76  ? 8.389   -3.293  -5.038  1.00 26.58 ? 99  HIS A N   1 
ATOM   584  C CA  . HIS A 1 76  ? 7.904   -3.619  -3.713  1.00 27.01 ? 99  HIS A CA  1 
ATOM   585  C C   . HIS A 1 76  ? 7.842   -2.379  -2.909  1.00 27.28 ? 99  HIS A C   1 
ATOM   586  O O   . HIS A 1 76  ? 8.641   -1.436  -3.119  1.00 25.55 ? 99  HIS A O   1 
ATOM   587  C CB  . HIS A 1 76  ? 8.821   -4.585  -2.962  1.00 26.48 ? 99  HIS A CB  1 
ATOM   588  C CG  . HIS A 1 76  ? 8.776   -5.963  -3.501  1.00 30.36 ? 99  HIS A CG  1 
ATOM   589  N ND1 . HIS A 1 76  ? 9.583   -6.376  -4.539  1.00 35.54 ? 99  HIS A ND1 1 
ATOM   590  C CD2 . HIS A 1 76  ? 7.943   -6.996  -3.235  1.00 31.75 ? 99  HIS A CD2 1 
ATOM   591  C CE1 . HIS A 1 76  ? 9.273   -7.623  -4.864  1.00 37.32 ? 99  HIS A CE1 1 
ATOM   592  N NE2 . HIS A 1 76  ? 8.283   -8.020  -4.085  1.00 32.61 ? 99  HIS A NE2 1 
ATOM   593  N N   . VAL A 1 77  ? 6.882   -2.374  -1.978  1.00 27.08 ? 100 VAL A N   1 
ATOM   594  C CA  . VAL A 1 77  ? 6.883   -1.387  -0.915  1.00 28.17 ? 100 VAL A CA  1 
ATOM   595  C C   . VAL A 1 77  ? 7.370   -2.061  0.353   1.00 27.65 ? 100 VAL A C   1 
ATOM   596  O O   . VAL A 1 77  ? 7.231   -3.272  0.502   1.00 27.71 ? 100 VAL A O   1 
ATOM   597  C CB  . VAL A 1 77  ? 5.454   -0.646  -0.854  1.00 30.63 ? 100 VAL A CB  1 
ATOM   598  C CG1 . VAL A 1 77  ? 4.353   -1.596  -1.164  1.00 33.57 ? 100 VAL A CG1 1 
ATOM   599  C CG2 . VAL A 1 77  ? 5.231   0.151   0.435   1.00 29.56 ? 100 VAL A CG2 1 
ATOM   600  N N   . TYR A 1 78  ? 7.953   -1.302  1.279   1.00 27.27 ? 101 TYR A N   1 
ATOM   601  C CA  . TYR A 1 78  ? 8.594   -1.894  2.427   1.00 27.51 ? 101 TYR A CA  1 
ATOM   602  C C   . TYR A 1 78  ? 8.124   -1.249  3.708   1.00 28.45 ? 101 TYR A C   1 
ATOM   603  O O   . TYR A 1 78  ? 7.916   -0.042  3.786   1.00 27.55 ? 101 TYR A O   1 
ATOM   604  C CB  . TYR A 1 78  ? 10.159  -1.682  2.382   1.00 29.29 ? 101 TYR A CB  1 
ATOM   605  C CG  . TYR A 1 78  ? 10.796  -2.255  1.122   1.00 29.26 ? 101 TYR A CG  1 
ATOM   606  C CD1 . TYR A 1 78  ? 11.115  -3.625  1.031   1.00 28.79 ? 101 TYR A CD1 1 
ATOM   607  C CD2 . TYR A 1 78  ? 11.045  -1.447  0.030   1.00 31.38 ? 101 TYR A CD2 1 
ATOM   608  C CE1 . TYR A 1 78  ? 11.671  -4.153  -0.135  1.00 28.97 ? 101 TYR A CE1 1 
ATOM   609  C CE2 . TYR A 1 78  ? 11.608  -1.979  -1.156  1.00 29.00 ? 101 TYR A CE2 1 
ATOM   610  C CZ  . TYR A 1 78  ? 11.917  -3.300  -1.202  1.00 28.75 ? 101 TYR A CZ  1 
ATOM   611  O OH  . TYR A 1 78  ? 12.451  -3.779  -2.351  1.00 32.14 ? 101 TYR A OH  1 
ATOM   612  N N   . ARG A 1 79  ? 8.064   -2.082  4.730   1.00 28.98 ? 102 ARG A N   1 
ATOM   613  C CA  . ARG A 1 79  ? 8.042   -1.655  6.094   1.00 29.70 ? 102 ARG A CA  1 
ATOM   614  C C   . ARG A 1 79  ? 9.178   -2.348  6.831   1.00 29.72 ? 102 ARG A C   1 
ATOM   615  O O   . ARG A 1 79  ? 9.788   -3.279  6.303   1.00 30.09 ? 102 ARG A O   1 
ATOM   616  C CB  . ARG A 1 79  ? 6.726   -2.104  6.761   1.00 29.19 ? 102 ARG A CB  1 
ATOM   617  C CG  . ARG A 1 79  ? 5.619   -1.081  6.614   1.00 28.82 ? 102 ARG A CG  1 
ATOM   618  C CD  . ARG A 1 79  ? 4.389   -1.551  7.453   1.00 29.95 ? 102 ARG A CD  1 
ATOM   619  N NE  . ARG A 1 79  ? 3.305   -0.586  7.395   1.00 30.80 ? 102 ARG A NE  1 
ATOM   620  C CZ  . ARG A 1 79  ? 2.337   -0.535  8.303   1.00 32.96 ? 102 ARG A CZ  1 
ATOM   621  N NH1 . ARG A 1 79  ? 1.381   0.382   8.213   1.00 31.15 ? 102 ARG A NH1 1 
ATOM   622  N NH2 . ARG A 1 79  ? 2.362   -1.397  9.312   1.00 29.96 ? 102 ARG A NH2 1 
ATOM   623  N N   . PHE A 1 80  ? 9.423   -1.917  8.073   1.00 30.16 ? 103 PHE A N   1 
ATOM   624  C CA  . PHE A 1 80  ? 10.370  -2.632  8.920   1.00 31.25 ? 103 PHE A CA  1 
ATOM   625  C C   . PHE A 1 80  ? 9.717   -3.083  10.236  1.00 31.26 ? 103 PHE A C   1 
ATOM   626  O O   . PHE A 1 80  ? 9.121   -2.278  10.933  1.00 30.86 ? 103 PHE A O   1 
ATOM   627  C CB  . PHE A 1 80  ? 11.652  -1.803  9.212   1.00 31.02 ? 103 PHE A CB  1 
ATOM   628  C CG  . PHE A 1 80  ? 12.695  -2.596  9.921   1.00 32.78 ? 103 PHE A CG  1 
ATOM   629  C CD1 . PHE A 1 80  ? 13.444  -3.553  9.233   1.00 34.67 ? 103 PHE A CD1 1 
ATOM   630  C CD2 . PHE A 1 80  ? 12.910  -2.432  11.283  1.00 34.28 ? 103 PHE A CD2 1 
ATOM   631  C CE1 . PHE A 1 80  ? 14.395  -4.324  9.898   1.00 36.00 ? 103 PHE A CE1 1 
ATOM   632  C CE2 . PHE A 1 80  ? 13.852  -3.212  11.952  1.00 35.42 ? 103 PHE A CE2 1 
ATOM   633  C CZ  . PHE A 1 80  ? 14.588  -4.161  11.261  1.00 34.15 ? 103 PHE A CZ  1 
ATOM   634  N N   . CYS A 1 81  ? 9.860   -4.359  10.558  1.00 32.44 ? 104 CYS A N   1 
ATOM   635  C CA  . CYS A 1 81  ? 9.380   -4.894  11.837  1.00 33.95 ? 104 CYS A CA  1 
ATOM   636  C C   . CYS A 1 81  ? 10.502  -4.952  12.882  1.00 34.84 ? 104 CYS A C   1 
ATOM   637  O O   . CYS A 1 81  ? 11.442  -5.749  12.754  1.00 35.19 ? 104 CYS A O   1 
ATOM   638  C CB  . CYS A 1 81  ? 8.713   -6.264  11.634  1.00 34.06 ? 104 CYS A CB  1 
ATOM   639  S SG  . CYS A 1 81  ? 7.865   -6.988  13.111  1.00 33.51 ? 104 CYS A SG  1 
ATOM   640  N N   . THR A 1 82  ? 10.406  -4.106  13.922  1.00 35.89 ? 105 THR A N   1 
ATOM   641  C CA  . THR A 1 82  ? 11.474  -3.996  14.900  1.00 36.29 ? 105 THR A CA  1 
ATOM   642  C C   . THR A 1 82  ? 11.548  -5.264  15.739  1.00 38.32 ? 105 THR A C   1 
ATOM   643  O O   . THR A 1 82  ? 10.624  -6.090  15.716  1.00 39.11 ? 105 THR A O   1 
ATOM   644  C CB  . THR A 1 82  ? 11.294  -2.780  15.819  1.00 36.95 ? 105 THR A CB  1 
ATOM   645  O OG1 . THR A 1 82  ? 10.146  -2.959  16.673  1.00 34.50 ? 105 THR A OG1 1 
ATOM   646  C CG2 . THR A 1 82  ? 11.146  -1.503  15.005  1.00 34.09 ? 105 THR A CG2 1 
ATOM   647  N N   . ALA A 1 83  ? 12.653  -5.452  16.459  1.00 39.57 ? 106 ALA A N   1 
ATOM   648  C CA  . ALA A 1 83  ? 12.856  -6.688  17.243  1.00 40.53 ? 106 ALA A CA  1 
ATOM   649  C C   . ALA A 1 83  ? 11.805  -6.873  18.341  1.00 41.16 ? 106 ALA A C   1 
ATOM   650  O O   . ALA A 1 83  ? 11.585  -7.996  18.814  1.00 41.72 ? 106 ALA A O   1 
ATOM   651  C CB  . ALA A 1 83  ? 14.282  -6.711  17.851  1.00 40.54 ? 106 ALA A CB  1 
ATOM   652  N N   . GLU A 1 84  ? 11.173  -5.763  18.737  1.00 41.90 ? 107 GLU A N   1 
ATOM   653  C CA  . GLU A 1 84  ? 10.147  -5.721  19.768  1.00 42.76 ? 107 GLU A CA  1 
ATOM   654  C C   . GLU A 1 84  ? 8.773   -6.143  19.242  1.00 42.96 ? 107 GLU A C   1 
ATOM   655  O O   . GLU A 1 84  ? 7.812   -6.119  19.988  1.00 43.06 ? 107 GLU A O   1 
ATOM   656  C CB  . GLU A 1 84  ? 10.003  -4.298  20.335  1.00 43.04 ? 107 GLU A CB  1 
ATOM   657  C CG  . GLU A 1 84  ? 11.075  -3.850  21.321  1.00 47.12 ? 107 GLU A CG  1 
ATOM   658  C CD  . GLU A 1 84  ? 12.213  -3.040  20.670  1.00 51.90 ? 107 GLU A CD  1 
ATOM   659  O OE1 . GLU A 1 84  ? 13.117  -2.543  21.392  1.00 54.01 ? 107 GLU A OE1 1 
ATOM   660  O OE2 . GLU A 1 84  ? 12.207  -2.896  19.430  1.00 54.95 ? 107 GLU A OE2 1 
ATOM   661  N N   . GLY A 1 85  ? 8.651   -6.490  17.963  1.00 42.64 ? 108 GLY A N   1 
ATOM   662  C CA  . GLY A 1 85  ? 7.333   -6.852  17.445  1.00 42.43 ? 108 GLY A CA  1 
ATOM   663  C C   . GLY A 1 85  ? 6.444   -5.640  17.178  1.00 42.02 ? 108 GLY A C   1 
ATOM   664  O O   . GLY A 1 85  ? 5.222   -5.757  17.098  1.00 42.44 ? 108 GLY A O   1 
ATOM   665  N N   . LEU A 1 86  ? 7.050   -4.468  17.024  1.00 41.13 ? 109 LEU A N   1 
ATOM   666  C CA  . LEU A 1 86  ? 6.313   -3.307  16.542  1.00 40.35 ? 109 LEU A CA  1 
ATOM   667  C C   . LEU A 1 86  ? 6.879   -2.819  15.203  1.00 39.83 ? 109 LEU A C   1 
ATOM   668  O O   . LEU A 1 86  ? 8.094   -2.885  14.971  1.00 38.96 ? 109 LEU A O   1 
ATOM   669  C CB  . LEU A 1 86  ? 6.345   -2.184  17.567  1.00 40.88 ? 109 LEU A CB  1 
ATOM   670  C CG  . LEU A 1 86  ? 6.079   -2.568  19.030  1.00 41.60 ? 109 LEU A CG  1 
ATOM   671  C CD1 . LEU A 1 86  ? 6.808   -1.573  19.889  1.00 41.47 ? 109 LEU A CD1 1 
ATOM   672  C CD2 . LEU A 1 86  ? 4.581   -2.590  19.343  1.00 41.81 ? 109 LEU A CD2 1 
ATOM   673  N N   . TRP A 1 87  ? 5.991   -2.323  14.346  1.00 38.32 ? 110 TRP A N   1 
ATOM   674  C CA  . TRP A 1 87  ? 6.398   -1.632  13.135  1.00 38.31 ? 110 TRP A CA  1 
ATOM   675  C C   . TRP A 1 87  ? 7.222   -0.390  13.463  1.00 39.27 ? 110 TRP A C   1 
ATOM   676  O O   . TRP A 1 87  ? 6.823   0.441   14.285  1.00 39.05 ? 110 TRP A O   1 
ATOM   677  C CB  . TRP A 1 87  ? 5.204   -1.226  12.254  1.00 36.40 ? 110 TRP A CB  1 
ATOM   678  C CG  . TRP A 1 87  ? 4.382   -2.356  11.745  1.00 34.74 ? 110 TRP A CG  1 
ATOM   679  C CD1 . TRP A 1 87  ? 3.085   -2.646  12.106  1.00 33.84 ? 110 TRP A CD1 1 
ATOM   680  C CD2 . TRP A 1 87  ? 4.767   -3.359  10.782  1.00 33.53 ? 110 TRP A CD2 1 
ATOM   681  N NE1 . TRP A 1 87  ? 2.648   -3.760  11.421  1.00 31.85 ? 110 TRP A NE1 1 
ATOM   682  C CE2 . TRP A 1 87  ? 3.655   -4.222  10.613  1.00 33.71 ? 110 TRP A CE2 1 
ATOM   683  C CE3 . TRP A 1 87  ? 5.945   -3.624  10.056  1.00 32.86 ? 110 TRP A CE3 1 
ATOM   684  C CZ2 . TRP A 1 87  ? 3.692   -5.330  9.744   1.00 35.44 ? 110 TRP A CZ2 1 
ATOM   685  C CZ3 . TRP A 1 87  ? 5.986   -4.719  9.207   1.00 30.97 ? 110 TRP A CZ3 1 
ATOM   686  C CH2 . TRP A 1 87  ? 4.858   -5.552  9.041   1.00 35.42 ? 110 TRP A CH2 1 
ATOM   687  N N   . LEU A 1 88  ? 8.363   -0.264  12.797  1.00 40.27 ? 111 LEU A N   1 
ATOM   688  C CA  . LEU A 1 88  ? 9.214   0.939   12.897  1.00 42.13 ? 111 LEU A CA  1 
ATOM   689  C C   . LEU A 1 88  ? 8.434   2.218   12.534  1.00 44.28 ? 111 LEU A C   1 
ATOM   690  O O   . LEU A 1 88  ? 7.739   2.226   11.523  1.00 44.28 ? 111 LEU A O   1 
ATOM   691  C CB  . LEU A 1 88  ? 10.403  0.780   11.951  1.00 40.78 ? 111 LEU A CB  1 
ATOM   692  C CG  . LEU A 1 88  ? 11.335  1.986   11.854  1.00 39.70 ? 111 LEU A CG  1 
ATOM   693  C CD1 . LEU A 1 88  ? 12.182  2.082   13.137  1.00 35.67 ? 111 LEU A CD1 1 
ATOM   694  C CD2 . LEU A 1 88  ? 12.190  1.842   10.610  1.00 37.17 ? 111 LEU A CD2 1 
ATOM   695  N N   . GLN A 1 89  ? 8.528   3.276   13.342  1.00 47.44 ? 112 GLN A N   1 
ATOM   696  C CA  . GLN A 1 89  ? 7.734   4.487   13.079  1.00 52.11 ? 112 GLN A CA  1 
ATOM   697  C C   . GLN A 1 89  ? 8.479   5.760   12.647  1.00 54.74 ? 112 GLN A C   1 
ATOM   698  O O   . GLN A 1 89  ? 8.239   6.291   11.533  1.00 54.98 ? 112 GLN A O   1 
ATOM   699  C CB  . GLN A 1 89  ? 6.802   4.802   14.249  1.00 52.28 ? 112 GLN A CB  1 
ATOM   700  C CG  . GLN A 1 89  ? 5.863   3.651   14.529  1.00 54.91 ? 112 GLN A CG  1 
ATOM   701  C CD  . GLN A 1 89  ? 4.475   4.081   14.911  1.00 58.03 ? 112 GLN A CD  1 
ATOM   702  O OE1 . GLN A 1 89  ? 4.274   5.126   15.546  1.00 60.11 ? 112 GLN A OE1 1 
ATOM   703  N NE2 . GLN A 1 89  ? 3.499   3.254   14.556  1.00 58.61 ? 112 GLN A NE2 1 
ATOM   704  N N   . LYS A 1 90  ? 9.331   6.264   13.538  1.00 58.30 ? 113 LYS A N   1 
ATOM   705  C CA  . LYS A 1 90  ? 9.965   7.587   13.379  1.00 61.08 ? 113 LYS A CA  1 
ATOM   706  C C   . LYS A 1 90  ? 9.977   8.271   14.743  1.00 63.35 ? 113 LYS A C   1 
ATOM   707  O O   . LYS A 1 90  ? 10.865  8.013   15.570  1.00 64.00 ? 113 LYS A O   1 
ATOM   708  C CB  . LYS A 1 90  ? 9.262   8.445   12.291  1.00 60.81 ? 113 LYS A CB  1 
ATOM   709  C CG  . LYS A 1 90  ? 9.572   9.954   12.266  1.00 60.30 ? 113 LYS A CG  1 
ATOM   710  C CD  . LYS A 1 90  ? 10.940  10.321  11.686  1.00 62.06 ? 113 LYS A CD  1 
ATOM   711  C CE  . LYS A 1 90  ? 11.956  10.606  12.784  1.00 62.33 ? 113 LYS A CE  1 
ATOM   712  N NZ  . LYS A 1 90  ? 13.352  10.451  12.259  1.00 61.97 ? 113 LYS A NZ  1 
ATOM   713  N N   . ASP A 1 91  ? 8.977   9.119   14.986  1.00 65.86 ? 114 ASP A N   1 
ATOM   714  C CA  . ASP A 1 91  ? 8.850   9.842   16.255  1.00 67.77 ? 114 ASP A CA  1 
ATOM   715  C C   . ASP A 1 91  ? 7.461   9.652   16.850  1.00 68.36 ? 114 ASP A C   1 
ATOM   716  O O   . ASP A 1 91  ? 6.457   9.674   16.123  1.00 68.98 ? 114 ASP A O   1 
ATOM   717  C CB  . ASP A 1 91  ? 9.171   11.343  16.086  1.00 68.14 ? 114 ASP A CB  1 
ATOM   718  C CG  . ASP A 1 91  ? 8.392   11.988  14.946  1.00 69.65 ? 114 ASP A CG  1 
ATOM   719  O OD1 . ASP A 1 91  ? 8.995   12.221  13.871  1.00 70.62 ? 114 ASP A OD1 1 
ATOM   720  O OD2 . ASP A 1 91  ? 7.174   12.243  15.121  1.00 70.91 ? 114 ASP A OD2 1 
ATOM   721  N N   . ASN A 1 92  ? 7.445   9.402   18.162  1.00 68.78 ? 115 ASN A N   1 
ATOM   722  C CA  . ASN A 1 92  ? 6.273   9.557   19.051  1.00 69.06 ? 115 ASN A CA  1 
ATOM   723  C C   . ASN A 1 92  ? 4.864   9.364   18.425  1.00 68.43 ? 115 ASN A C   1 
ATOM   724  O O   . ASN A 1 92  ? 4.133   8.418   18.763  1.00 68.97 ? 115 ASN A O   1 
ATOM   725  C CB  . ASN A 1 92  ? 6.382   10.924  19.774  1.00 69.37 ? 115 ASN A CB  1 
ATOM   726  C CG  . ASN A 1 92  ? 5.827   10.898  21.194  1.00 70.73 ? 115 ASN A CG  1 
ATOM   727  O OD1 . ASN A 1 92  ? 6.528   11.254  22.151  1.00 72.20 ? 115 ASN A OD1 1 
ATOM   728  N ND2 . ASN A 1 92  ? 4.563   10.496  21.340  1.00 71.62 ? 115 ASN A ND2 1 
ATOM   729  N N   . SER A 1 93  ? 4.504   10.265  17.510  1.00 67.19 ? 116 SER A N   1 
ATOM   730  C CA  . SER A 1 93  ? 3.146   10.368  16.996  1.00 65.78 ? 116 SER A CA  1 
ATOM   731  C C   . SER A 1 93  ? 2.979   9.824   15.561  1.00 64.59 ? 116 SER A C   1 
ATOM   732  O O   . SER A 1 93  ? 1.849   9.735   15.043  1.00 64.64 ? 116 SER A O   1 
ATOM   733  C CB  . SER A 1 93  ? 2.719   11.842  17.052  1.00 66.33 ? 116 SER A CB  1 
ATOM   734  O OG  . SER A 1 93  ? 1.310   11.977  16.939  1.00 67.46 ? 116 SER A OG  1 
ATOM   735  N N   . SER A 1 94  ? 4.086   9.449   14.923  1.00 61.83 ? 117 SER A N   1 
ATOM   736  C CA  . SER A 1 94  ? 4.054   9.245   13.491  1.00 59.71 ? 117 SER A CA  1 
ATOM   737  C C   . SER A 1 94  ? 3.406   7.918   13.048  1.00 57.26 ? 117 SER A C   1 
ATOM   738  O O   . SER A 1 94  ? 3.153   7.010   13.847  1.00 57.70 ? 117 SER A O   1 
ATOM   739  C CB  . SER A 1 94  ? 5.460   9.410   12.911  1.00 60.11 ? 117 SER A CB  1 
ATOM   740  O OG  . SER A 1 94  ? 6.041   10.612  13.379  1.00 61.08 ? 117 SER A OG  1 
ATOM   741  N N   . LEU A 1 95  ? 3.125   7.828   11.759  1.00 53.77 ? 118 LEU A N   1 
ATOM   742  C CA  . LEU A 1 95  ? 2.702   6.585   11.151  1.00 49.92 ? 118 LEU A CA  1 
ATOM   743  C C   . LEU A 1 95  ? 3.916   5.629   10.998  1.00 46.45 ? 118 LEU A C   1 
ATOM   744  O O   . LEU A 1 95  ? 5.052   6.050   11.187  1.00 45.74 ? 118 LEU A O   1 
ATOM   745  C CB  . LEU A 1 95  ? 2.056   6.938   9.825   1.00 50.91 ? 118 LEU A CB  1 
ATOM   746  C CG  . LEU A 1 95  ? 0.794   7.789   10.030  1.00 52.70 ? 118 LEU A CG  1 
ATOM   747  C CD1 . LEU A 1 95  ? 0.388   8.463   8.722   1.00 54.98 ? 118 LEU A CD1 1 
ATOM   748  C CD2 . LEU A 1 95  ? -0.365  6.930   10.597  1.00 54.76 ? 118 LEU A CD2 1 
ATOM   749  N N   . PRO A 1 96  ? 3.691   4.330   10.713  1.00 42.89 ? 119 PRO A N   1 
ATOM   750  C CA  . PRO A 1 96  ? 4.845   3.470   10.453  1.00 40.44 ? 119 PRO A CA  1 
ATOM   751  C C   . PRO A 1 96  ? 5.713   3.935   9.259   1.00 38.05 ? 119 PRO A C   1 
ATOM   752  O O   . PRO A 1 96  ? 5.186   4.492   8.301   1.00 37.25 ? 119 PRO A O   1 
ATOM   753  C CB  . PRO A 1 96  ? 4.207   2.126   10.134  1.00 40.06 ? 119 PRO A CB  1 
ATOM   754  C CG  . PRO A 1 96  ? 2.952   2.166   10.812  1.00 42.72 ? 119 PRO A CG  1 
ATOM   755  C CD  . PRO A 1 96  ? 2.451   3.564   10.646  1.00 42.56 ? 119 PRO A CD  1 
ATOM   756  N N   . TRP A 1 97  ? 7.036   3.744   9.357   1.00 35.38 ? 120 TRP A N   1 
ATOM   757  C CA  . TRP A 1 97  ? 7.940   3.990   8.259   1.00 32.41 ? 120 TRP A CA  1 
ATOM   758  C C   . TRP A 1 97  ? 7.511   3.079   7.129   1.00 31.20 ? 120 TRP A C   1 
ATOM   759  O O   . TRP A 1 97  ? 7.247   1.899   7.347   1.00 31.29 ? 120 TRP A O   1 
ATOM   760  C CB  . TRP A 1 97  ? 9.398   3.662   8.658   1.00 31.73 ? 120 TRP A CB  1 
ATOM   761  C CG  . TRP A 1 97  ? 10.338  3.708   7.472   1.00 32.93 ? 120 TRP A CG  1 
ATOM   762  C CD1 . TRP A 1 97  ? 10.910  4.831   6.903   1.00 33.19 ? 120 TRP A CD1 1 
ATOM   763  C CD2 . TRP A 1 97  ? 10.783  2.593   6.685   1.00 31.81 ? 120 TRP A CD2 1 
ATOM   764  N NE1 . TRP A 1 97  ? 11.691  4.466   5.822   1.00 30.84 ? 120 TRP A NE1 1 
ATOM   765  C CE2 . TRP A 1 97  ? 11.646  3.110   5.671   1.00 31.17 ? 120 TRP A CE2 1 
ATOM   766  C CE3 . TRP A 1 97  ? 10.577  1.205   6.762   1.00 30.56 ? 120 TRP A CE3 1 
ATOM   767  C CZ2 . TRP A 1 97  ? 12.273  2.296   4.734   1.00 30.77 ? 120 TRP A CZ2 1 
ATOM   768  C CZ3 . TRP A 1 97  ? 11.209  0.388   5.823   1.00 31.70 ? 120 TRP A CZ3 1 
ATOM   769  C CH2 . TRP A 1 97  ? 12.043  0.942   4.815   1.00 30.51 ? 120 TRP A CH2 1 
ATOM   770  N N   . ARG A 1 98  ? 7.465   3.627   5.920   1.00 28.68 ? 121 ARG A N   1 
ATOM   771  C CA  . ARG A 1 98  ? 7.167   2.857   4.742   1.00 28.95 ? 121 ARG A CA  1 
ATOM   772  C C   . ARG A 1 98  ? 8.049   3.392   3.624   1.00 28.48 ? 121 ARG A C   1 
ATOM   773  O O   . ARG A 1 98  ? 8.173   4.614   3.495   1.00 29.09 ? 121 ARG A O   1 
ATOM   774  C CB  . ARG A 1 98  ? 5.682   3.110   4.321   1.00 28.46 ? 121 ARG A CB  1 
ATOM   775  C CG  . ARG A 1 98  ? 5.243   2.353   3.084   1.00 28.58 ? 121 ARG A CG  1 
ATOM   776  C CD  . ARG A 1 98  ? 3.716   2.590   2.772   1.00 28.74 ? 121 ARG A CD  1 
ATOM   777  N NE  . ARG A 1 98  ? 3.434   4.026   2.592   1.00 29.52 ? 121 ARG A NE  1 
ATOM   778  C CZ  . ARG A 1 98  ? 2.217   4.605   2.608   1.00 33.61 ? 121 ARG A CZ  1 
ATOM   779  N NH1 . ARG A 1 98  ? 1.106   3.882   2.803   1.00 31.67 ? 121 ARG A NH1 1 
ATOM   780  N NH2 . ARG A 1 98  ? 2.098   5.925   2.428   1.00 30.75 ? 121 ARG A NH2 1 
ATOM   781  N N   . ASP A 1 99  ? 8.531   2.522   2.753   1.00 27.74 ? 122 ASP A N   1 
ATOM   782  C CA  . ASP A 1 99  ? 9.212   3.014   1.519   1.00 27.83 ? 122 ASP A CA  1 
ATOM   783  C C   . ASP A 1 99  ? 8.488   2.502   0.297   1.00 25.50 ? 122 ASP A C   1 
ATOM   784  O O   . ASP A 1 99  ? 8.474   1.311   0.077   1.00 24.84 ? 122 ASP A O   1 
ATOM   785  C CB  . ASP A 1 99  ? 10.682  2.526   1.523   1.00 28.07 ? 122 ASP A CB  1 
ATOM   786  C CG  . ASP A 1 99  ? 11.519  3.013   0.273   1.00 30.61 ? 122 ASP A CG  1 
ATOM   787  O OD1 . ASP A 1 99  ? 11.055  3.020   -0.878  1.00 33.98 ? 122 ASP A OD1 1 
ATOM   788  O OD2 . ASP A 1 99  ? 12.689  3.332   0.479   1.00 36.13 ? 122 ASP A OD2 1 
ATOM   789  N N   . LEU A 1 100 ? 7.858   3.381   -0.475  1.00 24.78 ? 123 LEU A N   1 
ATOM   790  C CA  . LEU A 1 100 ? 7.139   2.953   -1.679  1.00 26.56 ? 123 LEU A CA  1 
ATOM   791  C C   . LEU A 1 100 ? 7.840   3.488   -2.948  1.00 27.01 ? 123 LEU A C   1 
ATOM   792  O O   . LEU A 1 100 ? 7.234   3.589   -4.012  1.00 25.15 ? 123 LEU A O   1 
ATOM   793  C CB  . LEU A 1 100 ? 5.646   3.461   -1.646  1.00 26.72 ? 123 LEU A CB  1 
ATOM   794  C CG  . LEU A 1 100 ? 5.315   4.885   -1.158  1.00 29.96 ? 123 LEU A CG  1 
ATOM   795  C CD1 . LEU A 1 100 ? 5.696   5.990   -2.193  1.00 31.52 ? 123 LEU A CD1 1 
ATOM   796  C CD2 . LEU A 1 100 ? 3.809   5.041   -0.852  1.00 27.76 ? 123 LEU A CD2 1 
ATOM   797  N N   . SER A 1 101 ? 9.135   3.812   -2.824  1.00 26.66 ? 124 SER A N   1 
ATOM   798  C CA  . SER A 1 101 ? 9.834   4.454   -3.952  1.00 26.82 ? 124 SER A CA  1 
ATOM   799  C C   . SER A 1 101 ? 9.824   3.613   -5.219  1.00 25.75 ? 124 SER A C   1 
ATOM   800  O O   . SER A 1 101 ? 9.676   4.151   -6.331  1.00 26.16 ? 124 SER A O   1 
ATOM   801  C CB  . SER A 1 101 ? 11.275  4.878   -3.522  1.00 26.71 ? 124 SER A CB  1 
ATOM   802  O OG  . SER A 1 101 ? 11.991  3.728   -3.144  1.00 25.56 ? 124 SER A OG  1 
ATOM   803  N N   . GLU A 1 102 ? 9.962   2.294   -5.091  1.00 25.44 ? 125 GLU A N   1 
ATOM   804  C CA  . GLU A 1 102 ? 9.861   1.383   -6.266  1.00 24.88 ? 125 GLU A CA  1 
ATOM   805  C C   . GLU A 1 102 ? 8.538   1.400   -7.001  1.00 27.25 ? 125 GLU A C   1 
ATOM   806  O O   . GLU A 1 102 ? 8.468   0.975   -8.164  1.00 26.28 ? 125 GLU A O   1 
ATOM   807  C CB  . GLU A 1 102 ? 10.161  -0.064  -5.823  1.00 25.78 ? 125 GLU A CB  1 
ATOM   808  C CG  . GLU A 1 102 ? 11.520  -0.211  -5.100  1.00 25.53 ? 125 GLU A CG  1 
ATOM   809  C CD  . GLU A 1 102 ? 11.862  -1.646  -4.877  1.00 30.32 ? 125 GLU A CD  1 
ATOM   810  O OE1 . GLU A 1 102 ? 11.129  -2.528  -5.383  1.00 30.35 ? 125 GLU A OE1 1 
ATOM   811  O OE2 . GLU A 1 102 ? 12.822  -1.907  -4.155  1.00 28.28 ? 125 GLU A OE2 1 
ATOM   812  N N   . CYS A 1 103 ? 7.470   1.912   -6.331  1.00 29.05 ? 126 CYS A N   1 
ATOM   813  C CA  . CYS A 1 103 ? 6.092   1.881   -6.884  1.00 30.35 ? 126 CYS A CA  1 
ATOM   814  C C   . CYS A 1 103 ? 5.702   3.201   -7.495  1.00 31.29 ? 126 CYS A C   1 
ATOM   815  O O   . CYS A 1 103 ? 4.580   3.340   -7.969  1.00 30.95 ? 126 CYS A O   1 
ATOM   816  C CB  . CYS A 1 103 ? 5.068   1.505   -5.766  1.00 30.58 ? 126 CYS A CB  1 
ATOM   817  S SG  . CYS A 1 103 ? 5.509   -0.081  -5.055  1.00 33.50 ? 126 CYS A SG  1 
ATOM   818  N N   . GLU A 1 104 ? 6.593   4.200   -7.448  1.00 32.12 ? 127 GLU A N   1 
ATOM   819  C CA  . GLU A 1 104 ? 6.267   5.522   -7.981  1.00 32.96 ? 127 GLU A CA  1 
ATOM   820  C C   . GLU A 1 104 ? 6.128   5.508   -9.481  1.00 33.20 ? 127 GLU A C   1 
ATOM   821  O O   . GLU A 1 104 ? 6.724   4.675   -10.184 1.00 34.11 ? 127 GLU A O   1 
ATOM   822  C CB  . GLU A 1 104 ? 7.293   6.602   -7.541  1.00 34.52 ? 127 GLU A CB  1 
ATOM   823  C CG  . GLU A 1 104 ? 7.455   6.666   -6.022  1.00 39.62 ? 127 GLU A CG  1 
ATOM   824  C CD  . GLU A 1 104 ? 6.565   7.690   -5.336  1.00 48.21 ? 127 GLU A CD  1 
ATOM   825  O OE1 . GLU A 1 104 ? 5.493   8.029   -5.876  1.00 52.20 ? 127 GLU A OE1 1 
ATOM   826  O OE2 . GLU A 1 104 ? 6.954   8.186   -4.248  1.00 51.97 ? 127 GLU A OE2 1 
ATOM   827  N N   . GLU A 1 105 ? 5.310   6.420   -9.979  1.00 32.57 ? 128 GLU A N   1 
ATOM   828  C CA  . GLU A 1 105 ? 5.004   6.472   -11.383 1.00 34.58 ? 128 GLU A CA  1 
ATOM   829  C C   . GLU A 1 105 ? 6.189   6.917   -12.304 1.00 37.07 ? 128 GLU A C   1 
ATOM   830  O O   . GLU A 1 105 ? 6.388   6.371   -13.385 1.00 36.72 ? 128 GLU A O   1 
ATOM   831  C CB  . GLU A 1 105 ? 3.819   7.417   -11.591 1.00 33.20 ? 128 GLU A CB  1 
ATOM   832  C CG  . GLU A 1 105 ? 3.404   7.575   -13.010 1.00 32.82 ? 128 GLU A CG  1 
ATOM   833  C CD  . GLU A 1 105 ? 2.256   8.585   -13.177 1.00 33.22 ? 128 GLU A CD  1 
ATOM   834  O OE1 . GLU A 1 105 ? 1.918   9.337   -12.237 1.00 32.21 ? 128 GLU A OE1 1 
ATOM   835  O OE2 . GLU A 1 105 ? 1.691   8.630   -14.263 1.00 30.66 ? 128 GLU A OE2 1 
ATOM   836  N N   . SER A 1 106 ? 6.912   7.953   -11.969 1.00 40.83 ? 129 SER A N   1 
ATOM   837  C CA  . SER A 1 106 ? 7.739   8.512   -13.095 1.00 47.25 ? 129 SER A CA  1 
ATOM   838  C C   . SER A 1 106 ? 8.953   7.652   -13.440 1.00 49.20 ? 129 SER A C   1 
ATOM   839  O O   . SER A 1 106 ? 9.615   7.099   -12.551 1.00 49.32 ? 129 SER A O   1 
ATOM   840  C CB  . SER A 1 106 ? 8.229   9.936   -12.831 1.00 47.05 ? 129 SER A CB  1 
ATOM   841  O OG  . SER A 1 106 ? 9.223   9.866   -11.821 1.00 50.40 ? 129 SER A OG  1 
ATOM   842  N N   . LYS A 1 107 ? 9.242   7.573   -14.735 1.00 53.34 ? 130 LYS A N   1 
ATOM   843  C CA  . LYS A 1 107 ? 10.532  7.042   -15.236 1.00 56.68 ? 130 LYS A CA  1 
ATOM   844  C C   . LYS A 1 107 ? 11.803  7.536   -14.503 1.00 58.10 ? 130 LYS A C   1 
ATOM   845  O O   . LYS A 1 107 ? 12.796  6.783   -14.433 1.00 59.49 ? 130 LYS A O   1 
ATOM   846  C CB  . LYS A 1 107 ? 10.682  7.251   -16.749 1.00 56.90 ? 130 LYS A CB  1 
ATOM   847  C CG  . LYS A 1 107 ? 10.002  6.188   -17.604 1.00 59.35 ? 130 LYS A CG  1 
ATOM   848  C CD  . LYS A 1 107 ? 10.031  6.617   -19.071 1.00 63.90 ? 130 LYS A CD  1 
ATOM   849  C CE  . LYS A 1 107 ? 9.239   5.663   -19.988 1.00 67.35 ? 130 LYS A CE  1 
ATOM   850  N NZ  . LYS A 1 107 ? 7.801   5.460   -19.557 1.00 68.79 ? 130 LYS A NZ  1 
ATOM   851  N N   . ARG A 1 108 ? 11.791  8.752   -13.947 1.00 58.76 ? 131 ARG A N   1 
ATOM   852  C CA  . ARG A 1 108 ? 13.015  9.257   -13.320 1.00 59.76 ? 131 ARG A CA  1 
ATOM   853  C C   . ARG A 1 108 ? 12.840  9.842   -11.917 1.00 60.27 ? 131 ARG A C   1 
ATOM   854  O O   . ARG A 1 108 ? 13.832  9.974   -11.172 1.00 61.07 ? 131 ARG A O   1 
ATOM   855  C CB  . ARG A 1 108 ? 13.749  10.239  -14.255 1.00 59.70 ? 131 ARG A CB  1 
ATOM   856  N N   . ASP B 2 1   ? -8.798  14.762  -24.639 1.00 56.86 ? 9   ASP B N   1 
ATOM   857  C CA  . ASP B 2 1   ? -7.371  15.222  -24.657 1.00 57.25 ? 9   ASP B CA  1 
ATOM   858  C C   . ASP B 2 1   ? -7.083  16.000  -23.362 1.00 55.97 ? 9   ASP B C   1 
ATOM   859  O O   . ASP B 2 1   ? -6.476  15.465  -22.447 1.00 56.00 ? 9   ASP B O   1 
ATOM   860  C CB  . ASP B 2 1   ? -7.016  16.100  -25.881 1.00 58.11 ? 9   ASP B CB  1 
ATOM   861  C CG  . ASP B 2 1   ? -7.871  15.806  -27.158 1.00 61.92 ? 9   ASP B CG  1 
ATOM   862  O OD1 . ASP B 2 1   ? -7.344  15.142  -28.098 1.00 64.66 ? 9   ASP B OD1 1 
ATOM   863  O OD2 . ASP B 2 1   ? -9.038  16.296  -27.258 1.00 65.38 ? 9   ASP B OD2 1 
ATOM   864  N N   . LEU B 2 2   ? -7.548  17.249  -23.288 1.00 54.43 ? 10  LEU B N   1 
ATOM   865  C CA  . LEU B 2 2   ? -7.378  18.085  -22.099 1.00 53.00 ? 10  LEU B CA  1 
ATOM   866  C C   . LEU B 2 2   ? -8.117  17.470  -20.904 1.00 52.20 ? 10  LEU B C   1 
ATOM   867  O O   . LEU B 2 2   ? -7.548  17.323  -19.812 1.00 51.97 ? 10  LEU B O   1 
ATOM   868  C CB  . LEU B 2 2   ? -7.912  19.488  -22.377 1.00 52.84 ? 10  LEU B CB  1 
ATOM   869  C CG  . LEU B 2 2   ? -7.275  20.718  -21.728 1.00 53.53 ? 10  LEU B CG  1 
ATOM   870  C CD1 . LEU B 2 2   ? -7.479  21.941  -22.631 1.00 51.53 ? 10  LEU B CD1 1 
ATOM   871  C CD2 . LEU B 2 2   ? -7.827  20.973  -20.310 1.00 54.06 ? 10  LEU B CD2 1 
ATOM   872  N N   . SER B 2 3   ? -9.380  17.097  -21.121 1.00 50.65 ? 11  SER B N   1 
ATOM   873  C CA  . SER B 2 3   ? -10.182 16.518  -20.057 1.00 49.91 ? 11  SER B CA  1 
ATOM   874  C C   . SER B 2 3   ? -9.648  15.149  -19.638 1.00 48.54 ? 11  SER B C   1 
ATOM   875  O O   . SER B 2 3   ? -9.668  14.840  -18.454 1.00 48.40 ? 11  SER B O   1 
ATOM   876  C CB  . SER B 2 3   ? -11.671 16.459  -20.420 1.00 50.37 ? 11  SER B CB  1 
ATOM   877  O OG  . SER B 2 3   ? -11.917 15.462  -21.394 1.00 52.00 ? 11  SER B OG  1 
ATOM   878  N N   . LYS B 2 4   ? -9.144  14.360  -20.592 1.00 47.17 ? 12  LYS B N   1 
ATOM   879  C CA  . LYS B 2 4   ? -8.434  13.115  -20.261 1.00 46.75 ? 12  LYS B CA  1 
ATOM   880  C C   . LYS B 2 4   ? -7.171  13.349  -19.418 1.00 45.15 ? 12  LYS B C   1 
ATOM   881  O O   . LYS B 2 4   ? -6.925  12.626  -18.466 1.00 44.88 ? 12  LYS B O   1 
ATOM   882  C CB  . LYS B 2 4   ? -8.142  12.262  -21.515 1.00 47.92 ? 12  LYS B CB  1 
ATOM   883  C CG  . LYS B 2 4   ? -6.746  11.615  -21.549 1.00 50.93 ? 12  LYS B CG  1 
ATOM   884  C CD  . LYS B 2 4   ? -6.697  10.142  -22.012 1.00 54.21 ? 12  LYS B CD  1 
ATOM   885  C CE  . LYS B 2 4   ? -5.216  9.743   -22.206 1.00 54.52 ? 12  LYS B CE  1 
ATOM   886  N NZ  . LYS B 2 4   ? -4.932  8.312   -21.891 1.00 58.26 ? 12  LYS B NZ  1 
ATOM   887  N N   . GLN B 2 5   ? -6.393  14.377  -19.758 1.00 43.47 ? 13  GLN B N   1 
ATOM   888  C CA  . GLN B 2 5   ? -5.204  14.738  -18.993 1.00 41.94 ? 13  GLN B CA  1 
ATOM   889  C C   . GLN B 2 5   ? -5.549  15.241  -17.604 1.00 40.34 ? 13  GLN B C   1 
ATOM   890  O O   . GLN B 2 5   ? -4.792  15.034  -16.663 1.00 39.64 ? 13  GLN B O   1 
ATOM   891  C CB  . GLN B 2 5   ? -4.398  15.811  -19.715 1.00 41.84 ? 13  GLN B CB  1 
ATOM   892  C CG  . GLN B 2 5   ? -3.696  15.304  -20.944 1.00 43.24 ? 13  GLN B CG  1 
ATOM   893  C CD  . GLN B 2 5   ? -3.001  16.413  -21.690 1.00 44.07 ? 13  GLN B CD  1 
ATOM   894  O OE1 . GLN B 2 5   ? -1.958  16.888  -21.264 1.00 45.91 ? 13  GLN B OE1 1 
ATOM   895  N NE2 . GLN B 2 5   ? -3.586  16.844  -22.811 1.00 45.44 ? 13  GLN B NE2 1 
ATOM   896  N N   . MET B 2 6   ? -6.674  15.932  -17.480 1.00 39.05 ? 14  MET B N   1 
ATOM   897  C CA  . MET B 2 6   ? -7.098  16.394  -16.162 1.00 38.96 ? 14  MET B CA  1 
ATOM   898  C C   . MET B 2 6   ? -7.663  15.237  -15.304 1.00 38.43 ? 14  MET B C   1 
ATOM   899  O O   . MET B 2 6   ? -7.501  15.224  -14.085 1.00 39.37 ? 14  MET B O   1 
ATOM   900  C CB  . MET B 2 6   ? -8.053  17.590  -16.274 1.00 38.33 ? 14  MET B CB  1 
ATOM   901  C CG  . MET B 2 6   ? -7.343  18.909  -16.692 1.00 40.73 ? 14  MET B CG  1 
ATOM   902  S SD  . MET B 2 6   ? -5.777  19.275  -15.790 1.00 41.68 ? 14  MET B SD  1 
ATOM   903  C CE  . MET B 2 6   ? -6.404  19.899  -14.225 1.00 41.26 ? 14  MET B CE  1 
ATOM   904  N N   . GLU B 2 7   ? -8.292  14.252  -15.936 1.00 38.19 ? 15  GLU B N   1 
ATOM   905  C CA  . GLU B 2 7   ? -8.754  13.070  -15.206 1.00 37.74 ? 15  GLU B CA  1 
ATOM   906  C C   . GLU B 2 7   ? -7.548  12.289  -14.685 1.00 37.51 ? 15  GLU B C   1 
ATOM   907  O O   . GLU B 2 7   ? -7.526  11.824  -13.524 1.00 37.19 ? 15  GLU B O   1 
ATOM   908  C CB  . GLU B 2 7   ? -9.609  12.161  -16.077 1.00 37.47 ? 15  GLU B CB  1 
ATOM   909  C CG  . GLU B 2 7   ? -10.151 11.015  -15.237 1.00 38.39 ? 15  GLU B CG  1 
ATOM   910  C CD  . GLU B 2 7   ? -11.312 10.278  -15.860 1.00 39.56 ? 15  GLU B CD  1 
ATOM   911  O OE1 . GLU B 2 7   ? -11.642 10.519  -17.038 1.00 41.46 ? 15  GLU B OE1 1 
ATOM   912  O OE2 . GLU B 2 7   ? -11.913 9.448   -15.146 1.00 39.55 ? 15  GLU B OE2 1 
ATOM   913  N N   . GLU B 2 8   ? -6.524  12.194  -15.531 1.00 36.51 ? 16  GLU B N   1 
ATOM   914  C CA  . GLU B 2 8   ? -5.263  11.581  -15.128 1.00 35.49 ? 16  GLU B CA  1 
ATOM   915  C C   . GLU B 2 8   ? -4.678  12.208  -13.872 1.00 34.15 ? 16  GLU B C   1 
ATOM   916  O O   . GLU B 2 8   ? -4.190  11.492  -12.996 1.00 33.21 ? 16  GLU B O   1 
ATOM   917  C CB  . GLU B 2 8   ? -4.263  11.660  -16.263 1.00 36.23 ? 16  GLU B CB  1 
ATOM   918  C CG  . GLU B 2 8   ? -3.141  10.729  -16.037 1.00 40.47 ? 16  GLU B CG  1 
ATOM   919  C CD  . GLU B 2 8   ? -2.386  10.398  -17.299 1.00 45.87 ? 16  GLU B CD  1 
ATOM   920  O OE1 . GLU B 2 8   ? -2.693  10.991  -18.371 1.00 48.34 ? 16  GLU B OE1 1 
ATOM   921  O OE2 . GLU B 2 8   ? -1.492  9.521   -17.196 1.00 46.09 ? 16  GLU B OE2 1 
ATOM   922  N N   . GLU B 2 9   ? -4.719  13.537  -13.781 1.00 32.48 ? 17  GLU B N   1 
ATOM   923  C CA  . GLU B 2 9   ? -4.259  14.209  -12.573 1.00 32.48 ? 17  GLU B CA  1 
ATOM   924  C C   . GLU B 2 9   ? -5.148  13.907  -11.377 1.00 32.55 ? 17  GLU B C   1 
ATOM   925  O O   . GLU B 2 9   ? -4.653  13.798  -10.249 1.00 33.12 ? 17  GLU B O   1 
ATOM   926  C CB  . GLU B 2 9   ? -4.183  15.735  -12.758 1.00 32.12 ? 17  GLU B CB  1 
ATOM   927  C CG  . GLU B 2 9   ? -3.232  16.200  -13.852 1.00 34.74 ? 17  GLU B CG  1 
ATOM   928  C CD  . GLU B 2 9   ? -1.738  15.945  -13.531 1.00 35.35 ? 17  GLU B CD  1 
ATOM   929  O OE1 . GLU B 2 9   ? -1.405  15.642  -12.367 1.00 35.29 ? 17  GLU B OE1 1 
ATOM   930  O OE2 . GLU B 2 9   ? -0.907  16.066  -14.460 1.00 34.56 ? 17  GLU B OE2 1 
ATOM   931  N N   . ALA B 2 10  ? -6.463  13.829  -11.609 1.00 32.61 ? 18  ALA B N   1 
ATOM   932  C CA  . ALA B 2 10  ? -7.411  13.514  -10.551 1.00 32.43 ? 18  ALA B CA  1 
ATOM   933  C C   . ALA B 2 10  ? -7.093  12.152  -9.966  1.00 32.27 ? 18  ALA B C   1 
ATOM   934  O O   . ALA B 2 10  ? -7.091  11.972  -8.755  1.00 33.20 ? 18  ALA B O   1 
ATOM   935  C CB  . ALA B 2 10  ? -8.887  13.576  -11.098 1.00 32.33 ? 18  ALA B CB  1 
ATOM   936  N N   . VAL B 2 11  ? -6.775  11.202  -10.842 1.00 32.17 ? 19  VAL B N   1 
ATOM   937  C CA  . VAL B 2 11  ? -6.379  9.863   -10.446 1.00 32.53 ? 19  VAL B CA  1 
ATOM   938  C C   . VAL B 2 11  ? -5.061  9.870   -9.623  1.00 33.16 ? 19  VAL B C   1 
ATOM   939  O O   . VAL B 2 11  ? -4.941  9.145   -8.625  1.00 33.64 ? 19  VAL B O   1 
ATOM   940  C CB  . VAL B 2 11  ? -6.244  8.946   -11.668 1.00 32.58 ? 19  VAL B CB  1 
ATOM   941  C CG1 . VAL B 2 11  ? -5.691  7.545   -11.270 1.00 32.61 ? 19  VAL B CG1 1 
ATOM   942  C CG2 . VAL B 2 11  ? -7.573  8.772   -12.337 1.00 33.26 ? 19  VAL B CG2 1 
ATOM   943  N N   . ARG B 2 12  ? -4.072  10.689  -10.020 1.00 32.95 ? 20  ARG B N   1 
ATOM   944  C CA  . ARG B 2 12  ? -2.824  10.818  -9.232  1.00 31.39 ? 20  ARG B CA  1 
ATOM   945  C C   . ARG B 2 12  ? -3.123  11.376  -7.848  1.00 31.60 ? 20  ARG B C   1 
ATOM   946  O O   . ARG B 2 12  ? -2.508  11.002  -6.841  1.00 32.26 ? 20  ARG B O   1 
ATOM   947  C CB  . ARG B 2 12  ? -1.867  11.790  -9.930  1.00 31.60 ? 20  ARG B CB  1 
ATOM   948  C CG  . ARG B 2 12  ? -1.380  11.297  -11.268 1.00 32.19 ? 20  ARG B CG  1 
ATOM   949  C CD  . ARG B 2 12  ? -0.297  12.212  -11.845 1.00 32.23 ? 20  ARG B CD  1 
ATOM   950  N NE  . ARG B 2 12  ? 0.281   11.587  -13.027 1.00 31.86 ? 20  ARG B NE  1 
ATOM   951  C CZ  . ARG B 2 12  ? 0.101   11.982  -14.280 1.00 35.63 ? 20  ARG B CZ  1 
ATOM   952  N NH1 . ARG B 2 12  ? -0.613  13.071  -14.563 1.00 40.37 ? 20  ARG B NH1 1 
ATOM   953  N NH2 . ARG B 2 12  ? 0.664   11.297  -15.267 1.00 35.82 ? 20  ARG B NH2 1 
ATOM   954  N N   . LEU B 2 13  ? -4.060  12.317  -7.809  1.00 31.36 ? 21  LEU B N   1 
ATOM   955  C CA  . LEU B 2 13  ? -4.492  12.943  -6.580  1.00 31.90 ? 21  LEU B CA  1 
ATOM   956  C C   . LEU B 2 13  ? -5.188  11.915  -5.687  1.00 31.85 ? 21  LEU B C   1 
ATOM   957  O O   . LEU B 2 13  ? -4.956  11.879  -4.460  1.00 31.68 ? 21  LEU B O   1 
ATOM   958  C CB  . LEU B 2 13  ? -5.450  14.073  -6.934  1.00 32.41 ? 21  LEU B CB  1 
ATOM   959  C CG  . LEU B 2 13  ? -5.668  15.262  -6.002  1.00 34.93 ? 21  LEU B CG  1 
ATOM   960  C CD1 . LEU B 2 13  ? -4.323  15.887  -5.607  1.00 35.55 ? 21  LEU B CD1 1 
ATOM   961  C CD2 . LEU B 2 13  ? -6.615  16.334  -6.637  1.00 33.76 ? 21  LEU B CD2 1 
ATOM   962  N N   . PHE B 2 14  ? -6.022  11.079  -6.302  1.00 30.57 ? 22  PHE B N   1 
ATOM   963  C CA  . PHE B 2 14  ? -6.660  9.988   -5.570  1.00 31.86 ? 22  PHE B CA  1 
ATOM   964  C C   . PHE B 2 14  ? -5.610  9.080   -4.925  1.00 31.94 ? 22  PHE B C   1 
ATOM   965  O O   . PHE B 2 14  ? -5.701  8.769   -3.733  1.00 32.40 ? 22  PHE B O   1 
ATOM   966  C CB  . PHE B 2 14  ? -7.587  9.169   -6.482  1.00 30.40 ? 22  PHE B CB  1 
ATOM   967  C CG  . PHE B 2 14  ? -8.155  7.929   -5.818  1.00 31.30 ? 22  PHE B CG  1 
ATOM   968  C CD1 . PHE B 2 14  ? -9.035  8.042   -4.744  1.00 30.58 ? 22  PHE B CD1 1 
ATOM   969  C CD2 . PHE B 2 14  ? -7.860  6.654   -6.309  1.00 26.94 ? 22  PHE B CD2 1 
ATOM   970  C CE1 . PHE B 2 14  ? -9.582  6.884   -4.136  1.00 31.74 ? 22  PHE B CE1 1 
ATOM   971  C CE2 . PHE B 2 14  ? -8.350  5.517   -5.669  1.00 28.56 ? 22  PHE B CE2 1 
ATOM   972  C CZ  . PHE B 2 14  ? -9.238  5.627   -4.605  1.00 28.06 ? 22  PHE B CZ  1 
ATOM   973  N N   . ILE B 2 15  ? -4.594  8.685   -5.709  1.00 32.30 ? 23  ILE B N   1 
ATOM   974  C CA  . ILE B 2 15  ? -3.478  7.868   -5.173  1.00 30.93 ? 23  ILE B CA  1 
ATOM   975  C C   . ILE B 2 15  ? -2.675  8.595   -4.093  1.00 30.54 ? 23  ILE B C   1 
ATOM   976  O O   . ILE B 2 15  ? -2.276  7.980   -3.109  1.00 30.08 ? 23  ILE B O   1 
ATOM   977  C CB  . ILE B 2 15  ? -2.508  7.379   -6.305  1.00 31.91 ? 23  ILE B CB  1 
ATOM   978  C CG1 . ILE B 2 15  ? -3.285  6.746   -7.456  1.00 29.79 ? 23  ILE B CG1 1 
ATOM   979  C CG2 . ILE B 2 15  ? -1.426  6.434   -5.742  1.00 29.24 ? 23  ILE B CG2 1 
ATOM   980  C CD1 . ILE B 2 15  ? -3.876  5.487   -7.079  1.00 30.52 ? 23  ILE B CD1 1 
ATOM   981  N N   . GLU B 2 16  ? -2.425  9.883   -4.264  1.00 31.01 ? 24  GLU B N   1 
ATOM   982  C CA  . GLU B 2 16  ? -1.776  10.644  -3.199  1.00 32.88 ? 24  GLU B CA  1 
ATOM   983  C C   . GLU B 2 16  ? -2.629  10.671  -1.938  1.00 33.73 ? 24  GLU B C   1 
ATOM   984  O O   . GLU B 2 16  ? -2.109  10.527  -0.830  1.00 33.68 ? 24  GLU B O   1 
ATOM   985  C CB  . GLU B 2 16  ? -1.457  12.081  -3.638  1.00 34.42 ? 24  GLU B CB  1 
ATOM   986  C CG  . GLU B 2 16  ? -0.437  12.147  -4.762  1.00 38.98 ? 24  GLU B CG  1 
ATOM   987  C CD  . GLU B 2 16  ? 0.928   11.563  -4.372  1.00 43.64 ? 24  GLU B CD  1 
ATOM   988  O OE1 . GLU B 2 16  ? 1.330   11.673  -3.192  1.00 45.14 ? 24  GLU B OE1 1 
ATOM   989  O OE2 . GLU B 2 16  ? 1.589   10.988  -5.251  1.00 45.16 ? 24  GLU B OE2 1 
ATOM   990  N N   . TRP B 2 17  ? -3.950  10.817  -2.105  1.00 33.78 ? 25  TRP B N   1 
ATOM   991  C CA  . TRP B 2 17  ? -4.896  10.724  -0.972  1.00 34.15 ? 25  TRP B CA  1 
ATOM   992  C C   . TRP B 2 17  ? -4.759  9.383   -0.182  1.00 33.40 ? 25  TRP B C   1 
ATOM   993  O O   . TRP B 2 17  ? -4.667  9.383   1.035   1.00 33.82 ? 25  TRP B O   1 
ATOM   994  C CB  . TRP B 2 17  ? -6.339  10.971  -1.488  1.00 34.71 ? 25  TRP B CB  1 
ATOM   995  C CG  . TRP B 2 17  ? -7.380  10.960  -0.422  1.00 36.69 ? 25  TRP B CG  1 
ATOM   996  C CD1 . TRP B 2 17  ? -7.574  11.903  0.570   1.00 36.40 ? 25  TRP B CD1 1 
ATOM   997  C CD2 . TRP B 2 17  ? -8.398  9.969   -0.238  1.00 35.27 ? 25  TRP B CD2 1 
ATOM   998  N NE1 . TRP B 2 17  ? -8.638  11.536  1.367   1.00 36.35 ? 25  TRP B NE1 1 
ATOM   999  C CE2 . TRP B 2 17  ? -9.159  10.358  0.897   1.00 36.95 ? 25  TRP B CE2 1 
ATOM   1000 C CE3 . TRP B 2 17  ? -8.739  8.796   -0.922  1.00 33.23 ? 25  TRP B CE3 1 
ATOM   1001 C CZ2 . TRP B 2 17  ? -10.238 9.606   1.363   1.00 38.09 ? 25  TRP B CZ2 1 
ATOM   1002 C CZ3 . TRP B 2 17  ? -9.777  8.040   -0.466  1.00 36.54 ? 25  TRP B CZ3 1 
ATOM   1003 C CH2 . TRP B 2 17  ? -10.542 8.454   0.669   1.00 37.64 ? 25  TRP B CH2 1 
ATOM   1004 N N   . LEU B 2 18  ? -4.708  8.252   -0.878  1.00 33.10 ? 26  LEU B N   1 
ATOM   1005 C CA  . LEU B 2 18  ? -4.489  6.947   -0.224  1.00 32.14 ? 26  LEU B CA  1 
ATOM   1006 C C   . LEU B 2 18  ? -3.139  6.844   0.481   1.00 33.32 ? 26  LEU B C   1 
ATOM   1007 O O   . LEU B 2 18  ? -3.014  6.308   1.607   1.00 32.87 ? 26  LEU B O   1 
ATOM   1008 C CB  . LEU B 2 18  ? -4.605  5.825   -1.266  1.00 31.07 ? 26  LEU B CB  1 
ATOM   1009 C CG  . LEU B 2 18  ? -5.939  5.720   -2.015  1.00 30.19 ? 26  LEU B CG  1 
ATOM   1010 C CD1 . LEU B 2 18  ? -5.815  4.720   -3.107  1.00 24.73 ? 26  LEU B CD1 1 
ATOM   1011 C CD2 . LEU B 2 18  ? -7.052  5.334   -1.018  1.00 25.24 ? 26  LEU B CD2 1 
ATOM   1012 N N   . LYS B 2 19  ? -2.095  7.317   -0.197  1.00 34.54 ? 27  LYS B N   1 
ATOM   1013 C CA  . LYS B 2 19  ? -0.738  7.361   0.414   1.00 34.50 ? 27  LYS B CA  1 
ATOM   1014 C C   . LYS B 2 19  ? -0.713  8.207   1.669   1.00 35.99 ? 27  LYS B C   1 
ATOM   1015 O O   . LYS B 2 19  ? 0.021   7.908   2.605   1.00 35.90 ? 27  LYS B O   1 
ATOM   1016 C CB  . LYS B 2 19  ? 0.292   7.875   -0.591  1.00 34.21 ? 27  LYS B CB  1 
ATOM   1017 C CG  . LYS B 2 19  ? 0.475   6.917   -1.747  1.00 32.80 ? 27  LYS B CG  1 
ATOM   1018 C CD  . LYS B 2 19  ? 1.181   7.574   -2.949  1.00 33.72 ? 27  LYS B CD  1 
ATOM   1019 C CE  . LYS B 2 19  ? 2.500   8.219   -2.564  1.00 35.29 ? 27  LYS B CE  1 
ATOM   1020 N NZ  . LYS B 2 19  ? 3.067   8.921   -3.787  1.00 36.02 ? 27  LYS B NZ  1 
ATOM   1021 N N   . ASN B 2 20  ? -1.498  9.278   1.684   1.00 38.31 ? 28  ASN B N   1 
ATOM   1022 C CA  . ASN B 2 20  ? -1.619  10.115  2.884   1.00 40.34 ? 28  ASN B CA  1 
ATOM   1023 C C   . ASN B 2 20  ? -2.539  9.541   3.971   1.00 41.73 ? 28  ASN B C   1 
ATOM   1024 O O   . ASN B 2 20  ? -2.662  10.099  5.055   1.00 42.21 ? 28  ASN B O   1 
ATOM   1025 C CB  . ASN B 2 20  ? -2.047  11.518  2.499   1.00 41.27 ? 28  ASN B CB  1 
ATOM   1026 C CG  . ASN B 2 20  ? -0.964  12.260  1.734   1.00 43.19 ? 28  ASN B CG  1 
ATOM   1027 O OD1 . ASN B 2 20  ? -1.255  13.138  0.926   1.00 48.06 ? 28  ASN B OD1 1 
ATOM   1028 N ND2 . ASN B 2 20  ? 0.292   11.913  1.994   1.00 41.81 ? 28  ASN B ND2 1 
ATOM   1029 N N   . GLY B 2 21  ? -3.179  8.420   3.677   1.00 42.81 ? 29  GLY B N   1 
ATOM   1030 C CA  . GLY B 2 21  ? -3.911  7.710   4.693   1.00 44.40 ? 29  GLY B CA  1 
ATOM   1031 C C   . GLY B 2 21  ? -5.367  7.535   4.361   1.00 45.60 ? 29  GLY B C   1 
ATOM   1032 O O   . GLY B 2 21  ? -6.063  6.899   5.123   1.00 45.65 ? 29  GLY B O   1 
ATOM   1033 N N   . GLY B 2 22  ? -5.818  8.090   3.234   1.00 46.72 ? 30  GLY B N   1 
ATOM   1034 C CA  . GLY B 2 22  ? -7.086  7.669   2.601   1.00 48.39 ? 30  GLY B CA  1 
ATOM   1035 C C   . GLY B 2 22  ? -8.258  7.968   3.506   1.00 49.92 ? 30  GLY B C   1 
ATOM   1036 O O   . GLY B 2 22  ? -8.293  9.037   4.111   1.00 49.21 ? 30  GLY B O   1 
ATOM   1037 N N   . PRO B 2 23  ? -9.247  7.051   3.573   1.00 51.46 ? 31  PRO B N   1 
ATOM   1038 C CA  . PRO B 2 23  ? -10.320 7.184   4.580   1.00 53.16 ? 31  PRO B CA  1 
ATOM   1039 C C   . PRO B 2 23  ? -9.865  7.243   6.053   1.00 55.12 ? 31  PRO B C   1 
ATOM   1040 O O   . PRO B 2 23  ? -10.717 7.391   6.926   1.00 55.53 ? 31  PRO B O   1 
ATOM   1041 C CB  . PRO B 2 23  ? -11.221 5.966   4.329   1.00 53.16 ? 31  PRO B CB  1 
ATOM   1042 C CG  . PRO B 2 23  ? -10.524 5.118   3.304   1.00 51.74 ? 31  PRO B CG  1 
ATOM   1043 C CD  . PRO B 2 23  ? -9.468  5.927   2.644   1.00 51.06 ? 31  PRO B CD  1 
ATOM   1044 N N   . SER B 2 24  ? -8.552  7.206   6.318   1.00 57.07 ? 32  SER B N   1 
ATOM   1045 C CA  . SER B 2 24  ? -8.001  7.159   7.703   1.00 59.52 ? 32  SER B CA  1 
ATOM   1046 C C   . SER B 2 24  ? -7.182  8.343   8.324   1.00 61.32 ? 32  SER B C   1 
ATOM   1047 O O   . SER B 2 24  ? -6.375  8.085   9.232   1.00 62.22 ? 32  SER B O   1 
ATOM   1048 C CB  . SER B 2 24  ? -7.148  5.895   7.874   1.00 58.97 ? 32  SER B CB  1 
ATOM   1049 O OG  . SER B 2 24  ? -7.899  4.731   7.626   1.00 59.12 ? 32  SER B OG  1 
ATOM   1050 N N   . SER B 2 25  ? -7.330  9.609   7.909   1.00 62.87 ? 33  SER B N   1 
ATOM   1051 C CA  . SER B 2 25  ? -8.114  10.072  6.773   1.00 63.85 ? 33  SER B CA  1 
ATOM   1052 C C   . SER B 2 25  ? -7.357  11.203  6.060   1.00 64.11 ? 33  SER B C   1 
ATOM   1053 O O   . SER B 2 25  ? -6.242  11.006  5.561   1.00 64.22 ? 33  SER B O   1 
ATOM   1054 C CB  . SER B 2 25  ? -9.515  10.533  7.208   1.00 63.84 ? 33  SER B CB  1 
ATOM   1055 O OG  . SER B 2 25  ? -9.460  11.726  7.968   1.00 65.02 ? 33  SER B OG  1 
HETATM 1056 O O10 . 10M C 3 .   ? 13.672  -9.968  1.862   1.00 55.01 ? 1   10M A O10 1 
HETATM 1057 C C22 . 10M C 3 .   ? 12.973  -9.439  0.748   1.00 54.12 ? 1   10M A C22 1 
HETATM 1058 C C21 . 10M C 3 .   ? 13.153  -10.331 -0.472  1.00 56.42 ? 1   10M A C21 1 
HETATM 1059 O O9  . 10M C 3 .   ? 12.420  -11.527 -0.223  1.00 59.08 ? 1   10M A O9  1 
HETATM 1060 C C14 . 10M C 3 .   ? 12.625  -9.673  -1.740  1.00 59.99 ? 1   10M A C14 1 
HETATM 1061 O O3  . 10M C 3 .   ? 13.091  -10.424 -2.854  1.00 68.92 ? 1   10M A O3  1 
HETATM 1062 C C15 . 10M C 3 .   ? 12.121  -10.880 -3.817  1.00 76.72 ? 1   10M A C15 1 
HETATM 1063 C C20 . 10M C 3 .   ? 12.662  -12.075 -4.606  1.00 79.98 ? 1   10M A C20 1 
HETATM 1064 O O8  . 10M C 3 .   ? 12.823  -13.219 -3.757  1.00 80.17 ? 1   10M A O8  1 
HETATM 1065 C C19 . 10M C 3 .   ? 13.998  -11.710 -5.268  1.00 82.85 ? 1   10M A C19 1 
HETATM 1066 O O7  . 10M C 3 .   ? 14.387  -12.809 -6.104  1.00 84.38 ? 1   10M A O7  1 
HETATM 1067 C C18 . 10M C 3 .   ? 13.975  -10.384 -6.068  1.00 84.04 ? 1   10M A C18 1 
HETATM 1068 O O6  . 10M C 3 .   ? 15.279  -9.753  -6.099  1.00 84.84 ? 1   10M A O6  1 
HETATM 1069 C C16 . 10M C 3 .   ? 12.964  -9.338  -5.552  1.00 83.26 ? 1   10M A C16 1 
HETATM 1070 C C17 . 10M C 3 .   ? 12.388  -8.541  -6.729  1.00 84.96 ? 1   10M A C17 1 
HETATM 1071 O O5  . 10M C 3 .   ? 13.339  -7.535  -7.130  1.00 88.66 ? 1   10M A O5  1 
HETATM 1072 O O4  . 10M C 3 .   ? 11.849  -9.880  -4.807  1.00 80.09 ? 1   10M A O4  1 
HETATM 1073 C C12 . 10M C 3 .   ? 13.155  -8.239  -1.856  1.00 57.01 ? 1   10M A C12 1 
HETATM 1074 C C13 . 10M C 3 .   ? 12.475  -7.497  -2.991  1.00 55.35 ? 1   10M A C13 1 
HETATM 1075 O O2  . 10M C 3 .   ? 13.128  -6.253  -3.189  1.00 55.34 ? 1   10M A O2  1 
HETATM 1076 O O1  . 10M C 3 .   ? 12.899  -7.505  -0.651  1.00 53.03 ? 1   10M A O1  1 
HETATM 1077 C C11 . 10M C 3 .   ? 13.532  -8.056  0.502   1.00 52.12 ? 1   10M A C11 1 
HETATM 1078 S S   . 10M C 3 .   ? 13.228  -7.063  1.927   1.00 46.77 ? 1   10M A S   1 
HETATM 1079 C C10 . 10M C 3 .   ? 14.294  -5.643  1.882   1.00 52.46 ? 1   10M A C10 1 
HETATM 1080 C C9  . 10M C 3 .   ? 15.766  -6.047  1.770   1.00 55.66 ? 1   10M A C9  1 
HETATM 1081 C C8  . 10M C 3 .   ? 16.533  -5.927  3.081   1.00 59.37 ? 1   10M A C8  1 
HETATM 1082 C C7  . 10M C 3 .   ? 17.637  -4.865  3.045   1.00 61.99 ? 1   10M A C7  1 
HETATM 1083 C C6  . 10M C 3 .   ? 18.953  -5.320  3.686   1.00 63.38 ? 1   10M A C6  1 
HETATM 1084 C C5  . 10M C 3 .   ? 19.552  -4.313  4.691   1.00 64.63 ? 1   10M A C5  1 
HETATM 1085 C C4  . 10M C 3 .   ? 19.395  -2.834  4.309   1.00 65.35 ? 1   10M A C4  1 
HETATM 1086 C C3  . 10M C 3 .   ? 19.801  -1.887  5.449   1.00 65.16 ? 1   10M A C3  1 
HETATM 1087 C C2  . 10M C 3 .   ? 19.629  -0.421  5.023   1.00 66.74 ? 1   10M A C2  1 
HETATM 1088 C C1  . 10M C 3 .   ? 19.405  0.556   6.167   1.00 65.53 ? 1   10M A C1  1 
HETATM 1089 O O   . HOH D 4 .   ? 10.409  -0.540  -9.463  1.00 29.28 ? 146 HOH A O   1 
HETATM 1090 O O   . HOH D 4 .   ? -16.405 -1.298  -1.292  1.00 42.82 ? 147 HOH A O   1 
HETATM 1091 O O   . HOH D 4 .   ? 9.880   0.812   -2.551  1.00 25.94 ? 148 HOH A O   1 
HETATM 1092 O O   . HOH D 4 .   ? -0.277  -12.068 7.589   1.00 38.67 ? 149 HOH A O   1 
HETATM 1093 O O   . HOH D 4 .   ? -5.465  -8.224  -3.767  1.00 34.50 ? 150 HOH A O   1 
HETATM 1094 O O   . HOH D 4 .   ? -13.030 -9.826  5.065   1.00 29.96 ? 151 HOH A O   1 
HETATM 1095 O O   . HOH D 4 .   ? -7.712  -11.598 12.047  1.00 64.65 ? 152 HOH A O   1 
HETATM 1096 O O   . HOH D 4 .   ? 8.518   6.258   -0.187  1.00 28.77 ? 153 HOH A O   1 
HETATM 1097 O O   . HOH D 4 .   ? 2.698   4.491   -5.717  1.00 26.25 ? 154 HOH A O   1 
HETATM 1098 O O   . HOH D 4 .   ? -4.104  -2.951  12.363  1.00 59.85 ? 155 HOH A O   1 
HETATM 1099 O O   . HOH D 4 .   ? 7.615   0.195   9.161   1.00 32.02 ? 156 HOH A O   1 
HETATM 1100 O O   . HOH D 4 .   ? -0.328  -5.827  -5.476  1.00 37.20 ? 157 HOH A O   1 
HETATM 1101 O O   . HOH D 4 .   ? -0.886  -0.799  -15.407 1.00 36.60 ? 158 HOH A O   1 
HETATM 1102 O O   . HOH D 4 .   ? -3.854  -1.426  -12.450 1.00 38.92 ? 159 HOH A O   1 
HETATM 1103 O O   . HOH D 4 .   ? -6.946  5.255   -14.425 1.00 35.39 ? 160 HOH A O   1 
HETATM 1104 O O   . HOH D 4 .   ? 10.716  6.581   -6.767  1.00 34.64 ? 161 HOH A O   1 
HETATM 1105 O O   . HOH D 4 .   ? -2.752  -4.363  -12.416 1.00 48.29 ? 162 HOH A O   1 
HETATM 1106 O O   . HOH D 4 .   ? -11.077 -8.739  10.065  1.00 48.18 ? 163 HOH A O   1 
HETATM 1107 O O   . HOH D 4 .   ? 12.049  -5.053  -5.622  1.00 33.62 ? 164 HOH A O   1 
HETATM 1108 O O   . HOH D 4 .   ? -6.038  2.068   -12.070 1.00 28.59 ? 165 HOH A O   1 
HETATM 1109 O O   . HOH D 4 .   ? -6.606  -2.939  8.820   1.00 39.95 ? 166 HOH A O   1 
HETATM 1110 O O   . HOH D 4 .   ? 3.826   8.204   -8.315  1.00 30.94 ? 167 HOH A O   1 
HETATM 1111 O O   . HOH D 4 .   ? 1.978   9.771   -9.559  1.00 35.06 ? 168 HOH A O   1 
HETATM 1112 O O   . HOH D 4 .   ? -2.325  -8.948  5.245   1.00 36.03 ? 169 HOH A O   1 
HETATM 1113 O O   . HOH D 4 .   ? 2.495   1.922   6.142   1.00 31.50 ? 170 HOH A O   1 
HETATM 1114 O O   . HOH D 4 .   ? 2.710   -6.413  17.916  1.00 60.64 ? 171 HOH A O   1 
HETATM 1115 O O   . HOH D 4 .   ? 6.366   9.425   -9.390  1.00 43.89 ? 172 HOH A O   1 
HETATM 1116 O O   . HOH D 4 .   ? 7.904   6.851   5.926   1.00 43.47 ? 173 HOH A O   1 
HETATM 1117 O O   . HOH D 4 .   ? -0.962  7.976   -14.778 1.00 44.36 ? 174 HOH A O   1 
HETATM 1118 O O   . HOH D 4 .   ? -8.482  -18.203 10.245  1.00 70.63 ? 175 HOH A O   1 
HETATM 1119 O O   . HOH D 4 .   ? 1.814   -5.009  -8.654  1.00 56.44 ? 176 HOH A O   1 
HETATM 1120 O O   . HOH D 4 .   ? -6.137  -16.921 4.022   1.00 59.55 ? 177 HOH A O   1 
HETATM 1121 O O   . HOH D 4 .   ? -10.427 1.419   4.149   1.00 51.42 ? 178 HOH A O   1 
HETATM 1122 O O   . HOH D 4 .   ? -4.359  -9.851  0.350   1.00 48.59 ? 179 HOH A O   1 
HETATM 1123 O O   . HOH D 4 .   ? 9.997   8.870   -8.276  1.00 63.95 ? 180 HOH A O   1 
HETATM 1124 O O   . HOH D 4 .   ? 6.249   -6.824  -7.075  1.00 42.13 ? 181 HOH A O   1 
HETATM 1125 O O   . HOH D 4 .   ? -1.331  -12.570 2.927   1.00 46.95 ? 182 HOH A O   1 
HETATM 1126 O O   . HOH D 4 .   ? -0.790  1.214   9.870   1.00 44.31 ? 183 HOH A O   1 
HETATM 1127 O O   . HOH D 4 .   ? 8.894   7.693   -2.574  1.00 43.15 ? 184 HOH A O   1 
HETATM 1128 O O   . HOH D 4 .   ? -4.509  -14.220 1.928   1.00 46.36 ? 185 HOH A O   1 
HETATM 1129 O O   . HOH D 4 .   ? 2.878   4.350   6.862   1.00 34.94 ? 186 HOH A O   1 
HETATM 1130 O O   . HOH D 4 .   ? -6.465  -19.618 5.497   1.00 69.74 ? 187 HOH A O   1 
HETATM 1131 O O   . HOH D 4 .   ? 3.354   6.769   5.932   1.00 65.60 ? 188 HOH A O   1 
HETATM 1132 O O   . HOH D 4 .   ? -11.333 -6.873  8.082   1.00 52.55 ? 189 HOH A O   1 
HETATM 1133 O O   . HOH D 4 .   ? 9.598   -10.481 6.788   1.00 67.78 ? 190 HOH A O   1 
HETATM 1134 O O   . HOH D 4 .   ? 12.657  8.812   -2.881  1.00 74.51 ? 191 HOH A O   1 
HETATM 1135 O O   . HOH D 4 .   ? -10.449 -13.358 11.938  1.00 56.71 ? 192 HOH A O   1 
HETATM 1136 O O   . HOH D 4 .   ? -1.358  -9.961  2.786   1.00 52.49 ? 193 HOH A O   1 
HETATM 1137 O O   . HOH D 4 .   ? -8.488  0.942   -15.507 1.00 57.11 ? 194 HOH A O   1 
HETATM 1138 O O   . HOH D 4 .   ? -7.246  -16.249 11.482  1.00 70.04 ? 195 HOH A O   1 
HETATM 1139 O O   . HOH D 4 .   ? 2.267   7.135   -16.298 1.00 57.08 ? 196 HOH A O   1 
HETATM 1140 O O   . HOH D 4 .   ? 6.834   -9.651  -7.107  1.00 73.63 ? 197 HOH A O   1 
HETATM 1141 O O   . HOH D 4 .   ? 5.730   -11.264 6.015   1.00 53.19 ? 198 HOH A O   1 
HETATM 1142 O O   . HOH D 4 .   ? 5.616   4.020   -18.347 1.00 61.70 ? 199 HOH A O   1 
HETATM 1143 O O   . HOH D 4 .   ? 0.866   -14.332 9.581   1.00 55.22 ? 200 HOH A O   1 
HETATM 1144 O O   . HOH D 4 .   ? 2.603   -4.520  15.696  1.00 65.39 ? 201 HOH A O   1 
HETATM 1145 O O   . HOH D 4 .   ? 7.835   -10.328 3.662   1.00 64.91 ? 202 HOH A O   1 
HETATM 1146 O O   . HOH D 4 .   ? -19.750 0.396   -12.006 1.00 73.37 ? 203 HOH A O   1 
HETATM 1147 O O   . HOH D 4 .   ? 0.504   -0.581  11.497  1.00 42.99 ? 204 HOH A O   1 
HETATM 1148 O O   . HOH D 4 .   ? 3.458   -1.622  15.531  1.00 47.73 ? 205 HOH A O   1 
HETATM 1149 O O   . HOH D 4 .   ? -1.442  -20.759 13.576  1.00 78.45 ? 206 HOH A O   1 
HETATM 1150 O O   . HOH D 4 .   ? -5.764  -4.378  -13.024 1.00 62.54 ? 207 HOH A O   1 
HETATM 1151 O O   . HOH D 4 .   ? 7.076   -10.358 -4.522  1.00 62.55 ? 208 HOH A O   1 
HETATM 1152 O O   . HOH D 4 .   ? -10.711 -15.975 13.488  1.00 73.61 ? 209 HOH A O   1 
HETATM 1153 O O   . HOH D 4 .   ? 3.564   -9.667  18.978  1.00 76.07 ? 210 HOH A O   1 
HETATM 1154 O O   . HOH D 4 .   ? -0.729  -3.051  12.420  1.00 41.26 ? 211 HOH A O   1 
HETATM 1155 O O   . HOH D 4 .   ? -4.066  1.495   -16.101 1.00 57.68 ? 212 HOH A O   1 
HETATM 1156 O O   . HOH D 4 .   ? 0.311   4.101   7.466   1.00 48.21 ? 213 HOH A O   1 
HETATM 1157 O O   . HOH D 4 .   ? -13.986 -2.893  -0.611  1.00 37.92 ? 214 HOH A O   1 
HETATM 1158 O O   . HOH D 4 .   ? 9.472   2.143   16.092  1.00 57.14 ? 215 HOH A O   1 
HETATM 1159 O O   . HOH D 4 .   ? 9.560   -3.918  -12.063 1.00 36.48 ? 216 HOH A O   1 
HETATM 1160 O O   . HOH D 4 .   ? -5.143  -7.251  -1.654  1.00 38.26 ? 217 HOH A O   1 
HETATM 1161 O O   . HOH D 4 .   ? -1.951  -10.718 13.488  1.00 49.79 ? 218 HOH A O   1 
HETATM 1162 O O   . HOH D 4 .   ? 3.044   6.944   -5.980  1.00 51.41 ? 219 HOH A O   1 
HETATM 1163 O O   . HOH D 4 .   ? -2.897  -13.243 14.642  1.00 68.16 ? 220 HOH A O   1 
HETATM 1164 O O   . HOH D 4 .   ? -2.677  -11.424 6.657   1.00 33.77 ? 221 HOH A O   1 
HETATM 1165 O O   . HOH D 4 .   ? 9.857   6.825   3.572   1.00 59.34 ? 222 HOH A O   1 
HETATM 1166 O O   . HOH D 4 .   ? 1.745   0.390   13.849  1.00 58.64 ? 223 HOH A O   1 
HETATM 1167 O O   . HOH D 4 .   ? -1.526  -4.274  15.960  1.00 65.31 ? 224 HOH A O   1 
HETATM 1168 O O   . HOH D 4 .   ? 8.680   -15.254 8.912   1.00 63.63 ? 225 HOH A O   1 
HETATM 1169 O O   . HOH D 4 .   ? 0.942   -19.004 10.310  1.00 69.57 ? 226 HOH A O   1 
HETATM 1170 O O   . HOH D 4 .   ? -0.829  -1.890  16.444  1.00 81.63 ? 227 HOH A O   1 
HETATM 1171 O O   . HOH D 4 .   ? -2.705  0.032   16.553  1.00 83.96 ? 228 HOH A O   1 
HETATM 1172 O O   . HOH D 4 .   ? -14.179 -10.945 0.844   1.00 37.74 ? 229 HOH A O   1 
HETATM 1173 O O   . HOH D 4 .   ? 2.899   -8.996  -2.130  1.00 38.76 ? 230 HOH A O   1 
HETATM 1174 O O   . HOH D 4 .   ? 5.377   6.238   2.462   1.00 35.21 ? 231 HOH A O   1 
HETATM 1175 O O   . HOH D 4 .   ? -14.358 -4.622  1.665   1.00 32.57 ? 232 HOH A O   1 
HETATM 1176 O O   . HOH D 4 .   ? 16.748  -10.808 2.009   1.00 62.12 ? 233 HOH A O   1 
HETATM 1177 O O   . HOH D 4 .   ? 3.745   8.255   1.518   1.00 48.76 ? 234 HOH A O   1 
HETATM 1178 O O   . HOH D 4 .   ? -6.381  3.212   -15.860 1.00 62.47 ? 235 HOH A O   1 
HETATM 1179 O O   . HOH D 4 .   ? -5.888  0.541   -13.985 1.00 43.72 ? 236 HOH A O   1 
HETATM 1180 O O   . HOH D 4 .   ? 1.451   -9.358  17.574  1.00 67.21 ? 237 HOH A O   1 
HETATM 1181 O O   . HOH D 4 .   ? 0.844   -9.445  -3.467  1.00 58.75 ? 238 HOH A O   1 
HETATM 1182 O O   . HOH D 4 .   ? -2.575  -8.652  -3.703  1.00 58.14 ? 239 HOH A O   1 
HETATM 1183 O O   . HOH D 4 .   ? 15.068  4.908   -5.999  1.00 34.12 ? 240 HOH A O   1 
HETATM 1184 O O   . HOH D 4 .   ? 13.602  2.738   -5.196  1.00 30.16 ? 241 HOH A O   1 
HETATM 1185 O O   . HOH D 4 .   ? 16.876  5.845   -4.309  1.00 31.45 ? 242 HOH A O   1 
HETATM 1186 O O   . HOH D 4 .   ? 0.157   -5.275  -2.699  1.00 25.58 ? 243 HOH A O   1 
HETATM 1187 O O   . HOH D 4 .   ? 0.115   -7.423  -1.214  1.00 51.62 ? 244 HOH A O   1 
HETATM 1188 O O   . HOH D 4 .   ? 0.169   -7.985  1.199   1.00 38.94 ? 245 HOH A O   1 
HETATM 1189 O O   . HOH D 4 .   ? 4.339   11.646  -11.176 1.00 59.35 ? 246 HOH A O   1 
HETATM 1190 O O   . HOH D 4 .   ? 8.840   3.141   -9.925  1.00 30.68 ? 247 HOH A O   1 
HETATM 1191 O O   . HOH D 4 .   ? 11.007  0.326   -11.974 1.00 28.94 ? 248 HOH A O   1 
HETATM 1192 O O   . HOH D 4 .   ? 10.503  -1.366  18.552  1.00 49.52 ? 249 HOH A O   1 
HETATM 1193 O O   . HOH D 4 .   ? 14.070  -0.440  22.765  1.00 70.07 ? 250 HOH A O   1 
HETATM 1194 O O   . HOH E 4 .   ? -1.578  4.947   3.293   1.00 25.13 ? 40  HOH B O   1 
HETATM 1195 O O   . HOH E 4 .   ? -3.907  14.221  0.097   1.00 50.83 ? 41  HOH B O   1 
HETATM 1196 O O   . HOH E 4 .   ? -1.853  15.218  -16.840 1.00 52.75 ? 42  HOH B O   1 
HETATM 1197 O O   . HOH E 4 .   ? -4.669  13.757  2.536   1.00 76.65 ? 43  HOH B O   1 
HETATM 1198 O O   . HOH E 4 .   ? -14.052 8.077   -14.703 1.00 49.06 ? 44  HOH B O   1 
HETATM 1199 O O   . HOH E 4 .   ? -2.468  9.996   7.916   1.00 66.68 ? 45  HOH B O   1 
HETATM 1200 O O   . HOH E 4 .   ? 0.336   15.233  -0.568  1.00 74.62 ? 46  HOH B O   1 
HETATM 1201 O O   . HOH E 4 .   ? 0.001   9.648   -7.412  1.00 43.06 ? 47  HOH B O   1 
HETATM 1202 O O   . HOH E 4 .   ? -0.589  6.656   5.573   1.00 51.54 ? 48  HOH B O   1 
HETATM 1203 O O   . HOH E 4 .   ? -12.580 10.778  6.908   1.00 89.13 ? 49  HOH B O   1 
HETATM 1204 O O   . HOH E 4 .   ? -4.911  7.318   -14.893 1.00 43.76 ? 50  HOH B O   1 
HETATM 1205 O O   . HOH E 4 .   ? -3.147  8.771   -13.147 1.00 38.17 ? 51  HOH B O   1 
HETATM 1206 O O   . HOH E 4 .   ? 4.625   11.166  -6.068  1.00 58.50 ? 52  HOH B O   1 
HETATM 1207 O O   . HOH E 4 .   ? -6.780  11.039  9.926   1.00 79.90 ? 53  HOH B O   1 
HETATM 1208 O O   . HOH E 4 .   ? -6.695  14.251  8.849   1.00 73.89 ? 54  HOH B O   1 
HETATM 1209 O O   . HOH E 4 .   ? -3.231  5.853   -16.733 1.00 46.59 ? 55  HOH B O   1 
HETATM 1210 O O   . HOH E 4 .   ? -9.492  12.785  4.234   1.00 61.67 ? 56  HOH B O   1 
HETATM 1211 O O   . HOH E 4 .   ? -0.158  11.328  6.167   1.00 68.40 ? 57  HOH B O   1 
HETATM 1212 O O   . HOH E 4 .   ? -0.908  5.514   -15.656 1.00 41.27 ? 58  HOH B O   1 
HETATM 1213 O O   . HOH E 4 .   ? 1.128   4.534   -17.186 1.00 64.19 ? 60  HOH B O   1 
HETATM 1214 O O   . HOH E 4 .   ? -1.888  15.506  -10.092 1.00 51.98 ? 61  HOH B O   1 
# 
